data_2DAM
#
_entry.id   2DAM
#
_entity_poly.entity_id   1
_entity_poly.type   'polypeptide(L)'
_entity_poly.pdbx_seq_one_letter_code
;GSSGSSGAPEERDLTQEQTEKLLQFQDLTGIESMDQCRHTLEQHNWNIEAAVQDRLNEQEGSGPSSG
;
_entity_poly.pdbx_strand_id   A
#
# COMPACT_ATOMS: atom_id res chain seq x y z
N GLY A 1 3.87 -19.67 -13.58
CA GLY A 1 4.24 -20.43 -14.77
C GLY A 1 4.36 -21.92 -14.45
N SER A 2 5.59 -22.35 -14.24
CA SER A 2 5.86 -23.74 -13.93
C SER A 2 6.66 -23.84 -12.62
N SER A 3 5.92 -23.86 -11.52
CA SER A 3 6.54 -23.96 -10.21
C SER A 3 7.73 -23.01 -10.13
N GLY A 4 7.44 -21.76 -9.79
CA GLY A 4 8.48 -20.75 -9.68
C GLY A 4 8.15 -19.75 -8.58
N SER A 5 8.18 -20.24 -7.35
CA SER A 5 7.87 -19.39 -6.20
C SER A 5 9.09 -19.34 -5.27
N SER A 6 9.76 -18.19 -5.29
CA SER A 6 10.94 -18.00 -4.46
C SER A 6 10.55 -17.22 -3.20
N GLY A 7 10.80 -17.84 -2.05
CA GLY A 7 10.49 -17.21 -0.78
C GLY A 7 10.67 -18.20 0.37
N ALA A 8 9.97 -17.92 1.46
CA ALA A 8 10.03 -18.78 2.64
C ALA A 8 8.68 -19.46 2.85
N PRO A 9 8.70 -20.53 3.68
CA PRO A 9 7.48 -21.27 3.97
C PRO A 9 6.60 -20.50 4.95
N GLU A 10 6.19 -19.31 4.51
CA GLU A 10 5.34 -18.47 5.34
C GLU A 10 4.05 -18.13 4.59
N GLU A 11 3.11 -17.58 5.33
CA GLU A 11 1.83 -17.20 4.75
C GLU A 11 1.26 -15.96 5.46
N ARG A 12 1.01 -14.93 4.66
CA ARG A 12 0.47 -13.70 5.19
C ARG A 12 -0.88 -13.37 4.53
N ASP A 13 -1.93 -13.55 5.31
CA ASP A 13 -3.28 -13.28 4.83
C ASP A 13 -3.80 -11.99 5.46
N LEU A 14 -4.37 -11.15 4.61
CA LEU A 14 -4.91 -9.88 5.06
C LEU A 14 -6.38 -10.06 5.46
N THR A 15 -6.94 -9.00 6.01
CA THR A 15 -8.34 -9.03 6.43
C THR A 15 -9.23 -8.35 5.38
N GLN A 16 -10.50 -8.71 5.41
CA GLN A 16 -11.45 -8.14 4.47
C GLN A 16 -11.24 -6.63 4.34
N GLU A 17 -11.40 -5.95 5.46
CA GLU A 17 -11.24 -4.50 5.48
C GLU A 17 -9.98 -4.11 4.69
N GLN A 18 -8.84 -4.54 5.19
CA GLN A 18 -7.58 -4.24 4.55
C GLN A 18 -7.67 -4.53 3.05
N THR A 19 -7.95 -5.78 2.73
CA THR A 19 -8.06 -6.19 1.34
C THR A 19 -8.78 -5.13 0.52
N GLU A 20 -10.00 -4.82 0.94
CA GLU A 20 -10.80 -3.82 0.26
C GLU A 20 -9.97 -2.56 0.00
N LYS A 21 -9.42 -2.03 1.09
CA LYS A 21 -8.61 -0.83 1.00
C LYS A 21 -7.64 -0.96 -0.18
N LEU A 22 -6.97 -2.10 -0.23
CA LEU A 22 -6.02 -2.36 -1.30
C LEU A 22 -6.69 -2.10 -2.65
N LEU A 23 -7.76 -2.83 -2.89
CA LEU A 23 -8.50 -2.68 -4.14
C LEU A 23 -8.59 -1.19 -4.50
N GLN A 24 -9.06 -0.41 -3.54
CA GLN A 24 -9.20 1.02 -3.74
C GLN A 24 -7.88 1.62 -4.23
N PHE A 25 -6.90 1.61 -3.32
CA PHE A 25 -5.59 2.14 -3.64
C PHE A 25 -5.12 1.68 -5.02
N GLN A 26 -5.06 0.36 -5.17
CA GLN A 26 -4.63 -0.23 -6.43
C GLN A 26 -5.27 0.51 -7.60
N ASP A 27 -6.59 0.53 -7.62
CA ASP A 27 -7.32 1.20 -8.68
C ASP A 27 -6.87 2.66 -8.76
N LEU A 28 -6.97 3.34 -7.63
CA LEU A 28 -6.56 4.74 -7.57
C LEU A 28 -5.16 4.90 -8.17
N THR A 29 -4.19 4.36 -7.46
CA THR A 29 -2.81 4.43 -7.90
C THR A 29 -2.68 3.89 -9.33
N GLY A 30 -2.83 2.58 -9.45
CA GLY A 30 -2.73 1.93 -10.75
C GLY A 30 -1.53 0.98 -10.80
N ILE A 31 -0.98 0.70 -9.63
CA ILE A 31 0.18 -0.18 -9.53
C ILE A 31 -0.25 -1.61 -9.84
N GLU A 32 0.68 -2.37 -10.41
CA GLU A 32 0.41 -3.74 -10.77
C GLU A 32 0.81 -4.67 -9.62
N SER A 33 2.07 -4.59 -9.24
CA SER A 33 2.59 -5.42 -8.16
C SER A 33 1.83 -5.12 -6.86
N MET A 34 0.89 -6.00 -6.56
CA MET A 34 0.08 -5.85 -5.36
C MET A 34 0.96 -5.47 -4.16
N ASP A 35 2.03 -6.22 -4.00
CA ASP A 35 2.95 -5.97 -2.90
C ASP A 35 3.29 -4.49 -2.83
N GLN A 36 3.73 -3.97 -3.97
CA GLN A 36 4.09 -2.56 -4.06
C GLN A 36 2.99 -1.69 -3.44
N CYS A 37 1.74 -2.04 -3.76
CA CYS A 37 0.60 -1.32 -3.24
C CYS A 37 0.62 -1.40 -1.72
N ARG A 38 0.28 -2.58 -1.22
CA ARG A 38 0.25 -2.82 0.21
C ARG A 38 1.45 -2.16 0.87
N HIS A 39 2.56 -2.15 0.16
CA HIS A 39 3.79 -1.55 0.67
C HIS A 39 3.51 -0.10 1.09
N THR A 40 3.28 0.73 0.10
CA THR A 40 3.00 2.14 0.36
C THR A 40 1.96 2.28 1.48
N LEU A 41 1.05 1.33 1.52
CA LEU A 41 0.01 1.33 2.53
C LEU A 41 0.61 1.01 3.89
N GLU A 42 1.06 -0.24 4.02
CA GLU A 42 1.66 -0.68 5.26
C GLU A 42 2.52 0.43 5.87
N GLN A 43 3.39 0.99 5.03
CA GLN A 43 4.27 2.05 5.48
C GLN A 43 3.47 3.15 6.18
N HIS A 44 2.59 3.78 5.41
CA HIS A 44 1.76 4.85 5.94
C HIS A 44 0.82 4.27 7.00
N ASN A 45 0.75 2.95 7.04
CA ASN A 45 -0.11 2.27 7.99
C ASN A 45 -1.52 2.14 7.40
N TRP A 46 -1.57 1.48 6.24
CA TRP A 46 -2.84 1.27 5.57
C TRP A 46 -3.62 2.59 5.61
N ASN A 47 -3.01 3.62 5.06
CA ASN A 47 -3.64 4.93 5.03
C ASN A 47 -3.70 5.43 3.58
N ILE A 48 -4.64 4.86 2.83
CA ILE A 48 -4.81 5.25 1.44
C ILE A 48 -4.64 6.76 1.30
N GLU A 49 -5.34 7.47 2.17
CA GLU A 49 -5.28 8.93 2.16
C GLU A 49 -3.82 9.41 2.06
N ALA A 50 -2.97 8.76 2.85
CA ALA A 50 -1.56 9.11 2.86
C ALA A 50 -0.85 8.33 1.74
N ALA A 51 -0.97 7.02 1.80
CA ALA A 51 -0.35 6.15 0.80
C ALA A 51 -0.54 6.76 -0.59
N VAL A 52 -1.76 7.24 -0.82
CA VAL A 52 -2.09 7.85 -2.10
C VAL A 52 -1.13 9.02 -2.37
N GLN A 53 -1.02 9.89 -1.37
CA GLN A 53 -0.14 11.05 -1.48
C GLN A 53 1.31 10.60 -1.66
N ASP A 54 1.75 9.75 -0.75
CA ASP A 54 3.11 9.24 -0.78
C ASP A 54 3.35 8.54 -2.11
N ARG A 55 2.26 8.06 -2.70
CA ARG A 55 2.33 7.38 -3.98
C ARG A 55 2.51 8.37 -5.11
N LEU A 56 1.66 9.39 -5.11
CA LEU A 56 1.71 10.42 -6.13
C LEU A 56 2.96 11.29 -5.92
N ASN A 57 3.07 11.81 -4.71
CA ASN A 57 4.21 12.65 -4.36
C ASN A 57 5.48 12.07 -4.98
N GLU A 58 5.70 10.80 -4.71
CA GLU A 58 6.87 10.11 -5.24
C GLU A 58 6.65 9.73 -6.70
N GLN A 59 7.01 10.67 -7.58
CA GLN A 59 6.86 10.45 -9.01
C GLN A 59 5.38 10.26 -9.36
N GLU A 60 4.85 11.24 -10.07
CA GLU A 60 3.46 11.20 -10.48
C GLU A 60 3.35 11.22 -12.01
N GLY A 61 2.27 10.63 -12.51
CA GLY A 61 2.04 10.58 -13.93
C GLY A 61 1.86 12.00 -14.51
N SER A 62 0.81 12.65 -14.07
CA SER A 62 0.51 14.01 -14.53
C SER A 62 -0.34 14.73 -13.49
N GLY A 63 0.20 15.84 -13.02
CA GLY A 63 -0.50 16.66 -12.03
C GLY A 63 0.16 16.51 -10.66
N PRO A 64 1.05 17.49 -10.34
CA PRO A 64 1.75 17.49 -9.06
C PRO A 64 0.82 17.93 -7.93
N SER A 65 -0.04 18.88 -8.24
CA SER A 65 -0.99 19.39 -7.27
C SER A 65 -2.36 19.59 -7.92
N SER A 66 -3.39 19.54 -7.08
CA SER A 66 -4.75 19.71 -7.56
C SER A 66 -5.49 20.72 -6.68
N GLY A 67 -6.65 21.15 -7.17
CA GLY A 67 -7.46 22.10 -6.43
C GLY A 67 -7.49 23.45 -7.14
N GLY A 1 9.01 -14.33 -14.72
CA GLY A 1 8.19 -14.81 -13.62
C GLY A 1 8.72 -14.30 -12.27
N SER A 2 7.91 -14.51 -11.24
CA SER A 2 8.28 -14.07 -9.91
C SER A 2 7.59 -14.94 -8.85
N SER A 3 8.41 -15.56 -8.02
CA SER A 3 7.89 -16.42 -6.97
C SER A 3 9.03 -16.85 -6.05
N GLY A 4 8.65 -17.26 -4.84
CA GLY A 4 9.62 -17.70 -3.86
C GLY A 4 8.97 -18.60 -2.81
N SER A 5 9.64 -19.70 -2.51
CA SER A 5 9.14 -20.64 -1.52
C SER A 5 10.30 -21.41 -0.88
N SER A 6 10.52 -21.12 0.39
CA SER A 6 11.59 -21.77 1.12
C SER A 6 11.21 -21.90 2.60
N GLY A 7 11.86 -22.85 3.26
CA GLY A 7 11.60 -23.09 4.67
C GLY A 7 11.36 -21.79 5.42
N ALA A 8 10.12 -21.61 5.87
CA ALA A 8 9.75 -20.41 6.60
C ALA A 8 8.43 -20.65 7.33
N PRO A 9 8.56 -21.08 8.62
CA PRO A 9 7.39 -21.36 9.43
C PRO A 9 6.75 -20.06 9.91
N GLU A 10 6.27 -19.29 8.94
CA GLU A 10 5.62 -18.03 9.24
C GLU A 10 5.00 -17.43 7.97
N GLU A 11 3.82 -16.84 8.15
CA GLU A 11 3.12 -16.23 7.03
C GLU A 11 2.16 -15.16 7.53
N ARG A 12 2.10 -14.07 6.79
CA ARG A 12 1.22 -12.96 7.15
C ARG A 12 -0.15 -13.13 6.50
N ASP A 13 -1.17 -12.68 7.21
CA ASP A 13 -2.54 -12.78 6.74
C ASP A 13 -3.23 -11.42 6.86
N LEU A 14 -4.11 -11.16 5.91
CA LEU A 14 -4.84 -9.89 5.91
C LEU A 14 -6.32 -10.16 6.19
N THR A 15 -7.06 -9.08 6.39
CA THR A 15 -8.48 -9.19 6.67
C THR A 15 -9.30 -8.57 5.54
N GLN A 16 -10.51 -9.07 5.38
CA GLN A 16 -11.40 -8.58 4.34
C GLN A 16 -11.27 -7.06 4.21
N GLU A 17 -11.50 -6.38 5.33
CA GLU A 17 -11.41 -4.93 5.36
C GLU A 17 -10.17 -4.46 4.63
N GLN A 18 -9.02 -4.90 5.13
CA GLN A 18 -7.74 -4.54 4.53
C GLN A 18 -7.79 -4.76 3.01
N THR A 19 -8.03 -6.01 2.64
CA THR A 19 -8.10 -6.35 1.23
C THR A 19 -8.80 -5.25 0.43
N GLU A 20 -10.04 -4.99 0.82
CA GLU A 20 -10.83 -3.97 0.14
C GLU A 20 -9.99 -2.70 -0.05
N LYS A 21 -9.54 -2.15 1.07
CA LYS A 21 -8.73 -0.94 1.02
C LYS A 21 -7.74 -1.03 -0.14
N LEU A 22 -7.04 -2.16 -0.20
CA LEU A 22 -6.08 -2.39 -1.24
C LEU A 22 -6.70 -2.10 -2.60
N LEU A 23 -7.76 -2.85 -2.90
CA LEU A 23 -8.47 -2.67 -4.15
C LEU A 23 -8.58 -1.18 -4.48
N GLN A 24 -9.07 -0.43 -3.50
CA GLN A 24 -9.23 1.01 -3.68
C GLN A 24 -7.92 1.63 -4.16
N PHE A 25 -6.93 1.61 -3.28
CA PHE A 25 -5.63 2.17 -3.60
C PHE A 25 -5.13 1.65 -4.95
N GLN A 26 -5.28 0.34 -5.13
CA GLN A 26 -4.86 -0.29 -6.37
C GLN A 26 -5.49 0.40 -7.57
N ASP A 27 -6.78 0.71 -7.43
CA ASP A 27 -7.51 1.37 -8.50
C ASP A 27 -7.03 2.82 -8.62
N LEU A 28 -7.02 3.50 -7.49
CA LEU A 28 -6.59 4.89 -7.46
C LEU A 28 -5.22 5.01 -8.15
N THR A 29 -4.23 4.44 -7.49
CA THR A 29 -2.88 4.47 -8.03
C THR A 29 -2.84 3.85 -9.43
N GLY A 30 -3.01 2.54 -9.46
CA GLY A 30 -3.00 1.81 -10.71
C GLY A 30 -1.79 0.86 -10.79
N ILE A 31 -1.26 0.54 -9.62
CA ILE A 31 -0.11 -0.35 -9.54
C ILE A 31 -0.56 -1.78 -9.83
N GLU A 32 0.40 -2.58 -10.27
CA GLU A 32 0.12 -3.98 -10.58
C GLU A 32 0.59 -4.88 -9.44
N SER A 33 1.85 -4.70 -9.07
CA SER A 33 2.44 -5.48 -8.00
C SER A 33 1.75 -5.17 -6.67
N MET A 34 0.82 -6.04 -6.30
CA MET A 34 0.08 -5.86 -5.07
C MET A 34 1.01 -5.47 -3.92
N ASP A 35 2.17 -6.11 -3.90
CA ASP A 35 3.16 -5.85 -2.87
C ASP A 35 3.46 -4.34 -2.84
N GLN A 36 3.76 -3.81 -4.02
CA GLN A 36 4.07 -2.39 -4.14
C GLN A 36 2.98 -1.55 -3.47
N CYS A 37 1.74 -1.98 -3.67
CA CYS A 37 0.60 -1.28 -3.10
C CYS A 37 0.67 -1.41 -1.57
N ARG A 38 0.36 -2.61 -1.10
CA ARG A 38 0.38 -2.88 0.33
C ARG A 38 1.57 -2.16 0.98
N HIS A 39 2.66 -2.10 0.23
CA HIS A 39 3.87 -1.45 0.72
C HIS A 39 3.57 0.01 1.08
N THR A 40 3.21 0.77 0.05
CA THR A 40 2.90 2.17 0.25
C THR A 40 1.88 2.35 1.37
N LEU A 41 0.94 1.40 1.44
CA LEU A 41 -0.09 1.43 2.46
C LEU A 41 0.53 1.12 3.82
N GLU A 42 0.96 -0.12 3.97
CA GLU A 42 1.58 -0.56 5.21
C GLU A 42 2.48 0.56 5.78
N GLN A 43 3.29 1.12 4.89
CA GLN A 43 4.20 2.19 5.28
C GLN A 43 3.45 3.27 6.06
N HIS A 44 2.52 3.91 5.36
CA HIS A 44 1.72 4.97 5.98
C HIS A 44 0.79 4.36 7.02
N ASN A 45 0.74 3.04 7.03
CA ASN A 45 -0.11 2.33 7.97
C ASN A 45 -1.52 2.21 7.39
N TRP A 46 -1.59 1.57 6.22
CA TRP A 46 -2.87 1.38 5.56
C TRP A 46 -3.63 2.71 5.61
N ASN A 47 -3.02 3.73 5.03
CA ASN A 47 -3.64 5.05 5.00
C ASN A 47 -3.69 5.55 3.55
N ILE A 48 -4.65 5.03 2.82
CA ILE A 48 -4.83 5.42 1.43
C ILE A 48 -4.60 6.93 1.29
N GLU A 49 -5.26 7.68 2.17
CA GLU A 49 -5.12 9.13 2.15
C GLU A 49 -3.65 9.54 2.06
N ALA A 50 -2.84 8.86 2.84
CA ALA A 50 -1.41 9.13 2.85
C ALA A 50 -0.73 8.34 1.72
N ALA A 51 -0.91 7.03 1.77
CA ALA A 51 -0.33 6.16 0.76
C ALA A 51 -0.50 6.78 -0.61
N VAL A 52 -1.70 7.29 -0.85
CA VAL A 52 -2.01 7.91 -2.13
C VAL A 52 -1.00 9.03 -2.39
N GLN A 53 -0.80 9.86 -1.38
CA GLN A 53 0.14 10.96 -1.49
C GLN A 53 1.55 10.44 -1.70
N ASP A 54 2.00 9.63 -0.76
CA ASP A 54 3.34 9.06 -0.84
C ASP A 54 3.51 8.34 -2.18
N ARG A 55 2.37 8.00 -2.77
CA ARG A 55 2.38 7.31 -4.06
C ARG A 55 2.56 8.32 -5.20
N LEU A 56 1.73 9.36 -5.15
CA LEU A 56 1.79 10.40 -6.17
C LEU A 56 3.05 11.24 -5.98
N ASN A 57 3.19 11.76 -4.77
CA ASN A 57 4.35 12.58 -4.44
C ASN A 57 5.61 11.91 -4.97
N GLU A 58 5.86 10.70 -4.48
CA GLU A 58 7.02 9.94 -4.90
C GLU A 58 8.23 10.30 -4.01
N GLN A 59 8.34 11.58 -3.73
CA GLN A 59 9.44 12.07 -2.90
C GLN A 59 9.16 11.76 -1.43
N GLU A 60 9.92 10.81 -0.90
CA GLU A 60 9.77 10.42 0.49
C GLU A 60 10.60 11.34 1.41
N GLY A 61 9.90 12.01 2.30
CA GLY A 61 10.55 12.92 3.23
C GLY A 61 10.60 14.34 2.66
N SER A 62 11.36 15.19 3.34
CA SER A 62 11.50 16.57 2.92
C SER A 62 12.86 16.79 2.25
N GLY A 63 13.91 16.55 3.03
CA GLY A 63 15.26 16.71 2.54
C GLY A 63 16.11 15.46 2.85
N PRO A 64 16.68 15.45 4.08
CA PRO A 64 17.51 14.33 4.50
C PRO A 64 16.65 13.12 4.86
N SER A 65 16.37 12.32 3.83
CA SER A 65 15.58 11.12 4.01
C SER A 65 16.44 9.87 3.81
N SER A 66 16.16 8.86 4.61
CA SER A 66 16.90 7.61 4.54
C SER A 66 15.93 6.43 4.47
N GLY A 67 16.44 5.31 3.98
CA GLY A 67 15.64 4.10 3.86
C GLY A 67 16.08 3.26 2.66
N GLY A 1 -19.99 0.58 12.82
CA GLY A 1 -20.52 -0.34 13.82
C GLY A 1 -19.73 -1.64 13.82
N SER A 2 -20.13 -2.55 12.93
CA SER A 2 -19.47 -3.83 12.81
C SER A 2 -19.66 -4.63 14.11
N SER A 3 -19.55 -5.95 13.97
CA SER A 3 -19.72 -6.83 15.11
C SER A 3 -18.72 -7.99 15.02
N GLY A 4 -18.55 -8.67 16.14
CA GLY A 4 -17.63 -9.80 16.21
C GLY A 4 -16.20 -9.33 16.49
N SER A 5 -15.91 -9.17 17.77
CA SER A 5 -14.59 -8.74 18.19
C SER A 5 -13.52 -9.71 17.67
N SER A 6 -12.30 -9.22 17.63
CA SER A 6 -11.18 -10.03 17.16
C SER A 6 -10.86 -11.12 18.18
N GLY A 7 -10.38 -12.25 17.67
CA GLY A 7 -10.03 -13.37 18.52
C GLY A 7 -9.03 -14.30 17.82
N ALA A 8 -7.86 -13.75 17.55
CA ALA A 8 -6.81 -14.52 16.90
C ALA A 8 -5.53 -13.68 16.84
N PRO A 9 -4.68 -13.88 17.88
CA PRO A 9 -3.42 -13.14 17.97
C PRO A 9 -2.40 -13.71 16.98
N GLU A 10 -2.77 -13.65 15.70
CA GLU A 10 -1.89 -14.15 14.66
C GLU A 10 -1.87 -13.17 13.47
N GLU A 11 -0.65 -12.85 13.04
CA GLU A 11 -0.48 -11.93 11.93
C GLU A 11 -0.32 -12.71 10.62
N ARG A 12 -1.36 -13.47 10.30
CA ARG A 12 -1.36 -14.26 9.07
C ARG A 12 -2.53 -13.87 8.18
N ASP A 13 -2.23 -13.69 6.91
CA ASP A 13 -3.24 -13.31 5.94
C ASP A 13 -3.85 -11.97 6.34
N LEU A 14 -4.53 -11.35 5.38
CA LEU A 14 -5.17 -10.06 5.63
C LEU A 14 -6.66 -10.28 5.85
N THR A 15 -7.33 -9.20 6.23
CA THR A 15 -8.76 -9.25 6.47
C THR A 15 -9.52 -8.56 5.35
N GLN A 16 -10.81 -8.89 5.25
CA GLN A 16 -11.65 -8.29 4.22
C GLN A 16 -11.46 -6.78 4.18
N GLU A 17 -11.76 -6.14 5.31
CA GLU A 17 -11.63 -4.70 5.41
C GLU A 17 -10.34 -4.24 4.75
N GLN A 18 -9.22 -4.72 5.30
CA GLN A 18 -7.92 -4.36 4.78
C GLN A 18 -7.89 -4.54 3.26
N THR A 19 -8.15 -5.77 2.83
CA THR A 19 -8.15 -6.07 1.41
C THR A 19 -8.86 -4.98 0.63
N GLU A 20 -10.12 -4.76 0.97
CA GLU A 20 -10.92 -3.75 0.30
C GLU A 20 -10.09 -2.48 0.09
N LYS A 21 -9.61 -1.93 1.19
CA LYS A 21 -8.81 -0.72 1.14
C LYS A 21 -7.79 -0.84 0.00
N LEU A 22 -7.13 -1.99 -0.05
CA LEU A 22 -6.14 -2.24 -1.08
C LEU A 22 -6.76 -1.97 -2.46
N LEU A 23 -7.82 -2.72 -2.74
CA LEU A 23 -8.52 -2.58 -4.01
C LEU A 23 -8.61 -1.10 -4.38
N GLN A 24 -9.10 -0.31 -3.44
CA GLN A 24 -9.25 1.12 -3.65
C GLN A 24 -7.93 1.70 -4.16
N PHE A 25 -6.94 1.70 -3.28
CA PHE A 25 -5.63 2.23 -3.63
C PHE A 25 -5.17 1.73 -4.99
N GLN A 26 -5.06 0.41 -5.10
CA GLN A 26 -4.64 -0.21 -6.33
C GLN A 26 -5.30 0.48 -7.53
N ASP A 27 -6.63 0.48 -7.51
CA ASP A 27 -7.39 1.10 -8.58
C ASP A 27 -6.95 2.56 -8.73
N LEU A 28 -7.00 3.28 -7.62
CA LEU A 28 -6.62 4.67 -7.61
C LEU A 28 -5.22 4.82 -8.23
N THR A 29 -4.24 4.30 -7.52
CA THR A 29 -2.86 4.37 -7.98
C THR A 29 -2.75 3.77 -9.39
N GLY A 30 -2.88 2.46 -9.46
CA GLY A 30 -2.80 1.77 -10.73
C GLY A 30 -1.56 0.88 -10.80
N ILE A 31 -0.93 0.73 -9.65
CA ILE A 31 0.27 -0.09 -9.56
C ILE A 31 -0.07 -1.53 -9.93
N GLU A 32 0.94 -2.24 -10.41
CA GLU A 32 0.76 -3.63 -10.81
C GLU A 32 1.26 -4.57 -9.71
N SER A 33 2.52 -4.39 -9.35
CA SER A 33 3.13 -5.21 -8.31
C SER A 33 2.41 -4.98 -6.98
N MET A 34 1.40 -5.80 -6.74
CA MET A 34 0.62 -5.70 -5.51
C MET A 34 1.52 -5.37 -4.33
N ASP A 35 2.64 -6.08 -4.26
CA ASP A 35 3.59 -5.87 -3.18
C ASP A 35 3.78 -4.37 -2.96
N GLN A 36 3.98 -3.66 -4.06
CA GLN A 36 4.18 -2.23 -4.00
C GLN A 36 2.99 -1.55 -3.30
N CYS A 37 1.80 -1.94 -3.72
CA CYS A 37 0.59 -1.39 -3.15
C CYS A 37 0.66 -1.53 -1.63
N ARG A 38 0.49 -2.75 -1.17
CA ARG A 38 0.54 -3.03 0.26
C ARG A 38 1.67 -2.24 0.92
N HIS A 39 2.78 -2.15 0.19
CA HIS A 39 3.94 -1.42 0.69
C HIS A 39 3.53 0.00 1.07
N THR A 40 3.27 0.80 0.04
CA THR A 40 2.88 2.18 0.25
C THR A 40 1.86 2.28 1.40
N LEU A 41 0.89 1.38 1.36
CA LEU A 41 -0.14 1.36 2.39
C LEU A 41 0.50 1.05 3.74
N GLU A 42 0.92 -0.20 3.90
CA GLU A 42 1.55 -0.64 5.13
C GLU A 42 2.46 0.47 5.68
N GLN A 43 3.23 1.06 4.78
CA GLN A 43 4.14 2.13 5.16
C GLN A 43 3.40 3.19 5.97
N HIS A 44 2.43 3.82 5.32
CA HIS A 44 1.64 4.85 5.96
C HIS A 44 0.71 4.21 7.01
N ASN A 45 0.66 2.90 6.98
CA ASN A 45 -0.18 2.16 7.92
C ASN A 45 -1.58 2.01 7.33
N TRP A 46 -1.64 1.42 6.15
CA TRP A 46 -2.91 1.21 5.48
C TRP A 46 -3.69 2.52 5.53
N ASN A 47 -3.07 3.56 5.01
CA ASN A 47 -3.69 4.88 4.99
C ASN A 47 -3.74 5.39 3.55
N ILE A 48 -4.71 4.86 2.81
CA ILE A 48 -4.88 5.26 1.41
C ILE A 48 -4.64 6.76 1.28
N GLU A 49 -5.34 7.51 2.12
CA GLU A 49 -5.21 8.96 2.11
C GLU A 49 -3.74 9.36 2.04
N ALA A 50 -2.94 8.70 2.86
CA ALA A 50 -1.52 8.98 2.91
C ALA A 50 -0.82 8.22 1.79
N ALA A 51 -0.97 6.91 1.81
CA ALA A 51 -0.37 6.06 0.80
C ALA A 51 -0.51 6.73 -0.58
N VAL A 52 -1.73 7.15 -0.86
CA VAL A 52 -2.02 7.79 -2.13
C VAL A 52 -1.03 8.94 -2.35
N GLN A 53 -0.85 9.73 -1.30
CA GLN A 53 0.06 10.86 -1.37
C GLN A 53 1.50 10.37 -1.62
N ASP A 54 1.97 9.52 -0.73
CA ASP A 54 3.31 8.97 -0.85
C ASP A 54 3.46 8.30 -2.21
N ARG A 55 2.32 7.93 -2.78
CA ARG A 55 2.32 7.28 -4.08
C ARG A 55 2.46 8.32 -5.19
N LEU A 56 1.60 9.32 -5.14
CA LEU A 56 1.63 10.38 -6.14
C LEU A 56 2.89 11.23 -5.94
N ASN A 57 3.09 11.69 -4.72
CA ASN A 57 4.24 12.50 -4.39
C ASN A 57 5.50 11.84 -4.97
N GLU A 58 5.67 10.57 -4.63
CA GLU A 58 6.82 9.83 -5.11
C GLU A 58 8.08 10.70 -5.08
N GLN A 59 8.53 10.97 -3.86
CA GLN A 59 9.72 11.80 -3.68
C GLN A 59 10.28 11.60 -2.27
N GLU A 60 11.25 10.70 -2.17
CA GLU A 60 11.86 10.40 -0.89
C GLU A 60 12.82 11.53 -0.50
N GLY A 61 12.65 12.01 0.72
CA GLY A 61 13.49 13.09 1.23
C GLY A 61 13.49 13.12 2.76
N SER A 62 13.82 14.28 3.30
CA SER A 62 13.84 14.46 4.73
C SER A 62 14.08 15.93 5.08
N GLY A 63 13.42 16.37 6.14
CA GLY A 63 13.55 17.76 6.58
C GLY A 63 12.33 18.58 6.17
N PRO A 64 12.12 19.69 6.92
CA PRO A 64 10.99 20.57 6.64
C PRO A 64 11.25 21.42 5.39
N SER A 65 10.16 21.82 4.75
CA SER A 65 10.25 22.62 3.55
C SER A 65 10.60 24.07 3.91
N SER A 66 11.86 24.30 4.21
CA SER A 66 12.32 25.62 4.57
C SER A 66 12.31 26.54 3.34
N GLY A 67 13.06 26.13 2.34
CA GLY A 67 13.15 26.90 1.11
C GLY A 67 11.77 27.07 0.47
N GLY A 1 20.29 -30.24 -9.06
CA GLY A 1 19.11 -29.42 -9.32
C GLY A 1 19.45 -27.93 -9.25
N SER A 2 18.41 -27.12 -9.33
CA SER A 2 18.58 -25.68 -9.27
C SER A 2 17.42 -25.04 -8.50
N SER A 3 17.77 -24.22 -7.54
CA SER A 3 16.78 -23.54 -6.72
C SER A 3 15.94 -24.57 -5.95
N GLY A 4 15.72 -24.28 -4.69
CA GLY A 4 14.95 -25.17 -3.83
C GLY A 4 13.45 -24.87 -3.96
N SER A 5 12.73 -25.15 -2.88
CA SER A 5 11.30 -24.93 -2.86
C SER A 5 10.91 -24.15 -1.60
N SER A 6 10.03 -23.18 -1.80
CA SER A 6 9.57 -22.35 -0.69
C SER A 6 10.76 -21.60 -0.07
N GLY A 7 10.83 -20.31 -0.39
CA GLY A 7 11.89 -19.47 0.13
C GLY A 7 11.37 -18.08 0.50
N ALA A 8 10.71 -18.02 1.64
CA ALA A 8 10.15 -16.77 2.12
C ALA A 8 9.69 -16.94 3.58
N PRO A 9 9.68 -15.80 4.31
CA PRO A 9 9.26 -15.82 5.70
C PRO A 9 7.74 -15.94 5.83
N GLU A 10 7.22 -17.00 5.21
CA GLU A 10 5.79 -17.26 5.24
C GLU A 10 5.03 -16.04 4.71
N GLU A 11 3.74 -16.25 4.50
CA GLU A 11 2.89 -15.18 4.01
C GLU A 11 1.87 -14.76 5.08
N ARG A 12 1.76 -13.45 5.26
CA ARG A 12 0.85 -12.91 6.26
C ARG A 12 -0.54 -12.72 5.64
N ASP A 13 -1.52 -13.36 6.26
CA ASP A 13 -2.89 -13.27 5.78
C ASP A 13 -3.50 -11.94 6.23
N LEU A 14 -4.25 -11.33 5.33
CA LEU A 14 -4.89 -10.07 5.61
C LEU A 14 -6.39 -10.29 5.86
N THR A 15 -7.06 -9.22 6.27
CA THR A 15 -8.49 -9.29 6.53
C THR A 15 -9.27 -8.63 5.40
N GLN A 16 -10.54 -9.00 5.32
CA GLN A 16 -11.41 -8.46 4.30
C GLN A 16 -11.26 -6.94 4.21
N GLU A 17 -11.51 -6.29 5.34
CA GLU A 17 -11.41 -4.84 5.41
C GLU A 17 -10.14 -4.36 4.70
N GLN A 18 -9.01 -4.80 5.24
CA GLN A 18 -7.72 -4.42 4.67
C GLN A 18 -7.73 -4.64 3.15
N THR A 19 -7.94 -5.89 2.76
CA THR A 19 -7.97 -6.25 1.36
C THR A 19 -8.69 -5.16 0.55
N GLU A 20 -9.96 -4.96 0.90
CA GLU A 20 -10.77 -3.96 0.22
C GLU A 20 -9.95 -2.69 -0.02
N LYS A 21 -9.50 -2.09 1.08
CA LYS A 21 -8.71 -0.88 1.00
C LYS A 21 -7.71 -0.99 -0.15
N LEU A 22 -6.99 -2.11 -0.16
CA LEU A 22 -6.01 -2.35 -1.20
C LEU A 22 -6.64 -2.10 -2.57
N LEU A 23 -7.70 -2.86 -2.85
CA LEU A 23 -8.40 -2.73 -4.10
C LEU A 23 -8.51 -1.25 -4.48
N GLN A 24 -9.07 -0.48 -3.55
CA GLN A 24 -9.25 0.94 -3.76
C GLN A 24 -7.93 1.58 -4.24
N PHE A 25 -6.96 1.60 -3.32
CA PHE A 25 -5.66 2.16 -3.63
C PHE A 25 -5.15 1.67 -4.98
N GLN A 26 -5.27 0.36 -5.18
CA GLN A 26 -4.82 -0.26 -6.42
C GLN A 26 -5.47 0.43 -7.62
N ASP A 27 -6.77 0.68 -7.49
CA ASP A 27 -7.51 1.33 -8.55
C ASP A 27 -7.07 2.79 -8.66
N LEU A 28 -6.98 3.44 -7.52
CA LEU A 28 -6.57 4.83 -7.47
C LEU A 28 -5.19 4.97 -8.13
N THR A 29 -4.21 4.38 -7.47
CA THR A 29 -2.84 4.42 -7.96
C THR A 29 -2.77 3.83 -9.37
N GLY A 30 -2.98 2.52 -9.45
CA GLY A 30 -2.94 1.83 -10.73
C GLY A 30 -1.70 0.93 -10.82
N ILE A 31 -1.19 0.55 -9.66
CA ILE A 31 -0.02 -0.31 -9.59
C ILE A 31 -0.44 -1.76 -9.87
N GLU A 32 0.51 -2.52 -10.38
CA GLU A 32 0.25 -3.92 -10.69
C GLU A 32 0.72 -4.82 -9.54
N SER A 33 1.99 -4.67 -9.20
CA SER A 33 2.57 -5.46 -8.12
C SER A 33 1.87 -5.13 -6.80
N MET A 34 0.91 -5.98 -6.46
CA MET A 34 0.16 -5.80 -5.22
C MET A 34 1.09 -5.37 -4.08
N ASP A 35 2.16 -6.13 -3.92
CA ASP A 35 3.12 -5.85 -2.88
C ASP A 35 3.43 -4.35 -2.85
N GLN A 36 3.81 -3.84 -4.02
CA GLN A 36 4.13 -2.43 -4.15
C GLN A 36 3.03 -1.57 -3.51
N CYS A 37 1.80 -1.99 -3.73
CA CYS A 37 0.65 -1.27 -3.18
C CYS A 37 0.69 -1.41 -1.65
N ARG A 38 0.36 -2.60 -1.20
CA ARG A 38 0.34 -2.87 0.24
C ARG A 38 1.53 -2.17 0.91
N HIS A 39 2.64 -2.12 0.20
CA HIS A 39 3.84 -1.48 0.71
C HIS A 39 3.53 -0.03 1.09
N THR A 40 3.19 0.75 0.07
CA THR A 40 2.87 2.15 0.27
C THR A 40 1.85 2.30 1.41
N LEU A 41 0.87 1.41 1.41
CA LEU A 41 -0.17 1.43 2.41
C LEU A 41 0.44 1.10 3.78
N GLU A 42 0.85 -0.15 3.93
CA GLU A 42 1.45 -0.60 5.16
C GLU A 42 2.37 0.47 5.74
N GLN A 43 3.19 1.04 4.86
CA GLN A 43 4.12 2.08 5.26
C GLN A 43 3.39 3.18 6.03
N HIS A 44 2.47 3.83 5.34
CA HIS A 44 1.68 4.90 5.95
C HIS A 44 0.73 4.31 6.99
N ASN A 45 0.67 2.99 7.00
CA ASN A 45 -0.20 2.30 7.95
C ASN A 45 -1.61 2.18 7.35
N TRP A 46 -1.68 1.54 6.19
CA TRP A 46 -2.94 1.36 5.51
C TRP A 46 -3.71 2.69 5.56
N ASN A 47 -3.11 3.70 4.98
CA ASN A 47 -3.71 5.03 4.95
C ASN A 47 -3.73 5.54 3.51
N ILE A 48 -4.70 5.04 2.76
CA ILE A 48 -4.84 5.44 1.36
C ILE A 48 -4.60 6.95 1.26
N GLU A 49 -5.25 7.69 2.12
CA GLU A 49 -5.12 9.14 2.14
C GLU A 49 -3.64 9.53 2.07
N ALA A 50 -2.83 8.84 2.85
CA ALA A 50 -1.41 9.11 2.88
C ALA A 50 -0.72 8.33 1.76
N ALA A 51 -0.91 7.02 1.80
CA ALA A 51 -0.32 6.15 0.80
C ALA A 51 -0.47 6.78 -0.58
N VAL A 52 -1.66 7.30 -0.82
CA VAL A 52 -1.96 7.94 -2.10
C VAL A 52 -0.96 9.06 -2.34
N GLN A 53 -0.83 9.92 -1.34
CA GLN A 53 0.08 11.05 -1.43
C GLN A 53 1.52 10.55 -1.65
N ASP A 54 1.96 9.71 -0.72
CA ASP A 54 3.30 9.15 -0.79
C ASP A 54 3.46 8.41 -2.12
N ARG A 55 2.35 7.97 -2.66
CA ARG A 55 2.35 7.26 -3.92
C ARG A 55 2.53 8.22 -5.09
N LEU A 56 1.67 9.23 -5.13
CA LEU A 56 1.73 10.23 -6.17
C LEU A 56 2.99 11.06 -6.01
N ASN A 57 3.17 11.57 -4.80
CA ASN A 57 4.34 12.39 -4.49
C ASN A 57 5.58 11.75 -5.11
N GLU A 58 5.88 10.55 -4.64
CA GLU A 58 7.04 9.82 -5.14
C GLU A 58 7.01 9.75 -6.66
N GLN A 59 7.88 10.54 -7.28
CA GLN A 59 7.96 10.58 -8.73
C GLN A 59 6.64 11.06 -9.32
N GLU A 60 6.75 11.70 -10.48
CA GLU A 60 5.57 12.22 -11.16
C GLU A 60 4.86 13.25 -10.28
N GLY A 61 4.00 14.03 -10.91
CA GLY A 61 3.25 15.06 -10.21
C GLY A 61 1.75 14.88 -10.40
N SER A 62 1.00 15.90 -10.01
CA SER A 62 -0.44 15.86 -10.13
C SER A 62 -0.85 16.06 -11.59
N GLY A 63 -1.82 15.27 -12.01
CA GLY A 63 -2.32 15.35 -13.38
C GLY A 63 -3.08 16.66 -13.62
N PRO A 64 -3.16 17.06 -14.91
CA PRO A 64 -3.84 18.28 -15.27
C PRO A 64 -5.36 18.09 -15.21
N SER A 65 -5.83 17.07 -15.92
CA SER A 65 -7.25 16.77 -15.95
C SER A 65 -8.01 17.90 -16.63
N SER A 66 -8.81 17.53 -17.61
CA SER A 66 -9.60 18.50 -18.35
C SER A 66 -10.75 19.03 -17.48
N GLY A 67 -10.69 20.32 -17.21
CA GLY A 67 -11.71 20.96 -16.39
C GLY A 67 -11.08 21.67 -15.19
N GLY A 1 -12.42 9.06 13.27
CA GLY A 1 -11.52 8.88 14.40
C GLY A 1 -11.74 7.52 15.06
N SER A 2 -11.83 7.55 16.38
CA SER A 2 -12.04 6.33 17.15
C SER A 2 -11.15 5.21 16.60
N SER A 3 -9.92 5.19 17.08
CA SER A 3 -8.96 4.19 16.65
C SER A 3 -7.72 4.23 17.55
N GLY A 4 -7.15 3.05 17.76
CA GLY A 4 -5.97 2.93 18.59
C GLY A 4 -5.47 1.48 18.64
N SER A 5 -4.20 1.34 18.97
CA SER A 5 -3.59 0.02 19.05
C SER A 5 -3.82 -0.76 17.75
N SER A 6 -2.83 -0.70 16.89
CA SER A 6 -2.91 -1.39 15.61
C SER A 6 -1.57 -1.31 14.88
N GLY A 7 -1.24 -2.40 14.20
CA GLY A 7 0.02 -2.46 13.47
C GLY A 7 0.81 -3.72 13.84
N ALA A 8 2.01 -3.49 14.36
CA ALA A 8 2.86 -4.60 14.77
C ALA A 8 3.28 -5.39 13.53
N PRO A 9 4.35 -6.21 13.70
CA PRO A 9 4.86 -7.03 12.62
C PRO A 9 3.94 -8.22 12.36
N GLU A 10 2.78 -7.93 11.77
CA GLU A 10 1.82 -8.96 11.46
C GLU A 10 1.87 -9.30 9.97
N GLU A 11 1.81 -10.60 9.68
CA GLU A 11 1.85 -11.07 8.32
C GLU A 11 1.13 -12.41 8.20
N ARG A 12 -0.14 -12.41 8.58
CA ARG A 12 -0.96 -13.61 8.52
C ARG A 12 -2.25 -13.34 7.76
N ASP A 13 -2.15 -13.40 6.44
CA ASP A 13 -3.32 -13.16 5.59
C ASP A 13 -3.87 -11.77 5.88
N LEU A 14 -4.76 -11.34 5.00
CA LEU A 14 -5.38 -10.03 5.14
C LEU A 14 -6.87 -10.21 5.44
N THR A 15 -7.44 -9.16 6.03
CA THR A 15 -8.86 -9.19 6.38
C THR A 15 -9.67 -8.45 5.33
N GLN A 16 -10.95 -8.81 5.24
CA GLN A 16 -11.85 -8.20 4.29
C GLN A 16 -11.56 -6.70 4.19
N GLU A 17 -11.75 -6.02 5.31
CA GLU A 17 -11.51 -4.58 5.37
C GLU A 17 -10.20 -4.24 4.67
N GLN A 18 -9.12 -4.78 5.21
CA GLN A 18 -7.79 -4.54 4.65
C GLN A 18 -7.82 -4.70 3.13
N THR A 19 -8.11 -5.91 2.70
CA THR A 19 -8.17 -6.21 1.28
C THR A 19 -8.86 -5.07 0.53
N GLU A 20 -10.11 -4.84 0.88
CA GLU A 20 -10.89 -3.79 0.25
C GLU A 20 -10.02 -2.55 0.03
N LYS A 21 -9.55 -2.00 1.15
CA LYS A 21 -8.71 -0.82 1.10
C LYS A 21 -7.73 -0.93 -0.07
N LEU A 22 -7.04 -2.07 -0.12
CA LEU A 22 -6.08 -2.32 -1.18
C LEU A 22 -6.72 -2.03 -2.53
N LEU A 23 -7.79 -2.76 -2.80
CA LEU A 23 -8.52 -2.59 -4.06
C LEU A 23 -8.60 -1.10 -4.41
N GLN A 24 -9.04 -0.32 -3.42
CA GLN A 24 -9.16 1.11 -3.60
C GLN A 24 -7.85 1.70 -4.12
N PHE A 25 -6.85 1.67 -3.25
CA PHE A 25 -5.54 2.19 -3.60
C PHE A 25 -5.10 1.70 -4.99
N GLN A 26 -5.04 0.38 -5.12
CA GLN A 26 -4.63 -0.23 -6.36
C GLN A 26 -5.28 0.50 -7.54
N ASP A 27 -6.61 0.54 -7.51
CA ASP A 27 -7.36 1.20 -8.56
C ASP A 27 -6.89 2.64 -8.70
N LEU A 28 -6.95 3.36 -7.59
CA LEU A 28 -6.54 4.75 -7.57
C LEU A 28 -5.14 4.87 -8.19
N THR A 29 -4.17 4.32 -7.46
CA THR A 29 -2.79 4.36 -7.92
C THR A 29 -2.68 3.80 -9.33
N GLY A 30 -2.87 2.48 -9.44
CA GLY A 30 -2.79 1.82 -10.72
C GLY A 30 -1.58 0.88 -10.79
N ILE A 31 -0.97 0.69 -9.64
CA ILE A 31 0.20 -0.18 -9.55
C ILE A 31 -0.24 -1.63 -9.81
N GLU A 32 0.46 -2.26 -10.74
CA GLU A 32 0.16 -3.64 -11.09
C GLU A 32 0.63 -4.59 -9.99
N SER A 33 1.78 -4.26 -9.42
CA SER A 33 2.34 -5.07 -8.35
C SER A 33 1.57 -4.83 -7.05
N MET A 34 1.15 -5.93 -6.44
CA MET A 34 0.40 -5.85 -5.20
C MET A 34 1.30 -5.43 -4.04
N ASP A 35 2.43 -6.12 -3.91
CA ASP A 35 3.38 -5.82 -2.86
C ASP A 35 3.63 -4.31 -2.82
N GLN A 36 3.83 -3.75 -4.00
CA GLN A 36 4.08 -2.33 -4.12
C GLN A 36 2.93 -1.52 -3.51
N CYS A 37 1.72 -2.05 -3.71
CA CYS A 37 0.53 -1.39 -3.19
C CYS A 37 0.57 -1.49 -1.66
N ARG A 38 0.30 -2.69 -1.17
CA ARG A 38 0.30 -2.92 0.27
C ARG A 38 1.52 -2.27 0.92
N HIS A 39 2.61 -2.24 0.16
CA HIS A 39 3.83 -1.64 0.65
C HIS A 39 3.59 -0.18 1.04
N THR A 40 3.23 0.61 0.03
CA THR A 40 2.95 2.02 0.25
C THR A 40 1.94 2.20 1.38
N LEU A 41 0.97 1.30 1.41
CA LEU A 41 -0.07 1.35 2.42
C LEU A 41 0.54 1.01 3.78
N GLU A 42 0.96 -0.23 3.91
CA GLU A 42 1.56 -0.68 5.17
C GLU A 42 2.47 0.40 5.74
N GLN A 43 3.31 0.95 4.86
CA GLN A 43 4.23 1.99 5.26
C GLN A 43 3.50 3.10 6.02
N HIS A 44 2.58 3.75 5.31
CA HIS A 44 1.80 4.83 5.90
C HIS A 44 0.87 4.26 6.97
N ASN A 45 0.80 2.94 7.00
CA ASN A 45 -0.05 2.26 7.96
C ASN A 45 -1.47 2.13 7.39
N TRP A 46 -1.54 1.48 6.23
CA TRP A 46 -2.82 1.29 5.57
C TRP A 46 -3.58 2.61 5.61
N ASN A 47 -2.96 3.64 5.06
CA ASN A 47 -3.57 4.96 5.04
C ASN A 47 -3.65 5.45 3.59
N ILE A 48 -4.59 4.88 2.85
CA ILE A 48 -4.76 5.26 1.45
C ILE A 48 -4.58 6.77 1.31
N GLU A 49 -5.30 7.51 2.14
CA GLU A 49 -5.23 8.95 2.11
C GLU A 49 -3.77 9.41 2.02
N ALA A 50 -2.94 8.78 2.83
CA ALA A 50 -1.52 9.12 2.85
C ALA A 50 -0.81 8.34 1.74
N ALA A 51 -0.94 7.02 1.80
CA ALA A 51 -0.31 6.16 0.81
C ALA A 51 -0.48 6.80 -0.58
N VAL A 52 -1.69 7.24 -0.85
CA VAL A 52 -1.99 7.86 -2.13
C VAL A 52 -1.05 9.03 -2.36
N GLN A 53 -0.98 9.90 -1.37
CA GLN A 53 -0.12 11.07 -1.45
C GLN A 53 1.33 10.65 -1.69
N ASP A 54 1.84 9.85 -0.78
CA ASP A 54 3.21 9.38 -0.88
C ASP A 54 3.39 8.67 -2.23
N ARG A 55 2.30 8.08 -2.71
CA ARG A 55 2.34 7.37 -3.97
C ARG A 55 2.46 8.37 -5.13
N LEU A 56 1.55 9.33 -5.15
CA LEU A 56 1.55 10.34 -6.20
C LEU A 56 2.80 11.21 -6.05
N ASN A 57 3.03 11.66 -4.84
CA ASN A 57 4.19 12.50 -4.56
C ASN A 57 5.42 11.91 -5.25
N GLU A 58 5.70 10.66 -4.91
CA GLU A 58 6.84 9.96 -5.49
C GLU A 58 6.74 9.95 -7.02
N GLN A 59 5.51 9.91 -7.50
CA GLN A 59 5.26 9.91 -8.93
C GLN A 59 5.90 11.12 -9.58
N GLU A 60 5.45 12.29 -9.16
CA GLU A 60 5.97 13.54 -9.71
C GLU A 60 7.49 13.59 -9.54
N GLY A 61 7.92 13.61 -8.29
CA GLY A 61 9.34 13.65 -7.98
C GLY A 61 9.61 13.16 -6.56
N SER A 62 10.75 13.59 -6.03
CA SER A 62 11.14 13.20 -4.69
C SER A 62 10.94 11.70 -4.49
N GLY A 63 12.01 10.96 -4.71
CA GLY A 63 11.96 9.51 -4.57
C GLY A 63 12.80 8.82 -5.64
N PRO A 64 14.06 8.49 -5.27
CA PRO A 64 14.98 7.83 -6.18
C PRO A 64 14.60 6.36 -6.36
N SER A 65 13.92 6.08 -7.46
CA SER A 65 13.51 4.72 -7.75
C SER A 65 14.74 3.84 -8.03
N SER A 66 15.50 4.26 -9.03
CA SER A 66 16.70 3.53 -9.41
C SER A 66 16.31 2.15 -9.97
N GLY A 67 17.28 1.54 -10.64
CA GLY A 67 17.06 0.23 -11.23
C GLY A 67 18.18 -0.14 -12.19
N GLY A 1 15.59 2.53 25.95
CA GLY A 1 16.42 1.40 26.31
C GLY A 1 17.12 0.82 25.08
N SER A 2 16.97 -0.49 24.92
CA SER A 2 17.58 -1.18 23.79
C SER A 2 17.27 -2.68 23.87
N SER A 3 16.33 -3.09 23.04
CA SER A 3 15.94 -4.49 23.01
C SER A 3 15.07 -4.76 21.77
N GLY A 4 15.73 -5.20 20.71
CA GLY A 4 15.04 -5.50 19.46
C GLY A 4 14.19 -4.31 19.02
N SER A 5 14.81 -3.45 18.22
CA SER A 5 14.12 -2.28 17.71
C SER A 5 13.92 -2.40 16.20
N SER A 6 12.68 -2.66 15.81
CA SER A 6 12.35 -2.80 14.40
C SER A 6 13.10 -4.00 13.81
N GLY A 7 12.71 -4.35 12.60
CA GLY A 7 13.33 -5.47 11.91
C GLY A 7 12.56 -6.77 12.16
N ALA A 8 11.27 -6.74 11.83
CA ALA A 8 10.43 -7.90 12.04
C ALA A 8 9.72 -8.23 10.72
N PRO A 9 10.36 -9.15 9.93
CA PRO A 9 9.79 -9.56 8.66
C PRO A 9 8.62 -10.51 8.86
N GLU A 10 7.52 -9.94 9.34
CA GLU A 10 6.32 -10.74 9.59
C GLU A 10 5.20 -10.29 8.64
N GLU A 11 4.56 -11.29 8.04
CA GLU A 11 3.47 -11.02 7.12
C GLU A 11 2.37 -12.07 7.27
N ARG A 12 1.41 -11.76 8.13
CA ARG A 12 0.30 -12.66 8.37
C ARG A 12 -0.87 -12.34 7.45
N ASP A 13 -1.74 -13.32 7.27
CA ASP A 13 -2.89 -13.15 6.41
C ASP A 13 -3.51 -11.77 6.65
N LEU A 14 -4.26 -11.31 5.67
CA LEU A 14 -4.90 -10.01 5.76
C LEU A 14 -6.40 -10.20 6.04
N THR A 15 -7.04 -9.09 6.37
CA THR A 15 -8.47 -9.12 6.67
C THR A 15 -9.26 -8.45 5.54
N GLN A 16 -10.50 -8.88 5.39
CA GLN A 16 -11.37 -8.34 4.37
C GLN A 16 -11.20 -6.82 4.28
N GLU A 17 -11.45 -6.17 5.40
CA GLU A 17 -11.33 -4.72 5.48
C GLU A 17 -10.07 -4.26 4.75
N GLN A 18 -8.93 -4.73 5.25
CA GLN A 18 -7.65 -4.37 4.65
C GLN A 18 -7.68 -4.58 3.15
N THR A 19 -7.97 -5.82 2.76
CA THR A 19 -8.04 -6.18 1.35
C THR A 19 -8.74 -5.07 0.56
N GLU A 20 -9.99 -4.82 0.92
CA GLU A 20 -10.77 -3.79 0.25
C GLU A 20 -9.91 -2.54 0.02
N LYS A 21 -9.46 -1.95 1.13
CA LYS A 21 -8.64 -0.76 1.05
C LYS A 21 -7.64 -0.91 -0.11
N LEU A 22 -6.96 -2.03 -0.12
CA LEU A 22 -5.97 -2.30 -1.16
C LEU A 22 -6.60 -2.04 -2.53
N LEU A 23 -7.68 -2.77 -2.79
CA LEU A 23 -8.39 -2.63 -4.05
C LEU A 23 -8.48 -1.15 -4.42
N GLN A 24 -8.96 -0.36 -3.47
CA GLN A 24 -9.10 1.07 -3.68
C GLN A 24 -7.78 1.67 -4.18
N PHE A 25 -6.80 1.67 -3.27
CA PHE A 25 -5.49 2.20 -3.61
C PHE A 25 -5.01 1.69 -4.96
N GLN A 26 -4.94 0.38 -5.07
CA GLN A 26 -4.50 -0.25 -6.31
C GLN A 26 -5.14 0.44 -7.51
N ASP A 27 -6.46 0.43 -7.52
CA ASP A 27 -7.21 1.06 -8.61
C ASP A 27 -6.77 2.52 -8.73
N LEU A 28 -6.85 3.23 -7.63
CA LEU A 28 -6.48 4.63 -7.59
C LEU A 28 -5.08 4.79 -8.21
N THR A 29 -4.09 4.27 -7.50
CA THR A 29 -2.71 4.36 -7.96
C THR A 29 -2.59 3.75 -9.36
N GLY A 30 -2.71 2.43 -9.41
CA GLY A 30 -2.61 1.72 -10.68
C GLY A 30 -1.37 0.84 -10.71
N ILE A 31 -0.83 0.58 -9.53
CA ILE A 31 0.37 -0.25 -9.40
C ILE A 31 -0.01 -1.70 -9.68
N GLU A 32 0.75 -2.32 -10.59
CA GLU A 32 0.50 -3.70 -10.95
C GLU A 32 0.83 -4.61 -9.77
N SER A 33 2.11 -4.65 -9.42
CA SER A 33 2.57 -5.47 -8.31
C SER A 33 1.82 -5.11 -7.03
N MET A 34 0.83 -5.94 -6.72
CA MET A 34 0.02 -5.71 -5.53
C MET A 34 0.91 -5.48 -4.31
N ASP A 35 2.02 -6.21 -4.27
CA ASP A 35 2.96 -6.09 -3.16
C ASP A 35 3.31 -4.62 -2.94
N GLN A 36 3.68 -3.96 -4.04
CA GLN A 36 4.05 -2.57 -3.99
C GLN A 36 2.93 -1.76 -3.32
N CYS A 37 1.71 -2.03 -3.74
CA CYS A 37 0.55 -1.34 -3.19
C CYS A 37 0.59 -1.46 -1.67
N ARG A 38 0.28 -2.66 -1.20
CA ARG A 38 0.27 -2.92 0.23
C ARG A 38 1.46 -2.23 0.90
N HIS A 39 2.58 -2.20 0.18
CA HIS A 39 3.78 -1.57 0.68
C HIS A 39 3.47 -0.13 1.11
N THR A 40 3.23 0.70 0.11
CA THR A 40 2.93 2.11 0.35
C THR A 40 1.91 2.23 1.49
N LEU A 41 0.90 1.38 1.44
CA LEU A 41 -0.14 1.39 2.45
C LEU A 41 0.48 1.05 3.81
N GLU A 42 0.89 -0.20 3.94
CA GLU A 42 1.49 -0.67 5.18
C GLU A 42 2.40 0.41 5.76
N GLN A 43 3.25 0.96 4.90
CA GLN A 43 4.16 2.01 5.32
C GLN A 43 3.41 3.11 6.06
N HIS A 44 2.51 3.76 5.35
CA HIS A 44 1.73 4.84 5.93
C HIS A 44 0.77 4.27 6.97
N ASN A 45 0.70 2.95 7.01
CA ASN A 45 -0.16 2.27 7.95
C ASN A 45 -1.57 2.15 7.37
N TRP A 46 -1.64 1.50 6.22
CA TRP A 46 -2.92 1.32 5.54
C TRP A 46 -3.68 2.65 5.60
N ASN A 47 -3.06 3.67 5.03
CA ASN A 47 -3.66 4.99 5.00
C ASN A 47 -3.71 5.50 3.55
N ILE A 48 -4.64 4.96 2.80
CA ILE A 48 -4.80 5.35 1.41
C ILE A 48 -4.61 6.86 1.28
N GLU A 49 -5.33 7.59 2.11
CA GLU A 49 -5.24 9.04 2.10
C GLU A 49 -3.78 9.48 2.01
N ALA A 50 -2.94 8.82 2.81
CA ALA A 50 -1.53 9.13 2.84
C ALA A 50 -0.82 8.36 1.73
N ALA A 51 -0.98 7.04 1.78
CA ALA A 51 -0.35 6.18 0.79
C ALA A 51 -0.50 6.81 -0.59
N VAL A 52 -1.70 7.29 -0.87
CA VAL A 52 -1.98 7.92 -2.15
C VAL A 52 -1.02 9.09 -2.36
N GLN A 53 -0.99 9.98 -1.37
CA GLN A 53 -0.13 11.14 -1.44
C GLN A 53 1.33 10.71 -1.61
N ASP A 54 1.76 9.85 -0.70
CA ASP A 54 3.12 9.35 -0.72
C ASP A 54 3.37 8.62 -2.05
N ARG A 55 2.27 8.13 -2.62
CA ARG A 55 2.36 7.42 -3.89
C ARG A 55 2.50 8.40 -5.05
N LEU A 56 1.53 9.30 -5.15
CA LEU A 56 1.54 10.30 -6.21
C LEU A 56 2.73 11.24 -6.01
N ASN A 57 3.13 11.37 -4.75
CA ASN A 57 4.24 12.24 -4.40
C ASN A 57 5.54 11.62 -4.94
N GLU A 58 5.77 10.38 -4.55
CA GLU A 58 6.97 9.67 -4.97
C GLU A 58 8.18 10.60 -4.94
N GLN A 59 8.23 11.41 -3.90
CA GLN A 59 9.32 12.35 -3.74
C GLN A 59 10.66 11.68 -4.07
N GLU A 60 11.65 12.50 -4.36
CA GLU A 60 12.97 12.00 -4.69
C GLU A 60 12.91 11.14 -5.96
N GLY A 61 13.86 11.38 -6.84
CA GLY A 61 13.94 10.64 -8.09
C GLY A 61 14.10 9.14 -7.83
N SER A 62 14.37 8.41 -8.90
CA SER A 62 14.54 6.98 -8.81
C SER A 62 15.72 6.65 -7.90
N GLY A 63 15.71 5.44 -7.36
CA GLY A 63 16.77 5.00 -6.47
C GLY A 63 17.33 3.65 -6.92
N PRO A 64 18.36 3.18 -6.18
CA PRO A 64 18.99 1.90 -6.48
C PRO A 64 18.10 0.74 -6.05
N SER A 65 17.45 0.13 -7.04
CA SER A 65 16.57 -0.98 -6.78
C SER A 65 17.39 -2.26 -6.53
N SER A 66 17.58 -2.55 -5.25
CA SER A 66 18.34 -3.72 -4.86
C SER A 66 17.57 -4.51 -3.79
N GLY A 67 17.29 -3.83 -2.69
CA GLY A 67 16.57 -4.46 -1.59
C GLY A 67 17.49 -4.66 -0.38
N GLY A 1 -12.40 -20.52 -6.38
CA GLY A 1 -12.21 -20.34 -4.95
C GLY A 1 -12.36 -21.67 -4.21
N SER A 2 -11.25 -22.36 -4.07
CA SER A 2 -11.24 -23.65 -3.39
C SER A 2 -10.29 -23.60 -2.19
N SER A 3 -10.62 -24.38 -1.17
CA SER A 3 -9.81 -24.44 0.03
C SER A 3 -8.93 -25.68 0.02
N GLY A 4 -7.68 -25.48 -0.37
CA GLY A 4 -6.74 -26.59 -0.43
C GLY A 4 -5.99 -26.74 0.89
N SER A 5 -5.02 -25.86 1.11
CA SER A 5 -4.23 -25.89 2.33
C SER A 5 -3.62 -27.28 2.51
N SER A 6 -2.36 -27.39 2.10
CA SER A 6 -1.66 -28.66 2.21
C SER A 6 -0.17 -28.39 2.51
N GLY A 7 0.44 -27.62 1.62
CA GLY A 7 1.85 -27.29 1.76
C GLY A 7 2.04 -26.12 2.73
N ALA A 8 3.13 -26.19 3.48
CA ALA A 8 3.45 -25.15 4.44
C ALA A 8 2.35 -25.11 5.51
N PRO A 9 2.74 -24.60 6.72
CA PRO A 9 1.81 -24.50 7.82
C PRO A 9 0.83 -23.34 7.61
N GLU A 10 0.06 -23.45 6.54
CA GLU A 10 -0.92 -22.41 6.21
C GLU A 10 -0.21 -21.09 5.89
N GLU A 11 -0.99 -20.14 5.41
CA GLU A 11 -0.45 -18.84 5.06
C GLU A 11 -1.41 -17.74 5.52
N ARG A 12 -0.91 -16.89 6.40
CA ARG A 12 -1.69 -15.79 6.92
C ARG A 12 -2.10 -14.83 5.79
N ASP A 13 -3.40 -14.77 5.55
CA ASP A 13 -3.92 -13.91 4.51
C ASP A 13 -4.58 -12.68 5.14
N LEU A 14 -4.54 -11.58 4.40
CA LEU A 14 -5.13 -10.33 4.88
C LEU A 14 -6.62 -10.55 5.14
N THR A 15 -7.24 -9.52 5.72
CA THR A 15 -8.66 -9.58 6.02
C THR A 15 -9.47 -8.83 4.96
N GLN A 16 -10.74 -9.19 4.87
CA GLN A 16 -11.62 -8.56 3.91
C GLN A 16 -11.46 -7.04 3.95
N GLU A 17 -11.72 -6.48 5.12
CA GLU A 17 -11.59 -5.04 5.30
C GLU A 17 -10.31 -4.53 4.64
N GLN A 18 -9.18 -5.02 5.15
CA GLN A 18 -7.89 -4.62 4.62
C GLN A 18 -7.86 -4.77 3.10
N THR A 19 -8.08 -6.00 2.65
CA THR A 19 -8.08 -6.29 1.23
C THR A 19 -8.77 -5.17 0.46
N GLU A 20 -10.02 -4.92 0.83
CA GLU A 20 -10.79 -3.86 0.18
C GLU A 20 -9.94 -2.61 -0.01
N LYS A 21 -9.45 -2.10 1.10
CA LYS A 21 -8.61 -0.90 1.07
C LYS A 21 -7.63 -1.00 -0.08
N LEU A 22 -6.96 -2.15 -0.15
CA LEU A 22 -5.98 -2.39 -1.20
C LEU A 22 -6.62 -2.08 -2.56
N LEU A 23 -7.68 -2.82 -2.86
CA LEU A 23 -8.38 -2.64 -4.11
C LEU A 23 -8.47 -1.15 -4.43
N GLN A 24 -8.91 -0.38 -3.44
CA GLN A 24 -9.05 1.06 -3.60
C GLN A 24 -7.73 1.66 -4.10
N PHE A 25 -6.73 1.61 -3.23
CA PHE A 25 -5.42 2.15 -3.55
C PHE A 25 -4.94 1.62 -4.91
N GLN A 26 -5.12 0.31 -5.10
CA GLN A 26 -4.71 -0.32 -6.34
C GLN A 26 -5.35 0.38 -7.54
N ASP A 27 -6.63 0.68 -7.40
CA ASP A 27 -7.37 1.35 -8.45
C ASP A 27 -6.84 2.78 -8.61
N LEU A 28 -6.79 3.48 -7.49
CA LEU A 28 -6.31 4.85 -7.50
C LEU A 28 -4.92 4.90 -8.16
N THR A 29 -3.94 4.40 -7.45
CA THR A 29 -2.58 4.39 -7.95
C THR A 29 -2.54 3.75 -9.34
N GLY A 30 -2.80 2.45 -9.37
CA GLY A 30 -2.79 1.71 -10.62
C GLY A 30 -1.62 0.73 -10.68
N ILE A 31 -1.00 0.53 -9.52
CA ILE A 31 0.13 -0.38 -9.43
C ILE A 31 -0.35 -1.81 -9.63
N GLU A 32 0.27 -2.48 -10.60
CA GLU A 32 -0.08 -3.85 -10.90
C GLU A 32 0.40 -4.78 -9.79
N SER A 33 1.60 -4.51 -9.30
CA SER A 33 2.18 -5.31 -8.24
C SER A 33 1.47 -5.01 -6.91
N MET A 34 0.64 -5.95 -6.50
CA MET A 34 -0.09 -5.80 -5.25
C MET A 34 0.85 -5.48 -4.10
N ASP A 35 1.90 -6.27 -3.99
CA ASP A 35 2.88 -6.10 -2.94
C ASP A 35 3.26 -4.61 -2.85
N GLN A 36 3.61 -4.05 -3.99
CA GLN A 36 4.00 -2.65 -4.06
C GLN A 36 2.93 -1.78 -3.40
N CYS A 37 1.68 -2.07 -3.73
CA CYS A 37 0.56 -1.33 -3.16
C CYS A 37 0.64 -1.42 -1.64
N ARG A 38 0.30 -2.60 -1.13
CA ARG A 38 0.32 -2.84 0.30
C ARG A 38 1.53 -2.15 0.94
N HIS A 39 2.65 -2.23 0.23
CA HIS A 39 3.88 -1.62 0.70
C HIS A 39 3.61 -0.17 1.10
N THR A 40 3.30 0.64 0.11
CA THR A 40 3.01 2.04 0.34
C THR A 40 2.03 2.21 1.49
N LEU A 41 0.96 1.42 1.43
CA LEU A 41 -0.07 1.47 2.46
C LEU A 41 0.57 1.15 3.82
N GLU A 42 0.97 -0.10 3.97
CA GLU A 42 1.59 -0.54 5.21
C GLU A 42 2.51 0.56 5.76
N GLN A 43 3.33 1.10 4.88
CA GLN A 43 4.25 2.16 5.26
C GLN A 43 3.51 3.26 6.01
N HIS A 44 2.59 3.90 5.31
CA HIS A 44 1.81 4.98 5.89
C HIS A 44 0.89 4.42 6.97
N ASN A 45 0.82 3.09 7.02
CA ASN A 45 0.00 2.42 8.00
C ASN A 45 -1.42 2.27 7.43
N TRP A 46 -1.50 1.63 6.28
CA TRP A 46 -2.77 1.41 5.63
C TRP A 46 -3.56 2.72 5.66
N ASN A 47 -2.93 3.76 5.09
CA ASN A 47 -3.56 5.07 5.06
C ASN A 47 -3.60 5.55 3.61
N ILE A 48 -4.52 4.98 2.85
CA ILE A 48 -4.68 5.35 1.46
C ILE A 48 -4.54 6.86 1.31
N GLU A 49 -5.26 7.57 2.15
CA GLU A 49 -5.23 9.03 2.14
C GLU A 49 -3.79 9.52 2.05
N ALA A 50 -2.92 8.88 2.82
CA ALA A 50 -1.52 9.24 2.85
C ALA A 50 -0.79 8.47 1.75
N ALA A 51 -0.89 7.14 1.83
CA ALA A 51 -0.25 6.28 0.86
C ALA A 51 -0.43 6.87 -0.54
N VAL A 52 -1.65 7.33 -0.80
CA VAL A 52 -1.98 7.91 -2.09
C VAL A 52 -1.04 9.09 -2.36
N GLN A 53 -1.01 10.00 -1.41
CA GLN A 53 -0.16 11.18 -1.53
C GLN A 53 1.30 10.77 -1.76
N ASP A 54 1.78 9.93 -0.85
CA ASP A 54 3.15 9.45 -0.93
C ASP A 54 3.35 8.72 -2.26
N ARG A 55 2.27 8.11 -2.73
CA ARG A 55 2.32 7.38 -3.99
C ARG A 55 2.46 8.35 -5.17
N LEU A 56 1.60 9.36 -5.17
CA LEU A 56 1.62 10.35 -6.22
C LEU A 56 2.87 11.22 -6.08
N ASN A 57 3.05 11.74 -4.87
CA ASN A 57 4.20 12.59 -4.59
C ASN A 57 5.45 11.98 -5.23
N GLU A 58 5.78 10.79 -4.75
CA GLU A 58 6.95 10.08 -5.27
C GLU A 58 6.93 10.08 -6.80
N GLN A 59 5.72 10.08 -7.35
CA GLN A 59 5.56 10.06 -8.79
C GLN A 59 6.28 8.87 -9.40
N GLU A 60 5.95 8.58 -10.64
CA GLU A 60 6.56 7.47 -11.36
C GLU A 60 8.00 7.82 -11.75
N GLY A 61 8.93 7.35 -10.94
CA GLY A 61 10.34 7.60 -11.19
C GLY A 61 10.89 6.63 -12.24
N SER A 62 10.44 6.82 -13.47
CA SER A 62 10.88 5.96 -14.56
C SER A 62 12.18 6.50 -15.15
N GLY A 63 12.12 7.74 -15.60
CA GLY A 63 13.29 8.39 -16.19
C GLY A 63 12.90 9.68 -16.91
N PRO A 64 12.96 10.80 -16.15
CA PRO A 64 12.61 12.10 -16.70
C PRO A 64 13.73 12.63 -17.60
N SER A 65 13.42 13.69 -18.32
CA SER A 65 14.38 14.30 -19.22
C SER A 65 15.36 15.16 -18.44
N SER A 66 16.49 15.44 -19.07
CA SER A 66 17.52 16.26 -18.45
C SER A 66 18.01 15.58 -17.17
N GLY A 67 19.21 15.02 -17.26
CA GLY A 67 19.81 14.33 -16.12
C GLY A 67 20.92 13.39 -16.58
N GLY A 1 -7.52 7.81 16.85
CA GLY A 1 -7.55 6.46 17.40
C GLY A 1 -6.37 6.21 18.33
N SER A 2 -6.60 6.43 19.61
CA SER A 2 -5.56 6.24 20.61
C SER A 2 -5.53 4.77 21.05
N SER A 3 -4.59 4.04 20.45
CA SER A 3 -4.43 2.63 20.78
C SER A 3 -3.23 2.06 20.03
N GLY A 4 -2.39 1.36 20.77
CA GLY A 4 -1.21 0.75 20.20
C GLY A 4 -1.14 -0.75 20.51
N SER A 5 -1.30 -1.55 19.47
CA SER A 5 -1.27 -2.99 19.62
C SER A 5 -0.75 -3.64 18.35
N SER A 6 0.20 -4.55 18.52
CA SER A 6 0.79 -5.25 17.39
C SER A 6 1.42 -6.56 17.86
N GLY A 7 1.26 -7.59 17.04
CA GLY A 7 1.82 -8.89 17.35
C GLY A 7 1.52 -9.90 16.26
N ALA A 8 2.21 -9.75 15.13
CA ALA A 8 2.03 -10.63 14.00
C ALA A 8 3.31 -11.45 13.79
N PRO A 9 3.31 -12.67 14.37
CA PRO A 9 4.45 -13.56 14.24
C PRO A 9 4.51 -14.19 12.85
N GLU A 10 4.54 -13.32 11.84
CA GLU A 10 4.60 -13.78 10.47
C GLU A 10 3.39 -14.67 10.16
N GLU A 11 3.26 -14.99 8.87
CA GLU A 11 2.15 -15.82 8.43
C GLU A 11 0.82 -15.28 8.96
N ARG A 12 0.27 -14.34 8.20
CA ARG A 12 -0.99 -13.72 8.57
C ARG A 12 -1.74 -13.24 7.33
N ASP A 13 -2.96 -13.74 7.18
CA ASP A 13 -3.78 -13.38 6.03
C ASP A 13 -4.50 -12.06 6.34
N LEU A 14 -4.59 -11.23 5.31
CA LEU A 14 -5.24 -9.93 5.46
C LEU A 14 -6.74 -10.16 5.74
N THR A 15 -7.41 -9.07 6.06
CA THR A 15 -8.83 -9.13 6.36
C THR A 15 -9.64 -8.40 5.27
N GLN A 16 -10.91 -8.77 5.18
CA GLN A 16 -11.78 -8.15 4.20
C GLN A 16 -11.53 -6.65 4.12
N GLU A 17 -11.75 -6.00 5.24
CA GLU A 17 -11.55 -4.55 5.32
C GLU A 17 -10.23 -4.16 4.66
N GLN A 18 -9.14 -4.69 5.21
CA GLN A 18 -7.82 -4.40 4.68
C GLN A 18 -7.80 -4.58 3.17
N THR A 19 -8.04 -5.83 2.75
CA THR A 19 -8.04 -6.14 1.33
C THR A 19 -8.78 -5.05 0.55
N GLU A 20 -10.05 -4.88 0.88
CA GLU A 20 -10.86 -3.88 0.23
C GLU A 20 -10.05 -2.61 -0.03
N LYS A 21 -9.58 -2.01 1.06
CA LYS A 21 -8.79 -0.80 0.98
C LYS A 21 -7.80 -0.93 -0.18
N LEU A 22 -7.02 -2.00 -0.15
CA LEU A 22 -6.03 -2.24 -1.19
C LEU A 22 -6.67 -2.02 -2.56
N LEU A 23 -7.75 -2.74 -2.79
CA LEU A 23 -8.47 -2.63 -4.05
C LEU A 23 -8.58 -1.16 -4.44
N GLN A 24 -9.21 -0.40 -3.56
CA GLN A 24 -9.39 1.03 -3.80
C GLN A 24 -8.08 1.66 -4.27
N PHE A 25 -7.11 1.69 -3.36
CA PHE A 25 -5.81 2.26 -3.68
C PHE A 25 -5.30 1.77 -5.03
N GLN A 26 -5.19 0.46 -5.15
CA GLN A 26 -4.72 -0.15 -6.38
C GLN A 26 -5.40 0.51 -7.59
N ASP A 27 -6.72 0.42 -7.59
CA ASP A 27 -7.49 1.00 -8.68
C ASP A 27 -7.06 2.45 -8.89
N LEU A 28 -6.96 3.17 -7.79
CA LEU A 28 -6.57 4.58 -7.83
C LEU A 28 -5.19 4.67 -8.49
N THR A 29 -4.17 4.30 -7.72
CA THR A 29 -2.80 4.35 -8.21
C THR A 29 -2.71 3.71 -9.60
N GLY A 30 -2.96 2.40 -9.63
CA GLY A 30 -2.91 1.66 -10.88
C GLY A 30 -1.69 0.72 -10.90
N ILE A 31 -1.00 0.66 -9.79
CA ILE A 31 0.17 -0.19 -9.67
C ILE A 31 -0.21 -1.63 -10.02
N GLU A 32 0.78 -2.39 -10.44
CA GLU A 32 0.57 -3.78 -10.82
C GLU A 32 0.97 -4.70 -9.66
N SER A 33 2.21 -4.54 -9.22
CA SER A 33 2.72 -5.35 -8.13
C SER A 33 1.99 -5.01 -6.83
N MET A 34 1.09 -5.89 -6.44
CA MET A 34 0.32 -5.69 -5.22
C MET A 34 1.22 -5.29 -4.06
N ASP A 35 2.37 -5.94 -3.98
CA ASP A 35 3.32 -5.66 -2.92
C ASP A 35 3.53 -4.15 -2.82
N GLN A 36 3.94 -3.56 -3.93
CA GLN A 36 4.18 -2.13 -3.99
C GLN A 36 3.02 -1.38 -3.34
N CYS A 37 1.81 -1.79 -3.71
CA CYS A 37 0.61 -1.17 -3.17
C CYS A 37 0.64 -1.31 -1.63
N ARG A 38 0.37 -2.53 -1.19
CA ARG A 38 0.37 -2.82 0.23
C ARG A 38 1.55 -2.14 0.92
N HIS A 39 2.65 -2.05 0.19
CA HIS A 39 3.85 -1.43 0.71
C HIS A 39 3.58 0.04 1.03
N THR A 40 3.20 0.78 0.00
CA THR A 40 2.90 2.19 0.15
C THR A 40 1.84 2.40 1.24
N LEU A 41 1.14 1.31 1.54
CA LEU A 41 0.08 1.35 2.55
C LEU A 41 0.69 1.01 3.91
N GLU A 42 1.10 -0.24 4.04
CA GLU A 42 1.69 -0.71 5.28
C GLU A 42 2.59 0.36 5.88
N GLN A 43 3.38 0.98 5.01
CA GLN A 43 4.30 2.02 5.44
C GLN A 43 3.54 3.12 6.16
N HIS A 44 2.44 3.55 5.55
CA HIS A 44 1.61 4.59 6.13
C HIS A 44 0.66 3.99 7.15
N ASN A 45 0.62 2.66 7.18
CA ASN A 45 -0.25 1.95 8.10
C ASN A 45 -1.64 1.81 7.49
N TRP A 46 -1.66 1.41 6.22
CA TRP A 46 -2.91 1.24 5.51
C TRP A 46 -3.67 2.56 5.55
N ASN A 47 -3.01 3.60 5.07
CA ASN A 47 -3.61 4.92 5.05
C ASN A 47 -3.67 5.44 3.61
N ILE A 48 -4.67 4.96 2.89
CA ILE A 48 -4.84 5.36 1.50
C ILE A 48 -4.56 6.86 1.37
N GLU A 49 -5.16 7.62 2.27
CA GLU A 49 -4.98 9.06 2.27
C GLU A 49 -3.50 9.42 2.18
N ALA A 50 -2.70 8.71 2.98
CA ALA A 50 -1.27 8.94 2.99
C ALA A 50 -0.62 8.19 1.83
N ALA A 51 -0.88 6.88 1.80
CA ALA A 51 -0.32 6.03 0.75
C ALA A 51 -0.51 6.71 -0.59
N VAL A 52 -1.74 7.12 -0.85
CA VAL A 52 -2.08 7.78 -2.11
C VAL A 52 -1.09 8.93 -2.34
N GLN A 53 -0.89 9.72 -1.29
CA GLN A 53 0.02 10.85 -1.36
C GLN A 53 1.44 10.38 -1.71
N ASP A 54 2.01 9.62 -0.78
CA ASP A 54 3.36 9.10 -0.97
C ASP A 54 3.44 8.43 -2.35
N ARG A 55 2.31 7.93 -2.80
CA ARG A 55 2.24 7.26 -4.09
C ARG A 55 2.35 8.29 -5.22
N LEU A 56 1.45 9.25 -5.19
CA LEU A 56 1.43 10.29 -6.21
C LEU A 56 2.68 11.16 -6.06
N ASN A 57 2.82 11.73 -4.87
CA ASN A 57 3.96 12.58 -4.58
C ASN A 57 5.23 11.96 -5.18
N GLU A 58 5.46 10.71 -4.80
CA GLU A 58 6.63 9.99 -5.28
C GLU A 58 6.48 9.67 -6.77
N GLN A 59 7.13 10.48 -7.58
CA GLN A 59 7.08 10.30 -9.02
C GLN A 59 8.42 10.68 -9.66
N GLU A 60 9.04 9.69 -10.28
CA GLU A 60 10.32 9.91 -10.94
C GLU A 60 10.12 10.35 -12.39
N GLY A 61 9.42 9.51 -13.14
CA GLY A 61 9.15 9.81 -14.54
C GLY A 61 8.48 8.61 -15.22
N SER A 62 8.50 8.65 -16.55
CA SER A 62 7.90 7.58 -17.34
C SER A 62 6.57 7.15 -16.71
N GLY A 63 5.54 7.93 -17.00
CA GLY A 63 4.22 7.64 -16.48
C GLY A 63 3.12 8.20 -17.40
N PRO A 64 1.91 7.59 -17.27
CA PRO A 64 0.79 8.03 -18.09
C PRO A 64 0.21 9.35 -17.57
N SER A 65 0.05 9.42 -16.27
CA SER A 65 -0.48 10.62 -15.64
C SER A 65 0.29 11.86 -16.15
N SER A 66 -0.33 13.02 -15.97
CA SER A 66 0.28 14.26 -16.39
C SER A 66 -0.13 15.39 -15.44
N GLY A 67 -1.44 15.58 -15.32
CA GLY A 67 -1.97 16.62 -14.46
C GLY A 67 -2.85 17.59 -15.25
N GLY A 1 -20.19 -14.20 9.69
CA GLY A 1 -20.37 -14.66 11.06
C GLY A 1 -21.86 -14.75 11.41
N SER A 2 -22.27 -15.94 11.83
CA SER A 2 -23.66 -16.17 12.19
C SER A 2 -23.92 -15.61 13.59
N SER A 3 -25.02 -14.88 13.71
CA SER A 3 -25.39 -14.29 14.99
C SER A 3 -24.27 -13.38 15.49
N GLY A 4 -24.61 -12.56 16.48
CA GLY A 4 -23.65 -11.64 17.05
C GLY A 4 -22.89 -12.29 18.22
N SER A 5 -21.82 -12.98 17.87
CA SER A 5 -21.01 -13.65 18.87
C SER A 5 -19.66 -14.05 18.27
N SER A 6 -18.61 -13.39 18.76
CA SER A 6 -17.27 -13.67 18.28
C SER A 6 -16.24 -13.08 19.24
N GLY A 7 -15.41 -13.95 19.78
CA GLY A 7 -14.38 -13.52 20.71
C GLY A 7 -13.19 -14.49 20.71
N ALA A 8 -12.21 -14.17 19.88
CA ALA A 8 -11.02 -15.00 19.76
C ALA A 8 -9.99 -14.30 18.88
N PRO A 9 -8.70 -14.68 19.08
CA PRO A 9 -7.63 -14.10 18.30
C PRO A 9 -7.60 -14.67 16.89
N GLU A 10 -6.85 -15.75 16.72
CA GLU A 10 -6.73 -16.40 15.43
C GLU A 10 -6.20 -15.41 14.39
N GLU A 11 -5.84 -15.95 13.23
CA GLU A 11 -5.31 -15.13 12.16
C GLU A 11 -5.16 -15.97 10.88
N ARG A 12 -5.67 -15.41 9.79
CA ARG A 12 -5.60 -16.10 8.51
C ARG A 12 -5.63 -15.08 7.36
N ASP A 13 -4.45 -14.74 6.87
CA ASP A 13 -4.33 -13.79 5.79
C ASP A 13 -4.96 -12.46 6.22
N LEU A 14 -4.64 -11.42 5.46
CA LEU A 14 -5.15 -10.10 5.74
C LEU A 14 -6.65 -10.19 6.03
N THR A 15 -7.19 -9.08 6.52
CA THR A 15 -8.61 -9.02 6.83
C THR A 15 -9.39 -8.37 5.69
N GLN A 16 -10.65 -8.77 5.57
CA GLN A 16 -11.51 -8.24 4.52
C GLN A 16 -11.28 -6.74 4.37
N GLU A 17 -11.53 -6.02 5.45
CA GLU A 17 -11.36 -4.57 5.45
C GLU A 17 -10.08 -4.19 4.69
N GLN A 18 -8.96 -4.65 5.23
CA GLN A 18 -7.68 -4.37 4.62
C GLN A 18 -7.73 -4.61 3.10
N THR A 19 -8.03 -5.85 2.76
CA THR A 19 -8.12 -6.24 1.36
C THR A 19 -8.84 -5.15 0.56
N GLU A 20 -10.04 -4.82 1.00
CA GLU A 20 -10.83 -3.80 0.34
C GLU A 20 -9.99 -2.56 0.07
N LYS A 21 -9.50 -1.97 1.16
CA LYS A 21 -8.67 -0.78 1.05
C LYS A 21 -7.71 -0.94 -0.12
N LEU A 22 -7.07 -2.09 -0.18
CA LEU A 22 -6.12 -2.39 -1.25
C LEU A 22 -6.79 -2.12 -2.60
N LEU A 23 -7.88 -2.85 -2.84
CA LEU A 23 -8.61 -2.70 -4.08
C LEU A 23 -8.68 -1.22 -4.45
N GLN A 24 -9.15 -0.43 -3.51
CA GLN A 24 -9.27 1.00 -3.72
C GLN A 24 -7.95 1.59 -4.22
N PHE A 25 -6.97 1.58 -3.34
CA PHE A 25 -5.65 2.10 -3.68
C PHE A 25 -5.20 1.60 -5.04
N GLN A 26 -5.15 0.27 -5.16
CA GLN A 26 -4.73 -0.35 -6.40
C GLN A 26 -5.38 0.35 -7.60
N ASP A 27 -6.70 0.36 -7.59
CA ASP A 27 -7.46 1.00 -8.66
C ASP A 27 -7.00 2.45 -8.80
N LEU A 28 -7.10 3.18 -7.70
CA LEU A 28 -6.70 4.58 -7.70
C LEU A 28 -5.32 4.70 -8.35
N THR A 29 -4.31 4.24 -7.63
CA THR A 29 -2.95 4.31 -8.13
C THR A 29 -2.85 3.67 -9.51
N GLY A 30 -2.99 2.35 -9.53
CA GLY A 30 -2.92 1.61 -10.78
C GLY A 30 -1.70 0.68 -10.80
N ILE A 31 -1.18 0.41 -9.62
CA ILE A 31 -0.02 -0.46 -9.49
C ILE A 31 -0.43 -1.90 -9.79
N GLU A 32 0.51 -2.63 -10.36
CA GLU A 32 0.26 -4.02 -10.72
C GLU A 32 0.65 -4.94 -9.57
N SER A 33 1.91 -4.85 -9.19
CA SER A 33 2.42 -5.67 -8.10
C SER A 33 1.69 -5.33 -6.79
N MET A 34 0.78 -6.21 -6.42
CA MET A 34 0.01 -6.01 -5.20
C MET A 34 0.92 -5.57 -4.05
N ASP A 35 2.05 -6.25 -3.92
CA ASP A 35 3.00 -5.94 -2.87
C ASP A 35 3.31 -4.44 -2.89
N GLN A 36 3.73 -3.98 -4.06
CA GLN A 36 4.06 -2.57 -4.22
C GLN A 36 2.97 -1.70 -3.58
N CYS A 37 1.74 -2.15 -3.73
CA CYS A 37 0.61 -1.41 -3.18
C CYS A 37 0.67 -1.51 -1.65
N ARG A 38 0.35 -2.70 -1.15
CA ARG A 38 0.36 -2.93 0.28
C ARG A 38 1.57 -2.26 0.92
N HIS A 39 2.63 -2.17 0.14
CA HIS A 39 3.86 -1.55 0.61
C HIS A 39 3.58 -0.09 1.01
N THR A 40 3.29 0.71 0.00
CA THR A 40 3.01 2.12 0.23
C THR A 40 1.97 2.27 1.34
N LEU A 41 1.07 1.31 1.42
CA LEU A 41 0.03 1.33 2.42
C LEU A 41 0.64 1.01 3.79
N GLU A 42 1.07 -0.23 3.93
CA GLU A 42 1.68 -0.68 5.17
C GLU A 42 2.56 0.42 5.76
N GLN A 43 3.40 0.98 4.90
CA GLN A 43 4.30 2.05 5.32
C GLN A 43 3.52 3.14 6.06
N HIS A 44 2.62 3.78 5.32
CA HIS A 44 1.80 4.84 5.88
C HIS A 44 0.85 4.26 6.92
N ASN A 45 0.80 2.93 6.96
CA ASN A 45 -0.06 2.24 7.91
C ASN A 45 -1.47 2.12 7.31
N TRP A 46 -1.53 1.47 6.16
CA TRP A 46 -2.80 1.27 5.48
C TRP A 46 -3.57 2.60 5.54
N ASN A 47 -2.99 3.60 4.92
CA ASN A 47 -3.60 4.92 4.89
C ASN A 47 -3.68 5.42 3.45
N ILE A 48 -4.64 4.87 2.72
CA ILE A 48 -4.83 5.24 1.32
C ILE A 48 -4.63 6.75 1.18
N GLU A 49 -5.31 7.49 2.04
CA GLU A 49 -5.22 8.94 2.01
C GLU A 49 -3.76 9.38 1.90
N ALA A 50 -2.92 8.73 2.69
CA ALA A 50 -1.50 9.04 2.70
C ALA A 50 -0.81 8.26 1.58
N ALA A 51 -0.95 6.95 1.63
CA ALA A 51 -0.35 6.09 0.64
C ALA A 51 -0.51 6.72 -0.74
N VAL A 52 -1.71 7.24 -0.99
CA VAL A 52 -2.00 7.87 -2.26
C VAL A 52 -1.10 9.10 -2.44
N GLN A 53 -1.07 9.92 -1.40
CA GLN A 53 -0.24 11.12 -1.42
C GLN A 53 1.24 10.75 -1.53
N ASP A 54 1.76 10.16 -0.47
CA ASP A 54 3.15 9.75 -0.43
C ASP A 54 3.53 9.13 -1.78
N ARG A 55 2.57 8.42 -2.36
CA ARG A 55 2.79 7.78 -3.64
C ARG A 55 2.98 8.82 -4.74
N LEU A 56 1.95 9.64 -4.93
CA LEU A 56 2.00 10.67 -5.94
C LEU A 56 3.09 11.70 -5.57
N ASN A 57 2.92 12.29 -4.40
CA ASN A 57 3.88 13.27 -3.92
C ASN A 57 5.30 12.80 -4.27
N GLU A 58 5.68 11.70 -3.66
CA GLU A 58 7.00 11.14 -3.89
C GLU A 58 7.06 10.45 -5.26
N GLN A 59 7.24 11.26 -6.29
CA GLN A 59 7.32 10.75 -7.65
C GLN A 59 8.27 9.56 -7.71
N GLU A 60 7.90 8.59 -8.55
CA GLU A 60 8.71 7.40 -8.70
C GLU A 60 9.33 7.36 -10.11
N GLY A 61 10.58 7.78 -10.18
CA GLY A 61 11.30 7.79 -11.45
C GLY A 61 10.45 8.46 -12.54
N SER A 62 10.18 7.69 -13.58
CA SER A 62 9.40 8.20 -14.70
C SER A 62 7.91 7.97 -14.44
N GLY A 63 7.15 9.05 -14.51
CA GLY A 63 5.72 8.98 -14.29
C GLY A 63 4.97 9.95 -15.21
N PRO A 64 4.82 9.53 -16.49
CA PRO A 64 4.12 10.37 -17.46
C PRO A 64 2.61 10.33 -17.24
N SER A 65 2.12 11.34 -16.55
CA SER A 65 0.71 11.44 -16.26
C SER A 65 0.33 12.89 -15.91
N SER A 66 0.15 13.69 -16.95
CA SER A 66 -0.19 15.09 -16.77
C SER A 66 -1.18 15.53 -17.84
N GLY A 67 -2.20 16.25 -17.41
CA GLY A 67 -3.22 16.74 -18.33
C GLY A 67 -3.63 18.18 -17.98
N GLY A 1 -0.16 10.49 25.51
CA GLY A 1 -0.46 9.27 24.76
C GLY A 1 0.22 8.05 25.40
N SER A 2 -0.38 6.90 25.16
CA SER A 2 0.15 5.65 25.71
C SER A 2 -0.15 4.49 24.76
N SER A 3 0.75 3.53 24.76
CA SER A 3 0.60 2.37 23.90
C SER A 3 0.59 2.79 22.43
N GLY A 4 0.74 1.80 21.56
CA GLY A 4 0.75 2.06 20.12
C GLY A 4 1.97 1.42 19.47
N SER A 5 1.83 0.14 19.15
CA SER A 5 2.91 -0.60 18.51
C SER A 5 2.44 -2.02 18.17
N SER A 6 2.98 -2.53 17.07
CA SER A 6 2.63 -3.85 16.61
C SER A 6 3.90 -4.67 16.35
N GLY A 7 3.73 -5.99 16.35
CA GLY A 7 4.84 -6.89 16.11
C GLY A 7 4.38 -8.35 16.12
N ALA A 8 3.68 -8.73 15.07
CA ALA A 8 3.18 -10.09 14.95
C ALA A 8 3.18 -10.50 13.47
N PRO A 9 4.31 -11.14 13.06
CA PRO A 9 4.45 -11.59 11.69
C PRO A 9 3.61 -12.84 11.43
N GLU A 10 2.30 -12.63 11.41
CA GLU A 10 1.37 -13.72 11.17
C GLU A 10 1.27 -14.01 9.67
N GLU A 11 1.55 -15.27 9.33
CA GLU A 11 1.49 -15.69 7.93
C GLU A 11 0.07 -16.09 7.57
N ARG A 12 -0.78 -15.08 7.41
CA ARG A 12 -2.17 -15.33 7.05
C ARG A 12 -2.69 -14.22 6.13
N ASP A 13 -3.54 -14.62 5.21
CA ASP A 13 -4.11 -13.68 4.26
C ASP A 13 -4.55 -12.42 5.00
N LEU A 14 -4.75 -11.35 4.24
CA LEU A 14 -5.17 -10.08 4.80
C LEU A 14 -6.63 -10.17 5.21
N THR A 15 -7.11 -9.11 5.84
CA THR A 15 -8.50 -9.05 6.29
C THR A 15 -9.35 -8.30 5.27
N GLN A 16 -10.63 -8.67 5.23
CA GLN A 16 -11.56 -8.05 4.31
C GLN A 16 -11.29 -6.55 4.22
N GLU A 17 -11.43 -5.88 5.35
CA GLU A 17 -11.21 -4.45 5.41
C GLU A 17 -9.94 -4.07 4.64
N GLN A 18 -8.82 -4.56 5.15
CA GLN A 18 -7.53 -4.29 4.52
C GLN A 18 -7.61 -4.55 3.02
N THR A 19 -7.91 -5.80 2.69
CA THR A 19 -8.01 -6.20 1.30
C THR A 19 -8.76 -5.13 0.49
N GLU A 20 -10.00 -4.89 0.88
CA GLU A 20 -10.81 -3.91 0.21
C GLU A 20 -10.01 -2.64 -0.06
N LYS A 21 -9.54 -2.02 1.02
CA LYS A 21 -8.76 -0.81 0.91
C LYS A 21 -7.78 -0.94 -0.27
N LEU A 22 -6.97 -1.98 -0.21
CA LEU A 22 -6.00 -2.23 -1.26
C LEU A 22 -6.65 -2.01 -2.63
N LEU A 23 -7.73 -2.76 -2.84
CA LEU A 23 -8.46 -2.66 -4.09
C LEU A 23 -8.59 -1.19 -4.50
N GLN A 24 -9.26 -0.43 -3.64
CA GLN A 24 -9.45 0.98 -3.89
C GLN A 24 -8.15 1.63 -4.34
N PHE A 25 -7.16 1.60 -3.44
CA PHE A 25 -5.86 2.18 -3.73
C PHE A 25 -5.32 1.65 -5.06
N GLN A 26 -5.45 0.35 -5.24
CA GLN A 26 -4.97 -0.29 -6.46
C GLN A 26 -5.67 0.31 -7.68
N ASP A 27 -6.95 0.55 -7.52
CA ASP A 27 -7.74 1.13 -8.61
C ASP A 27 -7.34 2.59 -8.80
N LEU A 28 -7.15 3.27 -7.69
CA LEU A 28 -6.77 4.68 -7.72
C LEU A 28 -5.41 4.81 -8.40
N THR A 29 -4.41 4.23 -7.76
CA THR A 29 -3.05 4.28 -8.29
C THR A 29 -3.00 3.66 -9.68
N GLY A 30 -3.09 2.33 -9.71
CA GLY A 30 -3.05 1.60 -10.96
C GLY A 30 -1.83 0.69 -11.03
N ILE A 31 -1.21 0.49 -9.88
CA ILE A 31 -0.04 -0.35 -9.79
C ILE A 31 -0.43 -1.80 -10.07
N GLU A 32 0.55 -2.58 -10.49
CA GLU A 32 0.32 -3.99 -10.80
C GLU A 32 0.78 -4.86 -9.64
N SER A 33 2.00 -4.60 -9.19
CA SER A 33 2.57 -5.36 -8.08
C SER A 33 1.89 -4.98 -6.77
N MET A 34 1.00 -5.86 -6.32
CA MET A 34 0.27 -5.62 -5.09
C MET A 34 1.21 -5.16 -3.97
N ASP A 35 2.33 -5.85 -3.87
CA ASP A 35 3.32 -5.52 -2.85
C ASP A 35 3.53 -4.00 -2.83
N GLN A 36 3.95 -3.48 -3.96
CA GLN A 36 4.19 -2.05 -4.09
C GLN A 36 3.06 -1.26 -3.42
N CYS A 37 1.84 -1.71 -3.67
CA CYS A 37 0.68 -1.06 -3.10
C CYS A 37 0.70 -1.26 -1.57
N ARG A 38 0.41 -2.47 -1.16
CA ARG A 38 0.40 -2.80 0.25
C ARG A 38 1.58 -2.14 0.96
N HIS A 39 2.67 -1.99 0.23
CA HIS A 39 3.87 -1.37 0.77
C HIS A 39 3.58 0.10 1.08
N THR A 40 3.20 0.83 0.05
CA THR A 40 2.90 2.24 0.21
C THR A 40 1.81 2.44 1.26
N LEU A 41 1.11 1.36 1.55
CA LEU A 41 0.04 1.40 2.53
C LEU A 41 0.61 1.04 3.91
N GLU A 42 1.04 -0.21 4.03
CA GLU A 42 1.60 -0.69 5.28
C GLU A 42 2.52 0.38 5.89
N GLN A 43 3.31 0.99 5.03
CA GLN A 43 4.24 2.02 5.46
C GLN A 43 3.48 3.14 6.17
N HIS A 44 2.34 3.50 5.60
CA HIS A 44 1.51 4.56 6.16
C HIS A 44 0.56 3.95 7.20
N ASN A 45 0.52 2.63 7.23
CA ASN A 45 -0.35 1.93 8.16
C ASN A 45 -1.73 1.72 7.51
N TRP A 46 -1.70 1.47 6.22
CA TRP A 46 -2.93 1.26 5.48
C TRP A 46 -3.73 2.57 5.49
N ASN A 47 -3.05 3.64 5.09
CA ASN A 47 -3.68 4.96 5.05
C ASN A 47 -3.72 5.45 3.61
N ILE A 48 -4.72 4.97 2.88
CA ILE A 48 -4.88 5.36 1.49
C ILE A 48 -4.62 6.85 1.35
N GLU A 49 -5.22 7.61 2.26
CA GLU A 49 -5.06 9.06 2.25
C GLU A 49 -3.58 9.43 2.15
N ALA A 50 -2.77 8.72 2.92
CA ALA A 50 -1.34 8.97 2.94
C ALA A 50 -0.69 8.20 1.80
N ALA A 51 -0.93 6.89 1.77
CA ALA A 51 -0.38 6.05 0.74
C ALA A 51 -0.58 6.70 -0.63
N VAL A 52 -1.81 7.11 -0.87
CA VAL A 52 -2.15 7.76 -2.13
C VAL A 52 -1.17 8.90 -2.39
N GLN A 53 -0.81 9.60 -1.32
CA GLN A 53 0.11 10.72 -1.42
C GLN A 53 1.53 10.20 -1.69
N ASP A 54 2.03 9.41 -0.75
CA ASP A 54 3.36 8.85 -0.87
C ASP A 54 3.49 8.15 -2.22
N ARG A 55 2.34 7.79 -2.79
CA ARG A 55 2.31 7.12 -4.07
C ARG A 55 2.52 8.12 -5.20
N LEU A 56 1.79 9.23 -5.11
CA LEU A 56 1.88 10.27 -6.12
C LEU A 56 3.22 10.98 -6.00
N ASN A 57 3.67 11.13 -4.76
CA ASN A 57 4.94 11.78 -4.48
C ASN A 57 5.99 11.27 -5.47
N GLU A 58 6.22 9.98 -5.43
CA GLU A 58 7.19 9.35 -6.31
C GLU A 58 6.51 8.85 -7.58
N GLN A 59 6.14 9.80 -8.44
CA GLN A 59 5.48 9.46 -9.68
C GLN A 59 6.52 9.26 -10.80
N GLU A 60 6.07 8.64 -11.87
CA GLU A 60 6.94 8.38 -13.01
C GLU A 60 6.61 9.34 -14.15
N GLY A 61 7.62 9.59 -14.99
CA GLY A 61 7.46 10.47 -16.12
C GLY A 61 8.59 10.29 -17.13
N SER A 62 8.49 11.02 -18.22
CA SER A 62 9.49 10.95 -19.27
C SER A 62 9.84 12.36 -19.77
N GLY A 63 8.81 13.08 -20.18
CA GLY A 63 8.99 14.42 -20.68
C GLY A 63 7.75 14.90 -21.44
N PRO A 64 6.70 15.27 -20.66
CA PRO A 64 5.46 15.75 -21.25
C PRO A 64 5.61 17.17 -21.78
N SER A 65 5.59 17.29 -23.10
CA SER A 65 5.73 18.58 -23.74
C SER A 65 4.91 18.60 -25.04
N SER A 66 4.41 19.79 -25.36
CA SER A 66 3.60 19.97 -26.55
C SER A 66 2.40 19.02 -26.53
N GLY A 67 1.27 19.57 -26.11
CA GLY A 67 0.05 18.79 -26.03
C GLY A 67 -1.12 19.65 -25.56
N GLY A 1 -11.57 -5.10 14.13
CA GLY A 1 -10.46 -4.30 14.61
C GLY A 1 -9.31 -4.29 13.60
N SER A 2 -9.21 -3.17 12.90
CA SER A 2 -8.17 -3.01 11.91
C SER A 2 -6.82 -2.72 12.59
N SER A 3 -6.09 -3.80 12.86
CA SER A 3 -4.80 -3.67 13.50
C SER A 3 -4.02 -4.98 13.37
N GLY A 4 -2.70 -4.84 13.27
CA GLY A 4 -1.84 -6.00 13.13
C GLY A 4 -1.38 -6.51 14.49
N SER A 5 -2.36 -6.95 15.28
CA SER A 5 -2.07 -7.46 16.61
C SER A 5 -3.25 -8.32 17.10
N SER A 6 -2.95 -9.60 17.29
CA SER A 6 -3.97 -10.54 17.75
C SER A 6 -3.35 -11.92 17.95
N GLY A 7 -3.78 -12.57 19.02
CA GLY A 7 -3.28 -13.90 19.34
C GLY A 7 -1.75 -13.91 19.39
N ALA A 8 -1.18 -15.00 18.92
CA ALA A 8 0.26 -15.16 18.91
C ALA A 8 0.81 -14.72 17.55
N PRO A 9 2.16 -14.62 17.48
CA PRO A 9 2.82 -14.22 16.24
C PRO A 9 2.82 -15.36 15.23
N GLU A 10 1.65 -15.61 14.66
CA GLU A 10 1.50 -16.67 13.68
C GLU A 10 1.36 -16.08 12.27
N GLU A 11 1.43 -14.76 12.22
CA GLU A 11 1.31 -14.06 10.94
C GLU A 11 -0.03 -14.40 10.28
N ARG A 12 -1.08 -13.77 10.78
CA ARG A 12 -2.41 -14.00 10.24
C ARG A 12 -2.59 -13.23 8.94
N ASP A 13 -3.33 -13.84 8.02
CA ASP A 13 -3.59 -13.23 6.72
C ASP A 13 -4.33 -11.91 6.93
N LEU A 14 -4.25 -11.05 5.92
CA LEU A 14 -4.90 -9.76 5.97
C LEU A 14 -6.38 -9.95 6.29
N THR A 15 -7.05 -8.84 6.58
CA THR A 15 -8.46 -8.88 6.91
C THR A 15 -9.28 -8.28 5.76
N GLN A 16 -10.55 -8.68 5.72
CA GLN A 16 -11.45 -8.19 4.69
C GLN A 16 -11.28 -6.68 4.51
N GLU A 17 -11.40 -5.96 5.61
CA GLU A 17 -11.26 -4.52 5.59
C GLU A 17 -10.01 -4.12 4.80
N GLN A 18 -8.87 -4.57 5.29
CA GLN A 18 -7.60 -4.26 4.64
C GLN A 18 -7.69 -4.56 3.14
N THR A 19 -8.01 -5.80 2.83
CA THR A 19 -8.14 -6.22 1.45
C THR A 19 -8.83 -5.13 0.62
N GLU A 20 -10.06 -4.83 1.02
CA GLU A 20 -10.84 -3.81 0.33
C GLU A 20 -9.99 -2.57 0.07
N LYS A 21 -9.50 -2.00 1.16
CA LYS A 21 -8.67 -0.80 1.07
C LYS A 21 -7.69 -0.96 -0.10
N LEU A 22 -7.06 -2.13 -0.15
CA LEU A 22 -6.10 -2.42 -1.20
C LEU A 22 -6.75 -2.16 -2.56
N LEU A 23 -7.82 -2.88 -2.82
CA LEU A 23 -8.54 -2.74 -4.08
C LEU A 23 -8.62 -1.26 -4.44
N GLN A 24 -9.04 -0.47 -3.47
CA GLN A 24 -9.17 0.97 -3.69
C GLN A 24 -7.85 1.55 -4.19
N PHE A 25 -6.86 1.53 -3.31
CA PHE A 25 -5.55 2.06 -3.66
C PHE A 25 -5.10 1.55 -5.03
N GLN A 26 -5.05 0.23 -5.16
CA GLN A 26 -4.64 -0.38 -6.41
C GLN A 26 -5.37 0.27 -7.58
N ASP A 27 -6.69 0.20 -7.54
CA ASP A 27 -7.51 0.78 -8.59
C ASP A 27 -7.11 2.24 -8.80
N LEU A 28 -6.98 2.96 -7.69
CA LEU A 28 -6.61 4.36 -7.74
C LEU A 28 -5.21 4.48 -8.35
N THR A 29 -4.21 4.19 -7.54
CA THR A 29 -2.84 4.26 -7.99
C THR A 29 -2.69 3.66 -9.38
N GLY A 30 -3.02 2.38 -9.48
CA GLY A 30 -2.93 1.67 -10.74
C GLY A 30 -1.72 0.74 -10.78
N ILE A 31 -1.07 0.63 -9.63
CA ILE A 31 0.10 -0.22 -9.51
C ILE A 31 -0.27 -1.66 -9.90
N GLU A 32 0.54 -2.22 -10.79
CA GLU A 32 0.31 -3.58 -11.24
C GLU A 32 0.77 -4.59 -10.19
N SER A 33 1.80 -4.18 -9.46
CA SER A 33 2.36 -5.04 -8.42
C SER A 33 1.57 -4.85 -7.11
N MET A 34 0.91 -5.92 -6.71
CA MET A 34 0.12 -5.88 -5.48
C MET A 34 0.99 -5.52 -4.28
N ASP A 35 2.07 -6.27 -4.12
CA ASP A 35 2.99 -6.03 -3.02
C ASP A 35 3.29 -4.52 -2.93
N GLN A 36 3.67 -3.96 -4.07
CA GLN A 36 3.99 -2.55 -4.14
C GLN A 36 2.88 -1.72 -3.50
N CYS A 37 1.65 -2.08 -3.84
CA CYS A 37 0.49 -1.38 -3.30
C CYS A 37 0.53 -1.47 -1.77
N ARG A 38 0.23 -2.67 -1.28
CA ARG A 38 0.22 -2.90 0.15
C ARG A 38 1.42 -2.21 0.81
N HIS A 39 2.55 -2.24 0.11
CA HIS A 39 3.77 -1.63 0.60
C HIS A 39 3.47 -0.19 1.02
N THR A 40 3.24 0.65 0.03
CA THR A 40 2.95 2.05 0.28
C THR A 40 1.94 2.19 1.43
N LEU A 41 0.91 1.36 1.38
CA LEU A 41 -0.12 1.38 2.39
C LEU A 41 0.51 1.04 3.75
N GLU A 42 0.91 -0.20 3.89
CA GLU A 42 1.53 -0.66 5.13
C GLU A 42 2.43 0.43 5.70
N GLN A 43 3.24 1.01 4.82
CA GLN A 43 4.16 2.06 5.23
C GLN A 43 3.41 3.15 5.99
N HIS A 44 2.46 3.77 5.30
CA HIS A 44 1.67 4.83 5.90
C HIS A 44 0.72 4.23 6.94
N ASN A 45 0.67 2.91 6.96
CA ASN A 45 -0.19 2.21 7.90
C ASN A 45 -1.59 2.09 7.31
N TRP A 46 -1.66 1.46 6.14
CA TRP A 46 -2.94 1.28 5.47
C TRP A 46 -3.69 2.60 5.52
N ASN A 47 -3.10 3.61 4.91
CA ASN A 47 -3.71 4.93 4.88
C ASN A 47 -3.72 5.45 3.44
N ILE A 48 -4.63 4.90 2.65
CA ILE A 48 -4.76 5.29 1.26
C ILE A 48 -4.60 6.81 1.14
N GLU A 49 -5.33 7.52 2.00
CA GLU A 49 -5.27 8.97 2.00
C GLU A 49 -3.83 9.45 1.96
N ALA A 50 -2.99 8.78 2.73
CA ALA A 50 -1.58 9.13 2.79
C ALA A 50 -0.83 8.36 1.70
N ALA A 51 -0.96 7.05 1.73
CA ALA A 51 -0.31 6.20 0.76
C ALA A 51 -0.47 6.82 -0.63
N VAL A 52 -1.67 7.31 -0.90
CA VAL A 52 -1.97 7.93 -2.18
C VAL A 52 -1.05 9.14 -2.38
N GLN A 53 -0.92 9.92 -1.33
CA GLN A 53 -0.08 11.11 -1.37
C GLN A 53 1.39 10.71 -1.51
N ASP A 54 1.91 10.12 -0.44
CA ASP A 54 3.30 9.68 -0.42
C ASP A 54 3.64 9.05 -1.77
N ARG A 55 2.63 8.46 -2.39
CA ARG A 55 2.82 7.81 -3.67
C ARG A 55 2.99 8.86 -4.77
N LEU A 56 1.99 9.72 -4.90
CA LEU A 56 2.03 10.77 -5.90
C LEU A 56 3.10 11.78 -5.54
N ASN A 57 2.97 12.35 -4.34
CA ASN A 57 3.93 13.32 -3.87
C ASN A 57 5.33 12.90 -4.28
N GLU A 58 5.74 11.75 -3.77
CA GLU A 58 7.07 11.23 -4.07
C GLU A 58 7.03 10.41 -5.37
N GLN A 59 7.19 11.11 -6.48
CA GLN A 59 7.17 10.46 -7.78
C GLN A 59 8.24 9.38 -7.85
N GLU A 60 9.48 9.80 -7.63
CA GLU A 60 10.60 8.87 -7.67
C GLU A 60 10.82 8.36 -9.10
N GLY A 61 12.04 8.54 -9.57
CA GLY A 61 12.39 8.10 -10.91
C GLY A 61 11.94 9.12 -11.97
N SER A 62 12.92 9.79 -12.55
CA SER A 62 12.63 10.80 -13.56
C SER A 62 13.90 11.10 -14.37
N GLY A 63 13.70 11.81 -15.46
CA GLY A 63 14.81 12.18 -16.33
C GLY A 63 15.77 13.14 -15.61
N PRO A 64 16.51 13.92 -16.44
CA PRO A 64 17.47 14.88 -15.92
C PRO A 64 16.74 16.10 -15.34
N SER A 65 16.16 15.91 -14.17
CA SER A 65 15.44 16.98 -13.50
C SER A 65 15.53 16.81 -11.99
N SER A 66 16.40 17.59 -11.38
CA SER A 66 16.60 17.53 -9.94
C SER A 66 17.08 16.14 -9.53
N GLY A 67 17.58 16.06 -8.30
CA GLY A 67 18.08 14.80 -7.78
C GLY A 67 16.93 13.82 -7.54
N GLY A 1 -14.89 -13.80 14.32
CA GLY A 1 -14.66 -13.80 12.89
C GLY A 1 -14.33 -12.39 12.39
N SER A 2 -15.36 -11.68 11.96
CA SER A 2 -15.19 -10.33 11.46
C SER A 2 -15.07 -9.35 12.63
N SER A 3 -13.97 -8.63 12.65
CA SER A 3 -13.72 -7.66 13.70
C SER A 3 -12.86 -6.51 13.16
N GLY A 4 -13.51 -5.39 12.93
CA GLY A 4 -12.82 -4.21 12.42
C GLY A 4 -11.60 -3.88 13.27
N SER A 5 -10.43 -4.11 12.70
CA SER A 5 -9.19 -3.84 13.40
C SER A 5 -8.13 -3.36 12.41
N SER A 6 -7.05 -2.80 12.97
CA SER A 6 -5.96 -2.31 12.15
C SER A 6 -4.64 -2.43 12.90
N GLY A 7 -3.60 -2.77 12.15
CA GLY A 7 -2.28 -2.93 12.74
C GLY A 7 -2.32 -3.86 13.94
N ALA A 8 -1.97 -5.11 13.71
CA ALA A 8 -1.97 -6.10 14.78
C ALA A 8 -1.34 -7.40 14.25
N PRO A 9 -0.79 -8.20 15.20
CA PRO A 9 -0.16 -9.46 14.86
C PRO A 9 -1.21 -10.52 14.53
N GLU A 10 -1.62 -10.54 13.27
CA GLU A 10 -2.61 -11.50 12.81
C GLU A 10 -1.96 -12.52 11.86
N GLU A 11 -2.67 -13.63 11.67
CA GLU A 11 -2.18 -14.68 10.80
C GLU A 11 -3.08 -14.81 9.58
N ARG A 12 -2.65 -15.65 8.65
CA ARG A 12 -3.41 -15.89 7.43
C ARG A 12 -3.48 -14.60 6.61
N ASP A 13 -3.93 -14.75 5.37
CA ASP A 13 -4.05 -13.62 4.47
C ASP A 13 -4.68 -12.44 5.22
N LEU A 14 -4.57 -11.26 4.62
CA LEU A 14 -5.13 -10.06 5.21
C LEU A 14 -6.62 -10.29 5.49
N THR A 15 -7.26 -9.22 5.97
CA THR A 15 -8.68 -9.29 6.27
C THR A 15 -9.50 -8.59 5.19
N GLN A 16 -10.73 -9.06 5.01
CA GLN A 16 -11.62 -8.49 4.02
C GLN A 16 -11.45 -6.96 3.97
N GLU A 17 -11.75 -6.34 5.11
CA GLU A 17 -11.65 -4.89 5.21
C GLU A 17 -10.34 -4.41 4.57
N GLN A 18 -9.24 -4.93 5.09
CA GLN A 18 -7.92 -4.56 4.59
C GLN A 18 -7.88 -4.71 3.07
N THR A 19 -8.05 -5.95 2.62
CA THR A 19 -8.03 -6.22 1.19
C THR A 19 -8.81 -5.16 0.42
N GLU A 20 -9.97 -4.80 0.96
CA GLU A 20 -10.81 -3.80 0.34
C GLU A 20 -10.04 -2.48 0.17
N LYS A 21 -9.36 -2.10 1.23
CA LYS A 21 -8.58 -0.87 1.22
C LYS A 21 -7.57 -0.93 0.06
N LEU A 22 -7.05 -2.13 -0.17
CA LEU A 22 -6.08 -2.33 -1.24
C LEU A 22 -6.74 -2.03 -2.58
N LEU A 23 -7.83 -2.74 -2.84
CA LEU A 23 -8.56 -2.56 -4.09
C LEU A 23 -8.64 -1.06 -4.41
N GLN A 24 -9.07 -0.30 -3.41
CA GLN A 24 -9.20 1.14 -3.57
C GLN A 24 -7.89 1.73 -4.09
N PHE A 25 -6.88 1.70 -3.24
CA PHE A 25 -5.57 2.22 -3.61
C PHE A 25 -5.14 1.71 -4.98
N GLN A 26 -5.07 0.40 -5.09
CA GLN A 26 -4.66 -0.22 -6.35
C GLN A 26 -5.31 0.50 -7.52
N ASP A 27 -6.63 0.54 -7.50
CA ASP A 27 -7.38 1.20 -8.56
C ASP A 27 -6.90 2.65 -8.70
N LEU A 28 -6.98 3.37 -7.58
CA LEU A 28 -6.56 4.76 -7.57
C LEU A 28 -5.16 4.87 -8.17
N THR A 29 -4.19 4.34 -7.44
CA THR A 29 -2.81 4.36 -7.90
C THR A 29 -2.70 3.82 -9.31
N GLY A 30 -2.88 2.50 -9.43
CA GLY A 30 -2.80 1.84 -10.71
C GLY A 30 -1.61 0.87 -10.76
N ILE A 31 -1.05 0.62 -9.59
CA ILE A 31 0.08 -0.28 -9.48
C ILE A 31 -0.38 -1.71 -9.76
N GLU A 32 0.53 -2.49 -10.32
CA GLU A 32 0.23 -3.88 -10.65
C GLU A 32 0.64 -4.79 -9.49
N SER A 33 1.92 -4.72 -9.16
CA SER A 33 2.45 -5.54 -8.08
C SER A 33 1.77 -5.17 -6.76
N MET A 34 0.90 -6.07 -6.31
CA MET A 34 0.18 -5.85 -5.08
C MET A 34 1.12 -5.44 -3.95
N ASP A 35 2.26 -6.12 -3.91
CA ASP A 35 3.27 -5.83 -2.89
C ASP A 35 3.54 -4.32 -2.86
N GLN A 36 3.79 -3.78 -4.04
CA GLN A 36 4.08 -2.36 -4.15
C GLN A 36 2.97 -1.54 -3.48
N CYS A 37 1.74 -1.98 -3.70
CA CYS A 37 0.59 -1.30 -3.12
C CYS A 37 0.66 -1.44 -1.60
N ARG A 38 0.37 -2.63 -1.12
CA ARG A 38 0.40 -2.91 0.30
C ARG A 38 1.59 -2.19 0.95
N HIS A 39 2.67 -2.11 0.18
CA HIS A 39 3.87 -1.46 0.68
C HIS A 39 3.57 0.00 1.03
N THR A 40 3.22 0.76 -0.01
CA THR A 40 2.91 2.16 0.18
C THR A 40 1.89 2.34 1.31
N LEU A 41 0.98 1.38 1.40
CA LEU A 41 -0.03 1.42 2.43
C LEU A 41 0.60 1.11 3.79
N GLU A 42 1.00 -0.14 3.95
CA GLU A 42 1.62 -0.58 5.18
C GLU A 42 2.56 0.51 5.73
N GLN A 43 3.32 1.10 4.81
CA GLN A 43 4.25 2.16 5.18
C GLN A 43 3.52 3.26 5.96
N HIS A 44 2.55 3.86 5.30
CA HIS A 44 1.77 4.93 5.91
C HIS A 44 0.85 4.34 6.99
N ASN A 45 0.81 3.02 7.01
CA ASN A 45 -0.02 2.33 7.98
C ASN A 45 -1.44 2.17 7.43
N TRP A 46 -1.53 1.54 6.27
CA TRP A 46 -2.81 1.33 5.62
C TRP A 46 -3.59 2.64 5.68
N ASN A 47 -3.01 3.66 5.06
CA ASN A 47 -3.64 4.98 5.04
C ASN A 47 -3.71 5.47 3.59
N ILE A 48 -4.67 4.91 2.86
CA ILE A 48 -4.86 5.29 1.47
C ILE A 48 -4.65 6.80 1.31
N GLU A 49 -5.34 7.54 2.16
CA GLU A 49 -5.24 8.99 2.13
C GLU A 49 -3.77 9.42 2.03
N ALA A 50 -2.95 8.80 2.87
CA ALA A 50 -1.53 9.11 2.89
C ALA A 50 -0.83 8.33 1.77
N ALA A 51 -1.00 7.02 1.80
CA ALA A 51 -0.39 6.17 0.80
C ALA A 51 -0.55 6.81 -0.58
N VAL A 52 -1.77 7.22 -0.87
CA VAL A 52 -2.07 7.85 -2.15
C VAL A 52 -1.07 8.99 -2.39
N GLN A 53 -0.85 9.78 -1.34
CA GLN A 53 0.07 10.89 -1.43
C GLN A 53 1.49 10.39 -1.68
N ASP A 54 1.99 9.61 -0.72
CA ASP A 54 3.32 9.07 -0.82
C ASP A 54 3.49 8.38 -2.19
N ARG A 55 2.36 7.99 -2.75
CA ARG A 55 2.37 7.32 -4.04
C ARG A 55 2.54 8.34 -5.17
N LEU A 56 1.63 9.31 -5.19
CA LEU A 56 1.67 10.35 -6.20
C LEU A 56 2.91 11.21 -5.99
N ASN A 57 3.01 11.78 -4.79
CA ASN A 57 4.14 12.63 -4.46
C ASN A 57 5.42 12.01 -5.02
N GLU A 58 5.64 10.75 -4.67
CA GLU A 58 6.81 10.04 -5.13
C GLU A 58 8.06 10.91 -4.94
N GLN A 59 8.40 11.15 -3.68
CA GLN A 59 9.57 11.94 -3.35
C GLN A 59 10.85 11.16 -3.62
N GLU A 60 11.68 11.72 -4.48
CA GLU A 60 12.94 11.09 -4.83
C GLU A 60 12.72 9.61 -5.16
N GLY A 61 12.42 9.36 -6.42
CA GLY A 61 12.18 8.00 -6.88
C GLY A 61 11.86 7.98 -8.38
N SER A 62 12.76 7.40 -9.14
CA SER A 62 12.59 7.30 -10.58
C SER A 62 12.73 5.85 -11.02
N GLY A 63 12.00 5.51 -12.07
CA GLY A 63 12.04 4.15 -12.60
C GLY A 63 10.99 3.96 -13.70
N PRO A 64 11.46 4.07 -14.98
CA PRO A 64 10.58 3.92 -16.12
C PRO A 64 10.21 2.45 -16.33
N SER A 65 9.20 2.23 -17.16
CA SER A 65 8.74 0.88 -17.46
C SER A 65 7.55 0.94 -18.42
N SER A 66 7.87 1.00 -19.70
CA SER A 66 6.84 1.06 -20.73
C SER A 66 7.49 1.05 -22.11
N GLY A 67 6.64 0.83 -23.12
CA GLY A 67 7.11 0.78 -24.49
C GLY A 67 7.86 -0.51 -24.78
N GLY A 1 -11.02 -11.52 25.13
CA GLY A 1 -11.19 -12.62 24.20
C GLY A 1 -10.89 -12.18 22.76
N SER A 2 -11.74 -11.28 22.27
CA SER A 2 -11.57 -10.77 20.92
C SER A 2 -11.12 -9.31 20.96
N SER A 3 -10.43 -8.91 19.90
CA SER A 3 -9.93 -7.55 19.81
C SER A 3 -9.45 -7.27 18.39
N GLY A 4 -10.08 -6.27 17.77
CA GLY A 4 -9.74 -5.88 16.42
C GLY A 4 -10.51 -6.71 15.39
N SER A 5 -11.80 -6.44 15.33
CA SER A 5 -12.68 -7.15 14.39
C SER A 5 -12.88 -8.60 14.87
N SER A 6 -11.76 -9.32 14.96
CA SER A 6 -11.80 -10.70 15.40
C SER A 6 -10.41 -11.16 15.83
N GLY A 7 -10.38 -11.90 16.92
CA GLY A 7 -9.11 -12.41 17.44
C GLY A 7 -8.70 -13.69 16.72
N ALA A 8 -7.43 -13.72 16.33
CA ALA A 8 -6.90 -14.87 15.63
C ALA A 8 -5.84 -15.56 16.51
N PRO A 9 -5.64 -16.87 16.26
CA PRO A 9 -4.67 -17.65 17.01
C PRO A 9 -3.25 -17.31 16.56
N GLU A 10 -2.76 -16.18 17.04
CA GLU A 10 -1.41 -15.74 16.70
C GLU A 10 -1.27 -15.62 15.18
N GLU A 11 -0.14 -15.05 14.77
CA GLU A 11 0.13 -14.87 13.36
C GLU A 11 -0.89 -13.92 12.73
N ARG A 12 -0.47 -12.68 12.53
CA ARG A 12 -1.33 -11.68 11.95
C ARG A 12 -1.78 -12.12 10.55
N ASP A 13 -2.77 -11.40 10.04
CA ASP A 13 -3.30 -11.71 8.71
C ASP A 13 -4.30 -10.62 8.31
N LEU A 14 -4.36 -10.37 7.01
CA LEU A 14 -5.26 -9.37 6.48
C LEU A 14 -6.70 -9.88 6.57
N THR A 15 -7.63 -8.94 6.68
CA THR A 15 -9.04 -9.28 6.77
C THR A 15 -9.79 -8.78 5.54
N GLN A 16 -11.04 -9.21 5.43
CA GLN A 16 -11.88 -8.81 4.30
C GLN A 16 -11.93 -7.29 4.20
N GLU A 17 -11.58 -6.63 5.30
CA GLU A 17 -11.59 -5.18 5.34
C GLU A 17 -10.32 -4.62 4.68
N GLN A 18 -9.19 -4.98 5.26
CA GLN A 18 -7.91 -4.52 4.74
C GLN A 18 -7.87 -4.69 3.21
N THR A 19 -8.13 -5.90 2.77
CA THR A 19 -8.13 -6.20 1.34
C THR A 19 -8.87 -5.10 0.57
N GLU A 20 -10.11 -4.87 0.98
CA GLU A 20 -10.92 -3.85 0.33
C GLU A 20 -10.10 -2.57 0.11
N LYS A 21 -9.61 -2.02 1.21
CA LYS A 21 -8.81 -0.80 1.14
C LYS A 21 -7.81 -0.93 0.00
N LEU A 22 -7.17 -2.09 -0.07
CA LEU A 22 -6.19 -2.35 -1.11
C LEU A 22 -6.82 -2.11 -2.48
N LEU A 23 -7.88 -2.85 -2.75
CA LEU A 23 -8.58 -2.73 -4.00
C LEU A 23 -8.67 -1.25 -4.40
N GLN A 24 -9.12 -0.45 -3.45
CA GLN A 24 -9.26 0.98 -3.67
C GLN A 24 -7.95 1.56 -4.21
N PHE A 25 -6.94 1.55 -3.36
CA PHE A 25 -5.64 2.07 -3.74
C PHE A 25 -5.21 1.52 -5.10
N GLN A 26 -5.26 0.20 -5.22
CA GLN A 26 -4.88 -0.46 -6.45
C GLN A 26 -5.66 0.13 -7.63
N ASP A 27 -6.94 0.37 -7.39
CA ASP A 27 -7.80 0.92 -8.42
C ASP A 27 -7.44 2.39 -8.64
N LEU A 28 -7.09 3.05 -7.56
CA LEU A 28 -6.72 4.45 -7.62
C LEU A 28 -5.38 4.59 -8.33
N THR A 29 -4.35 4.03 -7.72
CA THR A 29 -3.01 4.08 -8.29
C THR A 29 -2.98 3.35 -9.64
N GLY A 30 -3.06 2.02 -9.56
CA GLY A 30 -3.04 1.20 -10.76
C GLY A 30 -1.78 0.33 -10.81
N ILE A 31 -1.14 0.22 -9.65
CA ILE A 31 0.07 -0.58 -9.54
C ILE A 31 -0.28 -2.06 -9.71
N GLU A 32 0.42 -2.70 -10.62
CA GLU A 32 0.20 -4.12 -10.89
C GLU A 32 0.67 -4.96 -9.71
N SER A 33 1.92 -4.73 -9.32
CA SER A 33 2.51 -5.45 -8.21
C SER A 33 1.75 -5.15 -6.92
N MET A 34 1.09 -6.17 -6.41
CA MET A 34 0.32 -6.02 -5.18
C MET A 34 1.21 -5.57 -4.02
N ASP A 35 2.33 -6.26 -3.87
CA ASP A 35 3.28 -5.93 -2.82
C ASP A 35 3.58 -4.43 -2.85
N GLN A 36 3.75 -3.92 -4.07
CA GLN A 36 4.05 -2.52 -4.26
C GLN A 36 2.93 -1.66 -3.68
N CYS A 37 1.72 -2.20 -3.73
CA CYS A 37 0.56 -1.50 -3.21
C CYS A 37 0.59 -1.56 -1.68
N ARG A 38 0.28 -2.74 -1.17
CA ARG A 38 0.28 -2.96 0.27
C ARG A 38 1.45 -2.23 0.92
N HIS A 39 2.54 -2.13 0.16
CA HIS A 39 3.74 -1.47 0.64
C HIS A 39 3.42 0.00 0.96
N THR A 40 3.17 0.77 -0.09
CA THR A 40 2.86 2.17 0.07
C THR A 40 1.83 2.37 1.18
N LEU A 41 0.96 1.37 1.31
CA LEU A 41 -0.09 1.43 2.32
C LEU A 41 0.53 1.11 3.69
N GLU A 42 0.90 -0.15 3.86
CA GLU A 42 1.50 -0.58 5.11
C GLU A 42 2.43 0.50 5.67
N GLN A 43 3.23 1.06 4.76
CA GLN A 43 4.17 2.10 5.14
C GLN A 43 3.46 3.18 5.97
N HIS A 44 2.54 3.88 5.31
CA HIS A 44 1.79 4.93 5.97
C HIS A 44 0.85 4.32 7.01
N ASN A 45 0.75 3.00 6.96
CA ASN A 45 -0.12 2.29 7.89
C ASN A 45 -1.52 2.18 7.29
N TRP A 46 -1.59 1.54 6.13
CA TRP A 46 -2.86 1.37 5.45
C TRP A 46 -3.61 2.70 5.48
N ASN A 47 -3.01 3.70 4.85
CA ASN A 47 -3.60 5.02 4.81
C ASN A 47 -3.63 5.52 3.37
N ILE A 48 -4.58 4.99 2.61
CA ILE A 48 -4.72 5.37 1.21
C ILE A 48 -4.48 6.87 1.08
N GLU A 49 -5.19 7.63 1.90
CA GLU A 49 -5.07 9.08 1.88
C GLU A 49 -3.59 9.49 1.84
N ALA A 50 -2.81 8.81 2.66
CA ALA A 50 -1.38 9.09 2.73
C ALA A 50 -0.67 8.32 1.62
N ALA A 51 -0.82 7.01 1.63
CA ALA A 51 -0.20 6.16 0.64
C ALA A 51 -0.32 6.82 -0.74
N VAL A 52 -1.52 7.29 -1.02
CA VAL A 52 -1.79 7.95 -2.30
C VAL A 52 -0.88 9.17 -2.43
N GLN A 53 -0.82 9.94 -1.36
CA GLN A 53 0.01 11.13 -1.35
C GLN A 53 1.49 10.76 -1.44
N ASP A 54 1.97 10.09 -0.40
CA ASP A 54 3.36 9.67 -0.36
C ASP A 54 3.75 9.05 -1.71
N ARG A 55 2.74 8.53 -2.39
CA ARG A 55 2.95 7.91 -3.69
C ARG A 55 3.12 8.99 -4.77
N LEU A 56 2.08 9.80 -4.90
CA LEU A 56 2.10 10.87 -5.89
C LEU A 56 3.16 11.90 -5.51
N ASN A 57 3.00 12.45 -4.32
CA ASN A 57 3.95 13.45 -3.83
C ASN A 57 5.37 13.03 -4.20
N GLU A 58 5.78 11.90 -3.65
CA GLU A 58 7.11 11.38 -3.92
C GLU A 58 7.20 10.84 -5.35
N GLN A 59 7.86 11.60 -6.20
CA GLN A 59 8.02 11.22 -7.59
C GLN A 59 6.68 11.30 -8.32
N GLU A 60 6.70 12.00 -9.45
CA GLU A 60 5.48 12.15 -10.24
C GLU A 60 5.84 12.30 -11.72
N GLY A 61 5.21 11.48 -12.54
CA GLY A 61 5.45 11.52 -13.97
C GLY A 61 4.55 12.54 -14.66
N SER A 62 4.81 13.81 -14.35
CA SER A 62 4.04 14.89 -14.92
C SER A 62 4.79 16.21 -14.77
N GLY A 63 4.40 17.18 -15.57
CA GLY A 63 5.03 18.49 -15.55
C GLY A 63 5.03 19.06 -14.13
N PRO A 64 5.74 20.20 -13.96
CA PRO A 64 5.83 20.86 -12.67
C PRO A 64 4.53 21.59 -12.34
N SER A 65 4.06 21.39 -11.11
CA SER A 65 2.83 22.01 -10.66
C SER A 65 3.16 23.12 -9.66
N SER A 66 2.55 24.28 -9.89
CA SER A 66 2.76 25.42 -9.01
C SER A 66 1.55 25.61 -8.09
N GLY A 67 1.85 25.95 -6.84
CA GLY A 67 0.80 26.17 -5.87
C GLY A 67 0.95 27.52 -5.17
N GLY A 1 -23.46 -16.55 8.84
CA GLY A 1 -22.68 -17.00 9.98
C GLY A 1 -21.91 -18.28 9.65
N SER A 2 -20.71 -18.09 9.10
CA SER A 2 -19.88 -19.22 8.74
C SER A 2 -18.47 -19.03 9.31
N SER A 3 -17.73 -20.12 9.35
CA SER A 3 -16.37 -20.10 9.87
C SER A 3 -15.37 -20.16 8.72
N GLY A 4 -15.47 -21.23 7.94
CA GLY A 4 -14.57 -21.41 6.81
C GLY A 4 -13.11 -21.26 7.23
N SER A 5 -12.66 -22.17 8.08
CA SER A 5 -11.29 -22.14 8.55
C SER A 5 -11.00 -23.38 9.41
N SER A 6 -9.73 -23.68 9.53
CA SER A 6 -9.31 -24.84 10.31
C SER A 6 -7.82 -24.73 10.65
N GLY A 7 -7.01 -24.67 9.61
CA GLY A 7 -5.57 -24.56 9.78
C GLY A 7 -4.84 -24.59 8.44
N ALA A 8 -4.68 -23.41 7.86
CA ALA A 8 -4.02 -23.29 6.58
C ALA A 8 -3.19 -21.99 6.56
N PRO A 9 -1.88 -22.14 6.93
CA PRO A 9 -0.99 -20.99 6.95
C PRO A 9 -0.58 -20.59 5.54
N GLU A 10 -1.57 -20.16 4.77
CA GLU A 10 -1.32 -19.75 3.40
C GLU A 10 -1.02 -18.25 3.35
N GLU A 11 0.13 -17.93 2.75
CA GLU A 11 0.55 -16.54 2.63
C GLU A 11 -0.66 -15.65 2.31
N ARG A 12 -0.56 -14.40 2.74
CA ARG A 12 -1.63 -13.45 2.49
C ARG A 12 -2.91 -13.89 3.20
N ASP A 13 -3.30 -13.12 4.21
CA ASP A 13 -4.49 -13.42 4.97
C ASP A 13 -5.22 -12.13 5.33
N LEU A 14 -4.84 -11.06 4.61
CA LEU A 14 -5.44 -9.76 4.85
C LEU A 14 -6.94 -9.93 5.11
N THR A 15 -7.49 -8.98 5.84
CA THR A 15 -8.90 -9.01 6.17
C THR A 15 -9.70 -8.14 5.19
N GLN A 16 -10.99 -8.41 5.13
CA GLN A 16 -11.87 -7.67 4.24
C GLN A 16 -11.48 -6.20 4.21
N GLU A 17 -11.48 -5.59 5.39
CA GLU A 17 -11.13 -4.20 5.52
C GLU A 17 -9.87 -3.89 4.72
N GLN A 18 -8.78 -4.58 5.08
CA GLN A 18 -7.52 -4.39 4.40
C GLN A 18 -7.66 -4.69 2.91
N THR A 19 -8.06 -5.92 2.62
CA THR A 19 -8.24 -6.36 1.25
C THR A 19 -8.93 -5.26 0.43
N GLU A 20 -10.14 -4.92 0.86
CA GLU A 20 -10.91 -3.89 0.18
C GLU A 20 -10.05 -2.65 -0.06
N LYS A 21 -9.58 -2.08 1.04
CA LYS A 21 -8.74 -0.89 0.97
C LYS A 21 -7.77 -1.03 -0.20
N LEU A 22 -7.11 -2.17 -0.26
CA LEU A 22 -6.16 -2.45 -1.32
C LEU A 22 -6.81 -2.15 -2.67
N LEU A 23 -7.88 -2.88 -2.94
CA LEU A 23 -8.61 -2.71 -4.19
C LEU A 23 -8.69 -1.21 -4.53
N GLN A 24 -9.14 -0.44 -3.55
CA GLN A 24 -9.27 1.00 -3.73
C GLN A 24 -7.95 1.59 -4.22
N PHE A 25 -6.96 1.56 -3.34
CA PHE A 25 -5.66 2.09 -3.67
C PHE A 25 -5.16 1.54 -5.02
N GLN A 26 -5.19 0.22 -5.13
CA GLN A 26 -4.77 -0.44 -6.35
C GLN A 26 -5.47 0.17 -7.56
N ASP A 27 -6.74 0.49 -7.37
CA ASP A 27 -7.53 1.07 -8.44
C ASP A 27 -7.10 2.52 -8.65
N LEU A 28 -7.03 3.26 -7.55
CA LEU A 28 -6.64 4.66 -7.60
C LEU A 28 -5.25 4.76 -8.25
N THR A 29 -4.27 4.20 -7.57
CA THR A 29 -2.91 4.21 -8.08
C THR A 29 -2.83 3.53 -9.44
N GLY A 30 -3.02 2.22 -9.43
CA GLY A 30 -2.97 1.45 -10.66
C GLY A 30 -1.71 0.58 -10.71
N ILE A 31 -1.19 0.28 -9.53
CA ILE A 31 0.00 -0.55 -9.43
C ILE A 31 -0.37 -2.01 -9.69
N GLU A 32 0.46 -2.65 -10.51
CA GLU A 32 0.24 -4.04 -10.86
C GLU A 32 0.61 -4.95 -9.68
N SER A 33 1.87 -4.88 -9.29
CA SER A 33 2.36 -5.69 -8.18
C SER A 33 1.66 -5.27 -6.88
N MET A 34 0.83 -6.16 -6.38
CA MET A 34 0.10 -5.90 -5.15
C MET A 34 1.05 -5.54 -4.01
N ASP A 35 2.19 -6.23 -3.99
CA ASP A 35 3.18 -5.98 -2.96
C ASP A 35 3.48 -4.48 -2.88
N GLN A 36 3.73 -3.90 -4.04
CA GLN A 36 4.02 -2.48 -4.12
C GLN A 36 2.92 -1.67 -3.43
N CYS A 37 1.68 -2.07 -3.68
CA CYS A 37 0.54 -1.40 -3.09
C CYS A 37 0.64 -1.53 -1.56
N ARG A 38 0.37 -2.73 -1.09
CA ARG A 38 0.43 -3.00 0.35
C ARG A 38 1.61 -2.26 0.98
N HIS A 39 2.68 -2.14 0.20
CA HIS A 39 3.87 -1.45 0.66
C HIS A 39 3.53 -0.01 1.04
N THR A 40 3.23 0.79 0.02
CA THR A 40 2.89 2.18 0.23
C THR A 40 1.87 2.31 1.37
N LEU A 41 0.98 1.33 1.44
CA LEU A 41 -0.04 1.33 2.46
C LEU A 41 0.60 1.02 3.82
N GLU A 42 1.04 -0.22 3.96
CA GLU A 42 1.67 -0.65 5.20
C GLU A 42 2.55 0.46 5.75
N GLN A 43 3.37 1.04 4.87
CA GLN A 43 4.27 2.10 5.25
C GLN A 43 3.51 3.19 6.02
N HIS A 44 2.58 3.82 5.32
CA HIS A 44 1.78 4.87 5.92
C HIS A 44 0.84 4.27 6.97
N ASN A 45 0.79 2.95 6.97
CA ASN A 45 -0.06 2.25 7.92
C ASN A 45 -1.47 2.13 7.34
N TRP A 46 -1.55 1.46 6.19
CA TRP A 46 -2.83 1.28 5.53
C TRP A 46 -3.60 2.60 5.60
N ASN A 47 -3.01 3.61 4.97
CA ASN A 47 -3.62 4.93 4.95
C ASN A 47 -3.69 5.44 3.51
N ILE A 48 -4.64 4.88 2.77
CA ILE A 48 -4.81 5.26 1.38
C ILE A 48 -4.63 6.78 1.24
N GLU A 49 -5.31 7.51 2.11
CA GLU A 49 -5.23 8.96 2.09
C GLU A 49 -3.76 9.41 2.01
N ALA A 50 -2.94 8.77 2.83
CA ALA A 50 -1.52 9.10 2.85
C ALA A 50 -0.81 8.34 1.73
N ALA A 51 -0.95 7.02 1.77
CA ALA A 51 -0.33 6.17 0.76
C ALA A 51 -0.50 6.80 -0.62
N VAL A 52 -1.72 7.26 -0.88
CA VAL A 52 -2.04 7.89 -2.15
C VAL A 52 -1.08 9.06 -2.38
N GLN A 53 -0.90 9.85 -1.33
CA GLN A 53 -0.02 11.01 -1.42
C GLN A 53 1.43 10.55 -1.61
N ASP A 54 1.96 9.93 -0.56
CA ASP A 54 3.33 9.45 -0.60
C ASP A 54 3.61 8.82 -1.97
N ARG A 55 2.55 8.30 -2.57
CA ARG A 55 2.67 7.67 -3.86
C ARG A 55 2.80 8.73 -4.96
N LEU A 56 1.79 9.59 -5.03
CA LEU A 56 1.79 10.65 -6.03
C LEU A 56 2.87 11.68 -5.66
N ASN A 57 2.69 12.29 -4.49
CA ASN A 57 3.63 13.29 -4.03
C ASN A 57 5.06 12.85 -4.37
N GLU A 58 5.37 11.62 -4.00
CA GLU A 58 6.69 11.07 -4.27
C GLU A 58 7.78 12.10 -3.95
N GLN A 59 7.91 12.39 -2.67
CA GLN A 59 8.90 13.36 -2.22
C GLN A 59 10.08 12.64 -1.55
N GLU A 60 10.86 11.95 -2.38
CA GLU A 60 12.01 11.22 -1.89
C GLU A 60 13.26 12.09 -1.97
N GLY A 61 13.62 12.44 -3.19
CA GLY A 61 14.79 13.27 -3.43
C GLY A 61 16.07 12.52 -3.07
N SER A 62 17.06 12.63 -3.95
CA SER A 62 18.33 11.96 -3.74
C SER A 62 19.43 12.69 -4.50
N GLY A 63 20.67 12.38 -4.15
CA GLY A 63 21.82 12.99 -4.79
C GLY A 63 23.01 13.06 -3.83
N PRO A 64 23.65 11.88 -3.62
CA PRO A 64 24.79 11.80 -2.73
C PRO A 64 26.04 12.40 -3.39
N SER A 65 27.09 12.54 -2.59
CA SER A 65 28.33 13.08 -3.08
C SER A 65 29.51 12.49 -2.30
N SER A 66 30.09 11.44 -2.87
CA SER A 66 31.22 10.77 -2.26
C SER A 66 32.53 11.37 -2.76
N GLY A 67 33.53 11.35 -1.89
CA GLY A 67 34.84 11.88 -2.23
C GLY A 67 35.90 11.42 -1.25
N GLY A 1 23.66 -11.44 2.43
CA GLY A 1 22.21 -11.58 2.32
C GLY A 1 21.63 -10.50 1.40
N SER A 2 21.58 -10.83 0.11
CA SER A 2 21.05 -9.91 -0.87
C SER A 2 20.11 -10.65 -1.83
N SER A 3 18.83 -10.59 -1.52
CA SER A 3 17.82 -11.24 -2.34
C SER A 3 16.44 -10.73 -1.97
N GLY A 4 15.52 -10.89 -2.91
CA GLY A 4 14.15 -10.44 -2.72
C GLY A 4 13.29 -11.55 -2.09
N SER A 5 12.64 -11.22 -0.99
CA SER A 5 11.80 -12.17 -0.29
C SER A 5 10.85 -11.44 0.66
N SER A 6 9.60 -11.86 0.63
CA SER A 6 8.59 -11.25 1.48
C SER A 6 8.68 -11.83 2.90
N GLY A 7 7.90 -11.24 3.79
CA GLY A 7 7.89 -11.69 5.18
C GLY A 7 6.48 -12.16 5.58
N ALA A 8 6.38 -13.46 5.82
CA ALA A 8 5.12 -14.05 6.22
C ALA A 8 5.28 -15.56 6.33
N PRO A 9 5.59 -16.02 7.58
CA PRO A 9 5.76 -17.44 7.83
C PRO A 9 4.42 -18.17 7.87
N GLU A 10 3.69 -18.03 6.77
CA GLU A 10 2.39 -18.67 6.65
C GLU A 10 1.49 -18.25 7.81
N GLU A 11 0.21 -18.59 7.68
CA GLU A 11 -0.76 -18.27 8.71
C GLU A 11 -0.89 -16.74 8.85
N ARG A 12 -2.04 -16.33 9.37
CA ARG A 12 -2.31 -14.91 9.56
C ARG A 12 -2.20 -14.18 8.22
N ASP A 13 -3.36 -13.88 7.66
CA ASP A 13 -3.42 -13.19 6.38
C ASP A 13 -4.25 -11.91 6.54
N LEU A 14 -4.08 -11.01 5.59
CA LEU A 14 -4.79 -9.74 5.62
C LEU A 14 -6.28 -10.02 5.85
N THR A 15 -7.00 -8.97 6.22
CA THR A 15 -8.42 -9.09 6.48
C THR A 15 -9.21 -8.32 5.41
N GLN A 16 -10.50 -8.62 5.35
CA GLN A 16 -11.38 -7.97 4.39
C GLN A 16 -11.10 -6.46 4.36
N GLU A 17 -11.21 -5.85 5.53
CA GLU A 17 -10.98 -4.41 5.64
C GLU A 17 -9.76 -4.02 4.82
N GLN A 18 -8.61 -4.53 5.24
CA GLN A 18 -7.36 -4.23 4.56
C GLN A 18 -7.51 -4.47 3.05
N THR A 19 -7.85 -5.71 2.71
CA THR A 19 -8.02 -6.09 1.32
C THR A 19 -8.77 -5.00 0.56
N GLU A 20 -10.03 -4.80 0.95
CA GLU A 20 -10.85 -3.80 0.32
C GLU A 20 -10.04 -2.54 0.02
N LYS A 21 -9.53 -1.94 1.08
CA LYS A 21 -8.73 -0.73 0.95
C LYS A 21 -7.78 -0.88 -0.24
N LEU A 22 -6.93 -1.90 -0.16
CA LEU A 22 -5.98 -2.16 -1.22
C LEU A 22 -6.66 -1.97 -2.57
N LEU A 23 -7.77 -2.68 -2.74
CA LEU A 23 -8.52 -2.61 -3.99
C LEU A 23 -8.65 -1.14 -4.41
N GLN A 24 -9.32 -0.37 -3.57
CA GLN A 24 -9.52 1.04 -3.86
C GLN A 24 -8.20 1.69 -4.31
N PHE A 25 -7.24 1.68 -3.41
CA PHE A 25 -5.93 2.26 -3.70
C PHE A 25 -5.44 1.81 -5.07
N GLN A 26 -5.30 0.50 -5.23
CA GLN A 26 -4.84 -0.06 -6.49
C GLN A 26 -5.52 0.64 -7.67
N ASP A 27 -6.85 0.56 -7.68
CA ASP A 27 -7.62 1.18 -8.73
C ASP A 27 -7.20 2.64 -8.88
N LEU A 28 -7.01 3.29 -7.74
CA LEU A 28 -6.61 4.69 -7.72
C LEU A 28 -5.22 4.81 -8.36
N THR A 29 -4.26 4.19 -7.71
CA THR A 29 -2.88 4.23 -8.20
C THR A 29 -2.78 3.57 -9.57
N GLY A 30 -2.82 2.24 -9.56
CA GLY A 30 -2.73 1.49 -10.80
C GLY A 30 -1.48 0.62 -10.83
N ILE A 31 -0.86 0.49 -9.66
CA ILE A 31 0.35 -0.31 -9.54
C ILE A 31 0.02 -1.79 -9.77
N GLU A 32 0.86 -2.44 -10.56
CA GLU A 32 0.66 -3.84 -10.86
C GLU A 32 1.07 -4.70 -9.66
N SER A 33 2.33 -4.60 -9.29
CA SER A 33 2.86 -5.36 -8.16
C SER A 33 2.11 -4.98 -6.89
N MET A 34 1.21 -5.86 -6.48
CA MET A 34 0.42 -5.64 -5.28
C MET A 34 1.32 -5.18 -4.12
N ASP A 35 2.39 -5.94 -3.92
CA ASP A 35 3.33 -5.64 -2.85
C ASP A 35 3.58 -4.12 -2.82
N GLN A 36 4.01 -3.60 -3.95
CA GLN A 36 4.29 -2.18 -4.07
C GLN A 36 3.16 -1.36 -3.42
N CYS A 37 1.94 -1.79 -3.70
CA CYS A 37 0.77 -1.11 -3.16
C CYS A 37 0.77 -1.28 -1.64
N ARG A 38 0.44 -2.49 -1.23
CA ARG A 38 0.41 -2.80 0.20
C ARG A 38 1.58 -2.14 0.91
N HIS A 39 2.68 -2.00 0.18
CA HIS A 39 3.88 -1.39 0.73
C HIS A 39 3.60 0.08 1.06
N THR A 40 3.15 0.80 0.04
CA THR A 40 2.86 2.22 0.21
C THR A 40 1.76 2.41 1.25
N LEU A 41 1.05 1.33 1.53
CA LEU A 41 -0.02 1.37 2.50
C LEU A 41 0.53 0.99 3.88
N GLU A 42 0.98 -0.25 3.98
CA GLU A 42 1.53 -0.74 5.24
C GLU A 42 2.43 0.31 5.86
N GLN A 43 3.23 0.95 5.02
CA GLN A 43 4.15 1.98 5.48
C GLN A 43 3.38 3.10 6.19
N HIS A 44 2.24 3.44 5.61
CA HIS A 44 1.40 4.49 6.17
C HIS A 44 0.44 3.89 7.19
N ASN A 45 0.42 2.56 7.22
CA ASN A 45 -0.46 1.85 8.13
C ASN A 45 -1.83 1.64 7.49
N TRP A 46 -1.79 1.40 6.18
CA TRP A 46 -3.02 1.20 5.43
C TRP A 46 -3.82 2.50 5.45
N ASN A 47 -3.14 3.58 5.06
CA ASN A 47 -3.77 4.88 5.03
C ASN A 47 -3.80 5.39 3.59
N ILE A 48 -4.80 4.92 2.84
CA ILE A 48 -4.95 5.31 1.45
C ILE A 48 -4.72 6.82 1.33
N GLU A 49 -5.34 7.56 2.22
CA GLU A 49 -5.21 9.01 2.22
C GLU A 49 -3.74 9.40 2.15
N ALA A 50 -2.91 8.65 2.85
CA ALA A 50 -1.48 8.91 2.87
C ALA A 50 -0.81 8.14 1.72
N ALA A 51 -1.03 6.84 1.72
CA ALA A 51 -0.46 5.99 0.69
C ALA A 51 -0.66 6.63 -0.68
N VAL A 52 -1.89 7.10 -0.89
CA VAL A 52 -2.23 7.75 -2.15
C VAL A 52 -1.24 8.88 -2.42
N GLN A 53 -0.87 9.57 -1.35
CA GLN A 53 0.06 10.68 -1.45
C GLN A 53 1.48 10.16 -1.71
N ASP A 54 1.99 9.42 -0.74
CA ASP A 54 3.32 8.86 -0.84
C ASP A 54 3.46 8.14 -2.18
N ARG A 55 2.32 7.74 -2.73
CA ARG A 55 2.30 7.05 -4.00
C ARG A 55 2.54 8.03 -5.15
N LEU A 56 1.79 9.13 -5.11
CA LEU A 56 1.91 10.15 -6.13
C LEU A 56 3.24 10.89 -5.96
N ASN A 57 3.61 11.11 -4.71
CA ASN A 57 4.84 11.79 -4.39
C ASN A 57 5.96 11.27 -5.30
N GLU A 58 6.22 9.98 -5.17
CA GLU A 58 7.25 9.34 -5.96
C GLU A 58 8.61 9.45 -5.27
N GLN A 59 8.85 10.62 -4.70
CA GLN A 59 10.10 10.87 -4.00
C GLN A 59 10.19 10.01 -2.75
N GLU A 60 11.41 9.65 -2.39
CA GLU A 60 11.65 8.84 -1.22
C GLU A 60 11.07 7.43 -1.43
N GLY A 61 11.94 6.52 -1.85
CA GLY A 61 11.53 5.16 -2.10
C GLY A 61 12.65 4.17 -1.77
N SER A 62 12.29 3.12 -1.05
CA SER A 62 13.25 2.11 -0.66
C SER A 62 12.67 0.71 -0.88
N GLY A 63 13.37 -0.06 -1.72
CA GLY A 63 12.93 -1.41 -2.02
C GLY A 63 14.01 -2.42 -1.67
N PRO A 64 14.95 -2.63 -2.63
CA PRO A 64 16.04 -3.55 -2.43
C PRO A 64 17.09 -2.99 -1.47
N SER A 65 17.73 -3.90 -0.74
CA SER A 65 18.75 -3.49 0.22
C SER A 65 20.03 -4.29 -0.03
N SER A 66 21.12 -3.55 -0.15
CA SER A 66 22.42 -4.18 -0.39
C SER A 66 22.60 -5.39 0.53
N GLY A 67 22.52 -5.12 1.83
CA GLY A 67 22.66 -6.18 2.82
C GLY A 67 22.60 -5.60 4.23
N GLY A 1 27.23 -5.54 2.92
CA GLY A 1 27.25 -4.90 4.23
C GLY A 1 25.89 -4.27 4.56
N SER A 2 25.45 -4.51 5.78
CA SER A 2 24.18 -3.97 6.23
C SER A 2 24.22 -3.71 7.74
N SER A 3 23.42 -2.75 8.17
CA SER A 3 23.35 -2.39 9.58
C SER A 3 22.12 -1.53 9.85
N GLY A 4 21.14 -2.13 10.50
CA GLY A 4 19.91 -1.43 10.82
C GLY A 4 18.70 -2.26 10.44
N SER A 5 18.12 -2.91 11.45
CA SER A 5 16.95 -3.73 11.24
C SER A 5 16.30 -4.08 12.59
N SER A 6 14.97 -4.00 12.61
CA SER A 6 14.23 -4.31 13.82
C SER A 6 13.96 -5.81 13.90
N GLY A 7 13.28 -6.32 12.89
CA GLY A 7 12.95 -7.73 12.84
C GLY A 7 11.81 -8.07 13.81
N ALA A 8 10.86 -8.83 13.30
CA ALA A 8 9.71 -9.23 14.10
C ALA A 8 8.91 -10.29 13.35
N PRO A 9 8.17 -11.11 14.15
CA PRO A 9 7.36 -12.18 13.57
C PRO A 9 6.10 -11.62 12.91
N GLU A 10 6.24 -11.26 11.65
CA GLU A 10 5.13 -10.71 10.89
C GLU A 10 4.36 -11.84 10.19
N GLU A 11 3.13 -12.03 10.61
CA GLU A 11 2.28 -13.06 10.02
C GLU A 11 1.85 -12.65 8.61
N ARG A 12 1.67 -13.65 7.77
CA ARG A 12 1.25 -13.41 6.40
C ARG A 12 -0.24 -13.66 6.25
N ASP A 13 -1.00 -12.58 6.22
CA ASP A 13 -2.44 -12.66 6.08
C ASP A 13 -3.05 -11.26 6.20
N LEU A 14 -4.18 -11.08 5.52
CA LEU A 14 -4.87 -9.80 5.55
C LEU A 14 -6.34 -10.03 5.87
N THR A 15 -7.01 -8.96 6.24
CA THR A 15 -8.43 -9.02 6.58
C THR A 15 -9.26 -8.34 5.49
N GLN A 16 -10.51 -8.77 5.39
CA GLN A 16 -11.41 -8.21 4.40
C GLN A 16 -11.21 -6.70 4.30
N GLU A 17 -11.40 -6.02 5.42
CA GLU A 17 -11.25 -4.58 5.45
C GLU A 17 -9.99 -4.16 4.69
N GLN A 18 -8.86 -4.64 5.17
CA GLN A 18 -7.58 -4.33 4.55
C GLN A 18 -7.66 -4.58 3.03
N THR A 19 -7.95 -5.82 2.69
CA THR A 19 -8.05 -6.20 1.29
C THR A 19 -8.78 -5.11 0.50
N GLU A 20 -10.04 -4.93 0.83
CA GLU A 20 -10.87 -3.93 0.17
C GLU A 20 -10.05 -2.66 -0.10
N LYS A 21 -9.53 -2.09 0.98
CA LYS A 21 -8.73 -0.89 0.88
C LYS A 21 -7.75 -1.03 -0.30
N LEU A 22 -6.91 -2.04 -0.21
CA LEU A 22 -5.94 -2.29 -1.25
C LEU A 22 -6.59 -2.07 -2.62
N LEU A 23 -7.70 -2.77 -2.83
CA LEU A 23 -8.42 -2.68 -4.08
C LEU A 23 -8.54 -1.20 -4.48
N GLN A 24 -9.23 -0.45 -3.64
CA GLN A 24 -9.42 0.97 -3.90
C GLN A 24 -8.09 1.62 -4.32
N PHE A 25 -7.17 1.67 -3.38
CA PHE A 25 -5.86 2.25 -3.65
C PHE A 25 -5.29 1.74 -4.98
N GLN A 26 -5.40 0.43 -5.16
CA GLN A 26 -4.90 -0.20 -6.38
C GLN A 26 -5.60 0.39 -7.60
N ASP A 27 -6.91 0.51 -7.50
CA ASP A 27 -7.71 1.05 -8.59
C ASP A 27 -7.29 2.51 -8.84
N LEU A 28 -7.09 3.23 -7.74
CA LEU A 28 -6.69 4.63 -7.83
C LEU A 28 -5.30 4.71 -8.44
N THR A 29 -4.35 4.06 -7.79
CA THR A 29 -2.97 4.06 -8.25
C THR A 29 -2.88 3.38 -9.62
N GLY A 30 -3.02 2.06 -9.61
CA GLY A 30 -2.95 1.29 -10.84
C GLY A 30 -1.67 0.45 -10.88
N ILE A 31 -1.12 0.20 -9.70
CA ILE A 31 0.09 -0.59 -9.59
C ILE A 31 -0.25 -2.07 -9.81
N GLU A 32 0.49 -2.68 -10.72
CA GLU A 32 0.28 -4.09 -11.02
C GLU A 32 0.76 -4.97 -9.86
N SER A 33 1.89 -4.56 -9.28
CA SER A 33 2.46 -5.30 -8.17
C SER A 33 1.73 -4.95 -6.88
N MET A 34 0.93 -5.90 -6.40
CA MET A 34 0.17 -5.70 -5.17
C MET A 34 1.08 -5.30 -4.02
N ASP A 35 2.12 -6.10 -3.81
CA ASP A 35 3.08 -5.83 -2.76
C ASP A 35 3.43 -4.34 -2.75
N GLN A 36 3.82 -3.86 -3.92
CA GLN A 36 4.19 -2.46 -4.06
C GLN A 36 3.12 -1.57 -3.42
N CYS A 37 1.86 -1.92 -3.67
CA CYS A 37 0.76 -1.17 -3.13
C CYS A 37 0.75 -1.32 -1.61
N ARG A 38 0.37 -2.51 -1.16
CA ARG A 38 0.32 -2.79 0.26
C ARG A 38 1.52 -2.15 0.97
N HIS A 39 2.63 -2.10 0.25
CA HIS A 39 3.85 -1.53 0.80
C HIS A 39 3.62 -0.04 1.09
N THR A 40 3.19 0.67 0.06
CA THR A 40 2.93 2.10 0.19
C THR A 40 1.84 2.34 1.22
N LEU A 41 1.11 1.29 1.55
CA LEU A 41 0.04 1.39 2.52
C LEU A 41 0.58 1.05 3.91
N GLU A 42 1.06 -0.17 4.04
CA GLU A 42 1.61 -0.63 5.31
C GLU A 42 2.55 0.43 5.89
N GLN A 43 3.35 1.02 5.00
CA GLN A 43 4.30 2.05 5.41
C GLN A 43 3.55 3.21 6.08
N HIS A 44 2.34 3.44 5.62
CA HIS A 44 1.52 4.52 6.16
C HIS A 44 0.55 3.94 7.19
N ASN A 45 0.49 2.62 7.24
CA ASN A 45 -0.39 1.95 8.17
C ASN A 45 -1.77 1.76 7.52
N TRP A 46 -1.73 1.52 6.21
CA TRP A 46 -2.97 1.33 5.46
C TRP A 46 -3.74 2.65 5.48
N ASN A 47 -3.05 3.70 5.08
CA ASN A 47 -3.66 5.02 5.05
C ASN A 47 -3.70 5.51 3.60
N ILE A 48 -4.71 5.05 2.87
CA ILE A 48 -4.86 5.43 1.48
C ILE A 48 -4.57 6.93 1.33
N GLU A 49 -5.17 7.71 2.23
CA GLU A 49 -4.98 9.15 2.21
C GLU A 49 -3.50 9.49 2.09
N ALA A 50 -2.70 8.76 2.85
CA ALA A 50 -1.25 8.97 2.86
C ALA A 50 -0.62 8.17 1.71
N ALA A 51 -0.91 6.87 1.71
CA ALA A 51 -0.38 6.00 0.68
C ALA A 51 -0.57 6.65 -0.69
N VAL A 52 -1.78 7.13 -0.92
CA VAL A 52 -2.10 7.78 -2.18
C VAL A 52 -1.14 8.95 -2.41
N GLN A 53 -0.95 9.73 -1.36
CA GLN A 53 -0.07 10.88 -1.43
C GLN A 53 1.37 10.43 -1.69
N ASP A 54 1.94 9.77 -0.69
CA ASP A 54 3.30 9.28 -0.80
C ASP A 54 3.52 8.70 -2.20
N ARG A 55 2.48 8.06 -2.72
CA ARG A 55 2.54 7.47 -4.04
C ARG A 55 2.71 8.55 -5.10
N LEU A 56 1.72 9.43 -5.18
CA LEU A 56 1.74 10.52 -6.14
C LEU A 56 2.90 11.46 -5.81
N ASN A 57 2.84 12.03 -4.61
CA ASN A 57 3.88 12.95 -4.16
C ASN A 57 5.24 12.43 -4.62
N GLU A 58 5.49 11.16 -4.32
CA GLU A 58 6.74 10.54 -4.69
C GLU A 58 7.92 11.48 -4.39
N GLN A 59 8.14 11.71 -3.10
CA GLN A 59 9.22 12.59 -2.67
C GLN A 59 9.11 13.95 -3.38
N GLU A 60 8.54 14.90 -2.67
CA GLU A 60 8.38 16.24 -3.22
C GLU A 60 9.18 17.25 -2.39
N GLY A 61 8.87 17.29 -1.09
CA GLY A 61 9.54 18.20 -0.20
C GLY A 61 9.59 17.64 1.23
N SER A 62 10.76 17.14 1.61
CA SER A 62 10.94 16.57 2.93
C SER A 62 11.57 17.61 3.86
N GLY A 63 11.27 17.46 5.15
CA GLY A 63 11.79 18.38 6.15
C GLY A 63 12.66 17.63 7.16
N PRO A 64 13.56 18.41 7.83
CA PRO A 64 14.44 17.83 8.84
C PRO A 64 13.69 17.53 10.12
N SER A 65 14.03 16.39 10.71
CA SER A 65 13.39 15.95 11.94
C SER A 65 14.33 15.03 12.73
N SER A 66 15.11 15.64 13.61
CA SER A 66 16.06 14.89 14.43
C SER A 66 16.95 14.04 13.53
N GLY A 67 18.04 14.65 13.08
CA GLY A 67 18.98 13.96 12.22
C GLY A 67 19.49 12.67 12.88
N GLY A 1 1.44 -14.85 -11.25
CA GLY A 1 2.02 -13.54 -10.98
C GLY A 1 2.95 -13.60 -9.75
N SER A 2 3.57 -12.47 -9.48
CA SER A 2 4.49 -12.38 -8.35
C SER A 2 5.61 -13.41 -8.50
N SER A 3 6.69 -13.18 -7.77
CA SER A 3 7.83 -14.08 -7.81
C SER A 3 8.62 -13.97 -6.50
N GLY A 4 8.37 -14.92 -5.61
CA GLY A 4 9.05 -14.95 -4.32
C GLY A 4 8.46 -13.90 -3.37
N SER A 5 8.35 -14.31 -2.11
CA SER A 5 7.80 -13.43 -1.09
C SER A 5 7.94 -14.08 0.29
N SER A 6 8.76 -13.45 1.12
CA SER A 6 8.99 -13.96 2.46
C SER A 6 9.54 -15.37 2.40
N GLY A 7 10.84 -15.48 2.61
CA GLY A 7 11.50 -16.78 2.58
C GLY A 7 11.59 -17.38 3.98
N ALA A 8 10.42 -17.69 4.53
CA ALA A 8 10.35 -18.27 5.85
C ALA A 8 9.11 -19.16 5.95
N PRO A 9 9.18 -20.15 6.89
CA PRO A 9 8.06 -21.07 7.10
C PRO A 9 6.92 -20.37 7.83
N GLU A 10 6.33 -19.39 7.18
CA GLU A 10 5.23 -18.65 7.76
C GLU A 10 4.27 -18.18 6.66
N GLU A 11 3.22 -17.49 7.10
CA GLU A 11 2.23 -16.98 6.17
C GLU A 11 1.23 -16.08 6.90
N ARG A 12 1.31 -14.79 6.61
CA ARG A 12 0.44 -13.82 7.23
C ARG A 12 -0.52 -13.23 6.19
N ASP A 13 -1.76 -13.71 6.24
CA ASP A 13 -2.78 -13.25 5.31
C ASP A 13 -3.47 -12.02 5.90
N LEU A 14 -4.06 -11.23 5.01
CA LEU A 14 -4.77 -10.03 5.43
C LEU A 14 -6.26 -10.34 5.61
N THR A 15 -7.01 -9.32 5.96
CA THR A 15 -8.43 -9.47 6.16
C THR A 15 -9.22 -8.70 5.09
N GLN A 16 -10.46 -9.12 4.90
CA GLN A 16 -11.31 -8.49 3.90
C GLN A 16 -11.19 -6.97 4.00
N GLU A 17 -11.54 -6.45 5.16
CA GLU A 17 -11.48 -5.02 5.40
C GLU A 17 -10.21 -4.43 4.77
N GLN A 18 -9.07 -4.86 5.31
CA GLN A 18 -7.78 -4.40 4.82
C GLN A 18 -7.71 -4.56 3.30
N THR A 19 -7.87 -5.80 2.85
CA THR A 19 -7.82 -6.09 1.43
C THR A 19 -8.59 -5.05 0.64
N GLU A 20 -9.88 -4.95 0.93
CA GLU A 20 -10.74 -4.00 0.26
C GLU A 20 -10.00 -2.68 0.04
N LYS A 21 -9.49 -2.13 1.14
CA LYS A 21 -8.77 -0.88 1.09
C LYS A 21 -7.74 -0.93 -0.05
N LEU A 22 -6.90 -1.96 0.00
CA LEU A 22 -5.89 -2.14 -1.01
C LEU A 22 -6.50 -1.95 -2.40
N LEU A 23 -7.54 -2.73 -2.66
CA LEU A 23 -8.22 -2.66 -3.94
C LEU A 23 -8.38 -1.19 -4.34
N GLN A 24 -9.09 -0.45 -3.49
CA GLN A 24 -9.32 0.96 -3.75
C GLN A 24 -8.02 1.65 -4.18
N PHE A 25 -7.06 1.64 -3.26
CA PHE A 25 -5.77 2.25 -3.54
C PHE A 25 -5.26 1.87 -4.92
N GLN A 26 -5.12 0.56 -5.12
CA GLN A 26 -4.64 0.05 -6.39
C GLN A 26 -5.33 0.77 -7.55
N ASP A 27 -6.63 0.48 -7.69
CA ASP A 27 -7.42 1.09 -8.75
C ASP A 27 -7.03 2.56 -8.90
N LEU A 28 -6.98 3.24 -7.77
CA LEU A 28 -6.61 4.65 -7.75
C LEU A 28 -5.23 4.82 -8.36
N THR A 29 -4.22 4.56 -7.54
CA THR A 29 -2.84 4.67 -7.98
C THR A 29 -2.70 4.18 -9.42
N GLY A 30 -3.10 2.94 -9.63
CA GLY A 30 -3.02 2.33 -10.94
C GLY A 30 -1.84 1.36 -11.04
N ILE A 31 -1.34 0.97 -9.87
CA ILE A 31 -0.23 0.05 -9.81
C ILE A 31 -0.70 -1.35 -10.20
N GLU A 32 0.24 -2.12 -10.75
CA GLU A 32 -0.07 -3.48 -11.17
C GLU A 32 0.41 -4.48 -10.12
N SER A 33 1.52 -4.15 -9.48
CA SER A 33 2.09 -5.00 -8.46
C SER A 33 1.53 -4.62 -7.08
N MET A 34 0.46 -5.29 -6.71
CA MET A 34 -0.17 -5.03 -5.43
C MET A 34 0.83 -5.20 -4.27
N ASP A 35 1.93 -5.86 -4.59
CA ASP A 35 2.97 -6.09 -3.59
C ASP A 35 3.61 -4.77 -3.21
N GLN A 36 3.65 -3.86 -4.18
CA GLN A 36 4.23 -2.55 -3.96
C GLN A 36 3.20 -1.61 -3.32
N CYS A 37 1.94 -1.90 -3.61
CA CYS A 37 0.85 -1.09 -3.07
C CYS A 37 0.82 -1.27 -1.55
N ARG A 38 0.54 -2.49 -1.14
CA ARG A 38 0.48 -2.80 0.27
C ARG A 38 1.64 -2.13 1.02
N HIS A 39 2.75 -1.99 0.32
CA HIS A 39 3.93 -1.38 0.89
C HIS A 39 3.65 0.11 1.17
N THR A 40 3.21 0.80 0.12
CA THR A 40 2.89 2.20 0.24
C THR A 40 1.81 2.43 1.30
N LEU A 41 1.00 1.40 1.51
CA LEU A 41 -0.07 1.47 2.48
C LEU A 41 0.48 1.13 3.87
N GLU A 42 0.88 -0.12 4.02
CA GLU A 42 1.43 -0.58 5.29
C GLU A 42 2.33 0.49 5.89
N GLN A 43 3.17 1.06 5.06
CA GLN A 43 4.09 2.10 5.49
C GLN A 43 3.32 3.21 6.21
N HIS A 44 2.39 3.80 5.49
CA HIS A 44 1.59 4.88 6.05
C HIS A 44 0.60 4.30 7.07
N ASN A 45 0.53 2.98 7.10
CA ASN A 45 -0.36 2.30 8.02
C ASN A 45 -1.75 2.16 7.38
N TRP A 46 -1.76 1.54 6.21
CA TRP A 46 -3.00 1.33 5.48
C TRP A 46 -3.79 2.63 5.53
N ASN A 47 -3.19 3.68 4.97
CA ASN A 47 -3.83 4.99 4.95
C ASN A 47 -3.87 5.50 3.50
N ILE A 48 -4.84 5.00 2.76
CA ILE A 48 -5.00 5.40 1.37
C ILE A 48 -4.72 6.90 1.24
N GLU A 49 -5.38 7.67 2.09
CA GLU A 49 -5.20 9.12 2.08
C GLU A 49 -3.72 9.47 2.00
N ALA A 50 -2.93 8.77 2.81
CA ALA A 50 -1.50 9.01 2.85
C ALA A 50 -0.84 8.21 1.72
N ALA A 51 -1.06 6.91 1.74
CA ALA A 51 -0.49 6.03 0.72
C ALA A 51 -0.61 6.70 -0.65
N VAL A 52 -1.81 7.20 -0.92
CA VAL A 52 -2.07 7.86 -2.18
C VAL A 52 -1.02 8.95 -2.41
N GLN A 53 -0.76 9.72 -1.37
CA GLN A 53 0.20 10.79 -1.44
C GLN A 53 1.60 10.23 -1.71
N ASP A 54 2.12 9.50 -0.72
CA ASP A 54 3.43 8.90 -0.84
C ASP A 54 3.54 8.19 -2.19
N ARG A 55 2.39 7.80 -2.72
CA ARG A 55 2.35 7.12 -3.99
C ARG A 55 2.56 8.10 -5.14
N LEU A 56 1.71 9.12 -5.17
CA LEU A 56 1.79 10.14 -6.20
C LEU A 56 3.08 10.95 -6.01
N ASN A 57 3.26 11.44 -4.80
CA ASN A 57 4.44 12.22 -4.47
C ASN A 57 5.67 11.51 -5.01
N GLU A 58 5.83 10.27 -4.60
CA GLU A 58 6.97 9.47 -5.03
C GLU A 58 7.15 9.58 -6.54
N GLN A 59 6.05 9.90 -7.22
CA GLN A 59 6.08 10.04 -8.66
C GLN A 59 6.72 11.36 -9.06
N GLU A 60 6.05 12.45 -8.68
CA GLU A 60 6.55 13.77 -8.98
C GLU A 60 6.19 14.75 -7.86
N GLY A 61 7.20 15.44 -7.36
CA GLY A 61 7.00 16.40 -6.29
C GLY A 61 8.33 16.89 -5.74
N SER A 62 8.41 16.94 -4.42
CA SER A 62 9.63 17.38 -3.76
C SER A 62 9.43 17.36 -2.24
N GLY A 63 10.46 16.86 -1.55
CA GLY A 63 10.41 16.78 -0.11
C GLY A 63 11.71 17.32 0.52
N PRO A 64 11.59 17.73 1.81
CA PRO A 64 12.74 18.26 2.53
C PRO A 64 13.71 17.13 2.93
N SER A 65 14.60 16.81 2.02
CA SER A 65 15.58 15.77 2.26
C SER A 65 14.88 14.43 2.49
N SER A 66 15.67 13.39 2.69
CA SER A 66 15.13 12.07 2.92
C SER A 66 14.57 11.97 4.34
N GLY A 67 13.41 11.34 4.44
CA GLY A 67 12.76 11.17 5.72
C GLY A 67 13.63 10.34 6.68
N GLY A 1 24.90 -0.72 13.62
CA GLY A 1 24.41 -1.85 12.83
C GLY A 1 25.04 -1.85 11.44
N SER A 2 24.20 -2.11 10.45
CA SER A 2 24.66 -2.15 9.07
C SER A 2 23.50 -2.50 8.13
N SER A 3 23.41 -1.76 7.03
CA SER A 3 22.35 -1.99 6.07
C SER A 3 20.99 -1.87 6.74
N GLY A 4 19.96 -1.78 5.91
CA GLY A 4 18.60 -1.65 6.41
C GLY A 4 17.76 -2.86 6.00
N SER A 5 16.94 -3.32 6.94
CA SER A 5 16.07 -4.46 6.69
C SER A 5 14.77 -4.31 7.47
N SER A 6 13.68 -4.28 6.73
CA SER A 6 12.36 -4.15 7.35
C SER A 6 11.32 -4.88 6.51
N GLY A 7 11.28 -6.20 6.68
CA GLY A 7 10.34 -7.02 5.95
C GLY A 7 10.88 -8.44 5.77
N ALA A 8 10.05 -9.41 6.12
CA ALA A 8 10.43 -10.80 6.00
C ALA A 8 9.44 -11.52 5.08
N PRO A 9 9.89 -12.70 4.55
CA PRO A 9 9.06 -13.48 3.66
C PRO A 9 7.96 -14.20 4.43
N GLU A 10 7.13 -13.42 5.11
CA GLU A 10 6.04 -13.96 5.88
C GLU A 10 4.73 -13.83 5.11
N GLU A 11 3.98 -14.94 5.07
CA GLU A 11 2.71 -14.96 4.37
C GLU A 11 1.56 -14.80 5.37
N ARG A 12 1.37 -13.58 5.81
CA ARG A 12 0.31 -13.28 6.75
C ARG A 12 -0.97 -12.86 6.01
N ASP A 13 -1.93 -13.77 5.99
CA ASP A 13 -3.20 -13.51 5.32
C ASP A 13 -3.77 -12.18 5.82
N LEU A 14 -4.25 -11.39 4.87
CA LEU A 14 -4.83 -10.10 5.20
C LEU A 14 -6.30 -10.27 5.56
N THR A 15 -6.92 -9.16 5.94
CA THR A 15 -8.32 -9.19 6.32
C THR A 15 -9.17 -8.48 5.26
N GLN A 16 -10.45 -8.81 5.26
CA GLN A 16 -11.37 -8.22 4.30
C GLN A 16 -11.19 -6.70 4.26
N GLU A 17 -11.31 -6.09 5.44
CA GLU A 17 -11.17 -4.65 5.56
C GLU A 17 -9.92 -4.18 4.80
N GLN A 18 -8.78 -4.67 5.26
CA GLN A 18 -7.51 -4.32 4.64
C GLN A 18 -7.57 -4.56 3.13
N THR A 19 -7.82 -5.80 2.76
CA THR A 19 -7.91 -6.17 1.37
C THR A 19 -8.68 -5.11 0.57
N GLU A 20 -9.94 -4.95 0.93
CA GLU A 20 -10.78 -3.97 0.26
C GLU A 20 -10.01 -2.67 0.03
N LYS A 21 -9.51 -2.11 1.12
CA LYS A 21 -8.75 -0.88 1.04
C LYS A 21 -7.76 -0.97 -0.12
N LEU A 22 -7.02 -2.06 -0.14
CA LEU A 22 -6.03 -2.28 -1.19
C LEU A 22 -6.68 -2.05 -2.55
N LEU A 23 -7.74 -2.79 -2.81
CA LEU A 23 -8.46 -2.67 -4.06
C LEU A 23 -8.59 -1.19 -4.43
N GLN A 24 -9.22 -0.44 -3.52
CA GLN A 24 -9.41 0.98 -3.74
C GLN A 24 -8.11 1.63 -4.23
N PHE A 25 -7.15 1.69 -3.33
CA PHE A 25 -5.86 2.28 -3.66
C PHE A 25 -5.36 1.80 -5.03
N GLN A 26 -5.23 0.49 -5.15
CA GLN A 26 -4.78 -0.11 -6.39
C GLN A 26 -5.48 0.55 -7.58
N ASP A 27 -6.77 0.29 -7.69
CA ASP A 27 -7.57 0.85 -8.77
C ASP A 27 -7.17 2.31 -8.99
N LEU A 28 -7.13 3.05 -7.88
CA LEU A 28 -6.78 4.45 -7.94
C LEU A 28 -5.37 4.60 -8.54
N THR A 29 -4.39 4.08 -7.81
CA THR A 29 -3.01 4.15 -8.25
C THR A 29 -2.88 3.58 -9.67
N GLY A 30 -3.01 2.25 -9.75
CA GLY A 30 -2.90 1.57 -11.02
C GLY A 30 -1.76 0.56 -11.02
N ILE A 31 -1.12 0.44 -9.86
CA ILE A 31 -0.01 -0.49 -9.71
C ILE A 31 -0.52 -1.91 -9.93
N GLU A 32 0.38 -2.76 -10.41
CA GLU A 32 0.05 -4.15 -10.68
C GLU A 32 0.50 -5.03 -9.50
N SER A 33 1.77 -4.91 -9.17
CA SER A 33 2.32 -5.69 -8.07
C SER A 33 1.70 -5.25 -6.74
N MET A 34 0.65 -5.96 -6.36
CA MET A 34 -0.05 -5.65 -5.12
C MET A 34 0.94 -5.24 -4.02
N ASP A 35 2.03 -5.99 -3.95
CA ASP A 35 3.05 -5.73 -2.96
C ASP A 35 3.37 -4.23 -2.95
N GLN A 36 3.70 -3.72 -4.13
CA GLN A 36 4.04 -2.31 -4.28
C GLN A 36 2.96 -1.45 -3.62
N CYS A 37 1.72 -1.90 -3.74
CA CYS A 37 0.60 -1.18 -3.17
C CYS A 37 0.65 -1.33 -1.65
N ARG A 38 0.32 -2.54 -1.19
CA ARG A 38 0.32 -2.83 0.23
C ARG A 38 1.51 -2.15 0.90
N HIS A 39 2.59 -1.99 0.13
CA HIS A 39 3.79 -1.34 0.64
C HIS A 39 3.47 0.10 1.03
N THR A 40 3.18 0.90 0.01
CA THR A 40 2.87 2.30 0.22
C THR A 40 1.81 2.45 1.30
N LEU A 41 1.02 1.40 1.47
CA LEU A 41 -0.04 1.40 2.47
C LEU A 41 0.56 1.05 3.83
N GLU A 42 0.97 -0.21 3.95
CA GLU A 42 1.55 -0.69 5.19
C GLU A 42 2.45 0.39 5.81
N GLN A 43 3.29 0.97 4.97
CA GLN A 43 4.20 2.01 5.42
C GLN A 43 3.42 3.09 6.19
N HIS A 44 2.54 3.76 5.47
CA HIS A 44 1.73 4.81 6.06
C HIS A 44 0.75 4.21 7.07
N ASN A 45 0.70 2.89 7.07
CA ASN A 45 -0.19 2.16 7.98
C ASN A 45 -1.58 2.06 7.35
N TRP A 46 -1.62 1.42 6.19
CA TRP A 46 -2.88 1.25 5.48
C TRP A 46 -3.65 2.58 5.54
N ASN A 47 -3.05 3.60 4.95
CA ASN A 47 -3.66 4.92 4.92
C ASN A 47 -3.71 5.42 3.47
N ILE A 48 -4.69 4.92 2.75
CA ILE A 48 -4.87 5.31 1.36
C ILE A 48 -4.66 6.81 1.23
N GLU A 49 -5.31 7.55 2.12
CA GLU A 49 -5.20 9.00 2.11
C GLU A 49 -3.73 9.43 2.03
N ALA A 50 -2.90 8.70 2.77
CA ALA A 50 -1.48 9.00 2.80
C ALA A 50 -0.79 8.25 1.65
N ALA A 51 -1.00 6.94 1.63
CA ALA A 51 -0.41 6.10 0.60
C ALA A 51 -0.62 6.76 -0.76
N VAL A 52 -1.87 7.14 -1.02
CA VAL A 52 -2.21 7.77 -2.28
C VAL A 52 -1.29 8.96 -2.51
N GLN A 53 -0.89 9.60 -1.42
CA GLN A 53 -0.01 10.75 -1.50
C GLN A 53 1.45 10.29 -1.60
N ASP A 54 1.92 9.69 -0.51
CA ASP A 54 3.29 9.20 -0.46
C ASP A 54 3.65 8.57 -1.80
N ARG A 55 2.64 8.03 -2.45
CA ARG A 55 2.83 7.39 -3.74
C ARG A 55 3.11 8.44 -4.82
N LEU A 56 2.17 9.38 -4.94
CA LEU A 56 2.30 10.44 -5.91
C LEU A 56 3.47 11.36 -5.52
N ASN A 57 3.52 11.69 -4.24
CA ASN A 57 4.57 12.55 -3.73
C ASN A 57 5.92 11.85 -3.90
N GLU A 58 5.90 10.55 -3.68
CA GLU A 58 7.11 9.75 -3.80
C GLU A 58 6.89 8.60 -4.78
N GLN A 59 6.98 8.93 -6.06
CA GLN A 59 6.79 7.94 -7.11
C GLN A 59 8.15 7.41 -7.58
N GLU A 60 8.22 6.09 -7.71
CA GLU A 60 9.45 5.45 -8.15
C GLU A 60 9.53 5.46 -9.68
N GLY A 61 10.10 6.54 -10.20
CA GLY A 61 10.25 6.69 -11.63
C GLY A 61 11.73 6.76 -12.02
N SER A 62 12.20 7.97 -12.25
CA SER A 62 13.57 8.19 -12.63
C SER A 62 13.99 9.64 -12.35
N GLY A 63 15.28 9.81 -12.10
CA GLY A 63 15.80 11.13 -11.81
C GLY A 63 16.74 11.10 -10.60
N PRO A 64 17.99 10.64 -10.85
CA PRO A 64 18.99 10.56 -9.80
C PRO A 64 19.53 11.94 -9.44
N SER A 65 20.03 12.06 -8.23
CA SER A 65 20.57 13.31 -7.75
C SER A 65 22.03 13.46 -8.22
N SER A 66 22.50 14.69 -8.21
CA SER A 66 23.86 14.98 -8.63
C SER A 66 24.05 14.58 -10.09
N GLY A 67 23.70 15.52 -10.97
CA GLY A 67 23.83 15.29 -12.39
C GLY A 67 22.64 15.88 -13.15
N GLY A 1 13.93 -7.74 -7.41
CA GLY A 1 14.87 -6.64 -7.26
C GLY A 1 15.44 -6.58 -5.83
N SER A 2 15.56 -5.36 -5.34
CA SER A 2 16.07 -5.16 -3.99
C SER A 2 15.44 -3.92 -3.37
N SER A 3 14.27 -4.13 -2.78
CA SER A 3 13.54 -3.04 -2.15
C SER A 3 13.81 -3.04 -0.64
N GLY A 4 13.48 -4.16 -0.01
CA GLY A 4 13.67 -4.30 1.43
C GLY A 4 15.16 -4.29 1.77
N SER A 5 15.55 -5.25 2.60
CA SER A 5 16.93 -5.37 3.02
C SER A 5 17.51 -6.72 2.56
N SER A 6 16.86 -7.78 3.01
CA SER A 6 17.29 -9.12 2.65
C SER A 6 16.30 -10.15 3.20
N GLY A 7 16.07 -11.18 2.40
CA GLY A 7 15.16 -12.24 2.79
C GLY A 7 13.71 -11.73 2.79
N ALA A 8 12.80 -12.65 3.09
CA ALA A 8 11.39 -12.32 3.13
C ALA A 8 10.90 -12.36 4.58
N PRO A 9 9.74 -11.69 4.81
CA PRO A 9 9.16 -11.64 6.15
C PRO A 9 8.50 -12.98 6.50
N GLU A 10 7.22 -13.08 6.17
CA GLU A 10 6.47 -14.30 6.46
C GLU A 10 5.09 -14.23 5.81
N GLU A 11 4.63 -15.38 5.34
CA GLU A 11 3.34 -15.47 4.70
C GLU A 11 2.22 -15.15 5.70
N ARG A 12 1.71 -13.93 5.61
CA ARG A 12 0.65 -13.49 6.50
C ARG A 12 -0.64 -13.24 5.71
N ASP A 13 -1.76 -13.45 6.39
CA ASP A 13 -3.05 -13.25 5.77
C ASP A 13 -3.61 -11.88 6.17
N LEU A 14 -4.44 -11.34 5.29
CA LEU A 14 -5.04 -10.03 5.55
C LEU A 14 -6.54 -10.21 5.82
N THR A 15 -7.18 -9.11 6.14
CA THR A 15 -8.60 -9.12 6.42
C THR A 15 -9.37 -8.33 5.37
N GLN A 16 -10.63 -8.73 5.17
CA GLN A 16 -11.47 -8.07 4.18
C GLN A 16 -11.22 -6.56 4.21
N GLU A 17 -11.46 -5.97 5.37
CA GLU A 17 -11.28 -4.53 5.53
C GLU A 17 -9.98 -4.09 4.86
N GLN A 18 -8.88 -4.66 5.34
CA GLN A 18 -7.57 -4.33 4.80
C GLN A 18 -7.55 -4.57 3.28
N THR A 19 -7.74 -5.83 2.92
CA THR A 19 -7.75 -6.21 1.52
C THR A 19 -8.51 -5.17 0.69
N GLU A 20 -9.77 -4.99 1.04
CA GLU A 20 -10.61 -4.04 0.34
C GLU A 20 -9.84 -2.74 0.08
N LYS A 21 -9.45 -2.10 1.17
CA LYS A 21 -8.71 -0.85 1.08
C LYS A 21 -7.69 -0.95 -0.05
N LEU A 22 -6.95 -2.06 -0.04
CA LEU A 22 -5.93 -2.29 -1.05
C LEU A 22 -6.55 -2.08 -2.45
N LEU A 23 -7.58 -2.86 -2.73
CA LEU A 23 -8.26 -2.77 -4.00
C LEU A 23 -8.42 -1.29 -4.39
N GLN A 24 -9.05 -0.55 -3.50
CA GLN A 24 -9.28 0.87 -3.72
C GLN A 24 -7.99 1.53 -4.21
N PHE A 25 -7.02 1.62 -3.32
CA PHE A 25 -5.74 2.23 -3.65
C PHE A 25 -5.28 1.81 -5.03
N GLN A 26 -5.09 0.51 -5.20
CA GLN A 26 -4.65 -0.04 -6.47
C GLN A 26 -5.35 0.67 -7.62
N ASP A 27 -6.65 0.41 -7.73
CA ASP A 27 -7.45 1.02 -8.77
C ASP A 27 -7.07 2.49 -8.92
N LEU A 28 -7.06 3.18 -7.79
CA LEU A 28 -6.72 4.59 -7.77
C LEU A 28 -5.32 4.78 -8.36
N THR A 29 -4.33 4.39 -7.57
CA THR A 29 -2.94 4.51 -8.01
C THR A 29 -2.79 4.03 -9.45
N GLY A 30 -3.04 2.75 -9.64
CA GLY A 30 -2.94 2.16 -10.97
C GLY A 30 -1.76 1.19 -11.05
N ILE A 31 -1.29 0.79 -9.87
CA ILE A 31 -0.17 -0.14 -9.79
C ILE A 31 -0.66 -1.55 -10.08
N GLU A 32 0.23 -2.33 -10.70
CA GLU A 32 -0.10 -3.70 -11.05
C GLU A 32 0.21 -4.64 -9.87
N SER A 33 1.48 -4.62 -9.47
CA SER A 33 1.92 -5.45 -8.37
C SER A 33 1.28 -4.98 -7.07
N MET A 34 0.57 -5.90 -6.43
CA MET A 34 -0.10 -5.60 -5.17
C MET A 34 0.92 -5.23 -4.09
N ASP A 35 1.96 -6.04 -3.99
CA ASP A 35 3.00 -5.80 -3.00
C ASP A 35 3.36 -4.31 -3.00
N GLN A 36 3.66 -3.81 -4.18
CA GLN A 36 4.03 -2.41 -4.33
C GLN A 36 2.96 -1.52 -3.69
N CYS A 37 1.72 -1.94 -3.81
CA CYS A 37 0.60 -1.20 -3.25
C CYS A 37 0.64 -1.35 -1.73
N ARG A 38 0.28 -2.53 -1.27
CA ARG A 38 0.26 -2.81 0.15
C ARG A 38 1.45 -2.13 0.84
N HIS A 39 2.54 -2.03 0.09
CA HIS A 39 3.75 -1.40 0.61
C HIS A 39 3.46 0.06 0.98
N THR A 40 3.12 0.83 -0.04
CA THR A 40 2.82 2.24 0.16
C THR A 40 1.76 2.40 1.26
N LEU A 41 0.90 1.40 1.36
CA LEU A 41 -0.16 1.42 2.37
C LEU A 41 0.44 1.08 3.73
N GLU A 42 0.84 -0.18 3.87
CA GLU A 42 1.42 -0.64 5.11
C GLU A 42 2.31 0.43 5.73
N GLN A 43 3.14 1.03 4.88
CA GLN A 43 4.04 2.09 5.32
C GLN A 43 3.28 3.13 6.12
N HIS A 44 2.37 3.82 5.44
CA HIS A 44 1.56 4.85 6.07
C HIS A 44 0.61 4.20 7.08
N ASN A 45 0.55 2.89 7.04
CA ASN A 45 -0.31 2.14 7.94
C ASN A 45 -1.71 2.02 7.32
N TRP A 46 -1.74 1.44 6.14
CA TRP A 46 -2.99 1.25 5.43
C TRP A 46 -3.77 2.56 5.50
N ASN A 47 -3.17 3.59 4.91
CA ASN A 47 -3.80 4.91 4.91
C ASN A 47 -3.84 5.43 3.47
N ILE A 48 -4.82 4.93 2.72
CA ILE A 48 -4.98 5.34 1.33
C ILE A 48 -4.73 6.85 1.22
N GLU A 49 -5.37 7.59 2.11
CA GLU A 49 -5.24 9.03 2.11
C GLU A 49 -3.77 9.43 2.04
N ALA A 50 -2.96 8.73 2.82
CA ALA A 50 -1.53 9.00 2.85
C ALA A 50 -0.85 8.23 1.71
N ALA A 51 -1.08 6.93 1.68
CA ALA A 51 -0.50 6.08 0.65
C ALA A 51 -0.67 6.76 -0.71
N VAL A 52 -1.89 7.20 -0.98
CA VAL A 52 -2.19 7.86 -2.23
C VAL A 52 -1.19 9.00 -2.45
N GLN A 53 -0.82 9.64 -1.36
CA GLN A 53 0.12 10.75 -1.43
C GLN A 53 1.55 10.21 -1.58
N ASP A 54 2.00 9.53 -0.53
CA ASP A 54 3.34 8.96 -0.53
C ASP A 54 3.65 8.39 -1.92
N ARG A 55 2.59 7.94 -2.58
CA ARG A 55 2.73 7.37 -3.91
C ARG A 55 3.03 8.46 -4.93
N LEU A 56 2.12 9.43 -4.99
CA LEU A 56 2.28 10.54 -5.91
C LEU A 56 3.46 11.41 -5.47
N ASN A 57 3.91 11.16 -4.24
CA ASN A 57 5.03 11.91 -3.70
C ASN A 57 6.28 11.64 -4.52
N GLU A 58 6.55 10.36 -4.73
CA GLU A 58 7.70 9.95 -5.51
C GLU A 58 8.90 10.85 -5.19
N GLN A 59 9.43 10.68 -3.99
CA GLN A 59 10.56 11.46 -3.55
C GLN A 59 10.26 12.96 -3.67
N GLU A 60 11.25 13.76 -3.33
CA GLU A 60 11.10 15.21 -3.40
C GLU A 60 11.48 15.72 -4.80
N GLY A 61 10.49 16.30 -5.46
CA GLY A 61 10.70 16.83 -6.79
C GLY A 61 11.94 17.72 -6.84
N SER A 62 12.40 17.97 -8.06
CA SER A 62 13.58 18.80 -8.26
C SER A 62 13.21 20.28 -8.13
N GLY A 63 14.11 21.04 -7.52
CA GLY A 63 13.89 22.46 -7.32
C GLY A 63 13.78 23.18 -8.66
N PRO A 64 13.50 24.51 -8.57
CA PRO A 64 13.36 25.33 -9.77
C PRO A 64 14.73 25.62 -10.39
N SER A 65 15.03 24.89 -11.46
CA SER A 65 16.29 25.06 -12.16
C SER A 65 16.18 24.54 -13.58
N SER A 66 15.77 25.42 -14.47
CA SER A 66 15.61 25.06 -15.87
C SER A 66 14.53 23.99 -16.02
N GLY A 67 13.71 24.15 -17.06
CA GLY A 67 12.64 23.21 -17.31
C GLY A 67 12.93 22.38 -18.56
N GLY A 1 -18.56 -23.60 25.97
CA GLY A 1 -17.55 -24.64 25.91
C GLY A 1 -16.57 -24.39 24.76
N SER A 2 -16.06 -25.49 24.21
CA SER A 2 -15.12 -25.41 23.11
C SER A 2 -15.84 -25.70 21.79
N SER A 3 -15.59 -24.83 20.82
CA SER A 3 -16.21 -24.98 19.51
C SER A 3 -15.30 -25.84 18.61
N GLY A 4 -14.09 -25.35 18.42
CA GLY A 4 -13.12 -26.05 17.59
C GLY A 4 -11.94 -25.15 17.24
N SER A 5 -10.76 -25.74 17.23
CA SER A 5 -9.55 -25.00 16.92
C SER A 5 -9.36 -23.86 17.92
N SER A 6 -8.39 -24.07 18.81
CA SER A 6 -8.09 -23.08 19.83
C SER A 6 -6.58 -22.85 19.90
N GLY A 7 -6.16 -21.70 19.38
CA GLY A 7 -4.74 -21.35 19.39
C GLY A 7 -4.28 -20.98 17.98
N ALA A 8 -3.76 -21.96 17.28
CA ALA A 8 -3.27 -21.75 15.92
C ALA A 8 -2.17 -20.69 15.95
N PRO A 9 -1.40 -20.64 14.83
CA PRO A 9 -0.31 -19.68 14.70
C PRO A 9 -0.86 -18.28 14.43
N GLU A 10 -1.68 -17.80 15.36
CA GLU A 10 -2.28 -16.48 15.23
C GLU A 10 -3.04 -16.37 13.91
N GLU A 11 -3.77 -15.27 13.78
CA GLU A 11 -4.55 -15.04 12.58
C GLU A 11 -3.64 -14.94 11.36
N ARG A 12 -4.10 -15.51 10.26
CA ARG A 12 -3.34 -15.50 9.02
C ARG A 12 -4.10 -14.74 7.94
N ASP A 13 -3.37 -14.38 6.89
CA ASP A 13 -3.97 -13.65 5.78
C ASP A 13 -4.50 -12.31 6.28
N LEU A 14 -4.68 -11.39 5.35
CA LEU A 14 -5.19 -10.07 5.68
C LEU A 14 -6.69 -10.16 5.99
N THR A 15 -7.22 -9.04 6.45
CA THR A 15 -8.64 -8.98 6.79
C THR A 15 -9.43 -8.37 5.63
N GLN A 16 -10.68 -8.81 5.51
CA GLN A 16 -11.55 -8.32 4.46
C GLN A 16 -11.34 -6.81 4.27
N GLU A 17 -11.57 -6.07 5.34
CA GLU A 17 -11.42 -4.62 5.29
C GLU A 17 -10.11 -4.25 4.62
N GLN A 18 -9.02 -4.59 5.29
CA GLN A 18 -7.69 -4.29 4.77
C GLN A 18 -7.65 -4.55 3.26
N THR A 19 -7.87 -5.79 2.89
CA THR A 19 -7.86 -6.18 1.49
C THR A 19 -8.57 -5.12 0.65
N GLU A 20 -9.83 -4.87 1.01
CA GLU A 20 -10.62 -3.89 0.29
C GLU A 20 -9.82 -2.60 0.06
N LYS A 21 -9.36 -2.03 1.17
CA LYS A 21 -8.58 -0.81 1.10
C LYS A 21 -7.54 -0.93 -0.03
N LEU A 22 -6.85 -2.06 -0.02
CA LEU A 22 -5.83 -2.32 -1.02
C LEU A 22 -6.41 -2.07 -2.42
N LEU A 23 -7.50 -2.79 -2.71
CA LEU A 23 -8.16 -2.66 -3.99
C LEU A 23 -8.27 -1.18 -4.36
N GLN A 24 -8.86 -0.42 -3.44
CA GLN A 24 -9.03 1.01 -3.65
C GLN A 24 -7.71 1.64 -4.09
N PHE A 25 -6.77 1.67 -3.16
CA PHE A 25 -5.46 2.23 -3.43
C PHE A 25 -4.97 1.85 -4.83
N GLN A 26 -4.83 0.54 -5.03
CA GLN A 26 -4.37 0.04 -6.31
C GLN A 26 -5.15 0.68 -7.46
N ASP A 27 -6.41 0.29 -7.58
CA ASP A 27 -7.26 0.83 -8.63
C ASP A 27 -7.00 2.32 -8.76
N LEU A 28 -6.97 3.00 -7.63
CA LEU A 28 -6.74 4.44 -7.61
C LEU A 28 -5.37 4.73 -8.22
N THR A 29 -4.33 4.42 -7.44
CA THR A 29 -2.96 4.64 -7.89
C THR A 29 -2.77 4.09 -9.30
N GLY A 30 -2.82 2.77 -9.40
CA GLY A 30 -2.65 2.10 -10.68
C GLY A 30 -1.40 1.22 -10.68
N ILE A 31 -0.88 0.99 -9.48
CA ILE A 31 0.31 0.17 -9.34
C ILE A 31 -0.05 -1.29 -9.58
N GLU A 32 0.20 -1.72 -10.82
CA GLU A 32 -0.09 -3.09 -11.19
C GLU A 32 0.23 -4.05 -10.05
N SER A 33 1.52 -4.08 -9.69
CA SER A 33 1.96 -4.95 -8.62
C SER A 33 1.17 -4.67 -7.35
N MET A 34 0.69 -5.74 -6.73
CA MET A 34 -0.08 -5.63 -5.51
C MET A 34 0.82 -5.32 -4.32
N ASP A 35 1.79 -6.19 -4.11
CA ASP A 35 2.73 -6.03 -3.02
C ASP A 35 3.24 -4.58 -2.99
N GLN A 36 3.51 -4.07 -4.18
CA GLN A 36 4.01 -2.71 -4.32
C GLN A 36 3.03 -1.72 -3.69
N CYS A 37 1.75 -2.06 -3.81
CA CYS A 37 0.70 -1.21 -3.25
C CYS A 37 0.71 -1.37 -1.73
N ARG A 38 0.22 -2.52 -1.28
CA ARG A 38 0.17 -2.80 0.14
C ARG A 38 1.42 -2.27 0.84
N HIS A 39 2.55 -2.42 0.15
CA HIS A 39 3.81 -1.97 0.69
C HIS A 39 3.66 -0.56 1.25
N THR A 40 3.28 0.36 0.38
CA THR A 40 3.10 1.75 0.78
C THR A 40 2.09 1.84 1.92
N LEU A 41 0.87 1.39 1.62
CA LEU A 41 -0.20 1.41 2.61
C LEU A 41 0.35 0.98 3.97
N GLU A 42 0.77 -0.28 4.02
CA GLU A 42 1.32 -0.83 5.24
C GLU A 42 2.17 0.21 5.97
N GLN A 43 3.11 0.77 5.22
CA GLN A 43 3.99 1.78 5.77
C GLN A 43 3.18 2.94 6.37
N HIS A 44 2.36 3.53 5.51
CA HIS A 44 1.52 4.65 5.93
C HIS A 44 0.55 4.17 7.02
N ASN A 45 0.45 2.86 7.15
CA ASN A 45 -0.43 2.27 8.14
C ASN A 45 -1.83 2.11 7.53
N TRP A 46 -1.85 1.65 6.29
CA TRP A 46 -3.11 1.46 5.59
C TRP A 46 -3.86 2.78 5.57
N ASN A 47 -3.19 3.81 5.06
CA ASN A 47 -3.77 5.13 4.98
C ASN A 47 -3.80 5.59 3.52
N ILE A 48 -4.75 5.04 2.78
CA ILE A 48 -4.90 5.39 1.38
C ILE A 48 -4.64 6.88 1.19
N GLU A 49 -5.35 7.67 1.98
CA GLU A 49 -5.21 9.11 1.92
C GLU A 49 -3.73 9.50 1.89
N ALA A 50 -2.97 8.89 2.77
CA ALA A 50 -1.55 9.16 2.86
C ALA A 50 -0.81 8.39 1.75
N ALA A 51 -0.96 7.08 1.80
CA ALA A 51 -0.33 6.22 0.81
C ALA A 51 -0.46 6.86 -0.58
N VAL A 52 -1.69 7.23 -0.91
CA VAL A 52 -1.96 7.85 -2.20
C VAL A 52 -0.96 8.98 -2.43
N GLN A 53 -0.92 9.90 -1.48
CA GLN A 53 -0.02 11.03 -1.56
C GLN A 53 1.43 10.55 -1.61
N ASP A 54 1.65 9.36 -1.09
CA ASP A 54 2.98 8.78 -1.07
C ASP A 54 3.43 8.49 -2.50
N ARG A 55 2.44 8.31 -3.36
CA ARG A 55 2.72 8.03 -4.77
C ARG A 55 2.73 9.32 -5.58
N LEU A 56 1.64 10.08 -5.42
CA LEU A 56 1.52 11.34 -6.13
C LEU A 56 2.51 12.36 -5.56
N ASN A 57 3.02 12.03 -4.38
CA ASN A 57 3.98 12.90 -3.71
C ASN A 57 5.02 13.36 -4.72
N GLU A 58 5.70 12.40 -5.32
CA GLU A 58 6.73 12.70 -6.30
C GLU A 58 7.61 13.85 -5.80
N GLN A 59 8.31 13.60 -4.70
CA GLN A 59 9.18 14.60 -4.12
C GLN A 59 8.41 15.90 -3.88
N GLU A 60 7.64 15.89 -2.80
CA GLU A 60 6.86 17.07 -2.44
C GLU A 60 5.73 17.28 -3.46
N GLY A 61 6.14 17.65 -4.67
CA GLY A 61 5.18 17.89 -5.74
C GLY A 61 5.05 19.38 -6.02
N SER A 62 3.83 19.78 -6.37
CA SER A 62 3.56 21.18 -6.67
C SER A 62 3.21 21.93 -5.39
N GLY A 63 3.75 23.14 -5.29
CA GLY A 63 3.51 23.97 -4.12
C GLY A 63 4.69 23.90 -3.14
N PRO A 64 5.68 24.79 -3.38
CA PRO A 64 6.87 24.84 -2.54
C PRO A 64 6.56 25.51 -1.20
N SER A 65 5.76 26.57 -1.28
CA SER A 65 5.38 27.30 -0.09
C SER A 65 3.86 27.53 -0.07
N SER A 66 3.23 26.98 0.95
CA SER A 66 1.79 27.10 1.10
C SER A 66 1.08 26.51 -0.12
N GLY A 67 0.96 25.19 -0.11
CA GLY A 67 0.31 24.48 -1.21
C GLY A 67 0.32 22.98 -0.96
#